data_3VQT
#
_entry.id   3VQT
#
_cell.length_a   47.387
_cell.length_b   82.795
_cell.length_c   148.293
_cell.angle_alpha   104.210
_cell.angle_beta   89.780
_cell.angle_gamma   89.630
#
_symmetry.space_group_name_H-M   'P 1'
#
loop_
_entity.id
_entity.type
_entity.pdbx_description
1 polymer 'Peptide chain release factor 3'
2 non-polymer "GUANOSINE-5'-DIPHOSPHATE"
3 water water
#
_entity_poly.entity_id   1
_entity_poly.type   'polypeptide(L)'
_entity_poly.pdbx_seq_one_letter_code
;GSSHHHHHHSSGLVPRGSHMSSRLEREAARRRTFAIISHPDAGKTTLTEKLLLFGGAIQMAGSVKARKAARHATSDWMAM
ERERGISVTTSVMQFPYRDRVVNLLDTPGHQDFSEDTYRVLTAVDSALVVIDAAKGVEAQTRKLMDVCRMRATPVMTFVN
KMDREALHPLDVMADIEQHLQIECAPMTWPIGMGSSFKGTYDLLHKQLHLFSATHGGRIQSGIVIHGADDPQLDEYLGDQ
AEQLRMDLALLEEAGTPFDEERYLKGELTPVFFGSAINNFGVREMLDMFVEFAPGPQPRPAATRVVEPGEEAFTGVVFKI
QANMDKAHRDRMAFLRICSGTFTRGMRLKHHRTGKDVTVANATIFMAQDRTGVEEAFPGDIIGIPNHGTIKIGDTFTESK
EVLKFVGIPNFAPEHFRRVRLKNPLKAKQLQKGLEQLAEEGAVQLFRPLVNNDYILGAVGVLQFDVIVARLADEYGVDAV
YEGVSTHTARWVYCEDKKIFADFQDYHRGELAVDAEGALAYLAPNPWRLESAMERYPKVEFRTTREIS
;
_entity_poly.pdbx_strand_id   A,B,C,D
#
loop_
_chem_comp.id
_chem_comp.type
_chem_comp.name
_chem_comp.formula
GDP RNA linking GUANOSINE-5'-DIPHOSPHATE 'C10 H15 N5 O11 P2'
#
# COMPACT_ATOMS: atom_id res chain seq x y z
N MET A 20 10.87 46.82 54.57
CA MET A 20 11.14 45.34 54.56
C MET A 20 12.50 45.03 53.88
N SER A 21 12.48 44.60 52.63
CA SER A 21 13.70 44.38 51.85
C SER A 21 14.67 45.58 51.86
N SER A 22 15.94 45.36 52.20
CA SER A 22 16.94 46.44 52.07
C SER A 22 17.26 46.74 50.58
N ARG A 23 17.97 47.84 50.33
CA ARG A 23 18.51 48.11 48.97
C ARG A 23 19.39 46.94 48.41
N LEU A 24 20.27 46.43 49.28
CA LEU A 24 21.11 45.28 48.94
C LEU A 24 20.21 44.12 48.53
N GLU A 25 19.19 43.79 49.33
CA GLU A 25 18.38 42.58 49.01
C GLU A 25 17.59 42.78 47.71
N ARG A 26 17.12 44.02 47.47
CA ARG A 26 16.36 44.37 46.20
C ARG A 26 17.26 44.22 44.97
N GLU A 27 18.48 44.72 45.05
CA GLU A 27 19.41 44.54 43.94
C GLU A 27 19.82 43.07 43.71
N ALA A 28 20.15 42.36 44.79
CA ALA A 28 20.55 40.99 44.66
C ALA A 28 19.45 40.19 44.02
N ALA A 29 18.19 40.44 44.42
CA ALA A 29 17.06 39.63 43.92
C ALA A 29 16.90 39.80 42.36
N ARG A 30 17.46 40.87 41.80
CA ARG A 30 17.34 41.11 40.33
C ARG A 30 18.31 40.30 39.52
N ARG A 31 19.33 39.72 40.15
CA ARG A 31 20.40 39.09 39.35
C ARG A 31 20.02 37.69 38.89
N ARG A 32 20.43 37.33 37.67
CA ARG A 32 20.30 35.99 37.15
C ARG A 32 21.67 35.62 36.54
N THR A 33 22.44 34.81 37.27
CA THR A 33 23.82 34.56 36.88
C THR A 33 23.89 33.14 36.44
N PHE A 34 24.32 32.95 35.20
CA PHE A 34 24.30 31.61 34.61
C PHE A 34 25.42 31.41 33.55
N ALA A 35 25.56 30.17 33.09
CA ALA A 35 26.46 29.90 31.96
C ALA A 35 25.76 28.88 31.09
N ILE A 36 26.18 28.83 29.83
CA ILE A 36 25.66 27.86 28.89
C ILE A 36 26.60 26.60 28.86
N ILE A 37 26.00 25.42 28.94
CA ILE A 37 26.79 24.20 28.84
C ILE A 37 26.37 23.52 27.52
N SER A 38 27.35 23.16 26.71
CA SER A 38 27.09 22.65 25.38
C SER A 38 28.35 21.99 24.82
N HIS A 39 28.17 21.22 23.77
CA HIS A 39 29.30 20.54 23.11
C HIS A 39 29.61 21.52 21.94
N PRO A 40 30.87 21.56 21.46
CA PRO A 40 31.28 22.46 20.39
C PRO A 40 30.35 22.33 19.19
N ASP A 41 30.07 23.47 18.60
CA ASP A 41 29.18 23.61 17.46
C ASP A 41 27.66 23.42 17.68
N ALA A 42 27.21 23.24 18.93
CA ALA A 42 25.79 23.16 19.32
C ALA A 42 25.05 24.50 19.04
N GLY A 43 25.76 25.64 19.12
CA GLY A 43 25.04 26.91 18.99
C GLY A 43 25.23 27.91 20.11
N LYS A 44 26.16 27.64 20.99
CA LYS A 44 26.35 28.56 22.11
C LYS A 44 26.65 30.04 21.72
N THR A 45 27.59 30.22 20.81
CA THR A 45 28.00 31.57 20.37
C THR A 45 26.84 32.25 19.72
N THR A 46 26.14 31.50 18.86
CA THR A 46 24.97 32.04 18.15
C THR A 46 23.86 32.41 19.11
N LEU A 47 23.54 31.54 20.08
CA LEU A 47 22.49 31.89 21.03
C LEU A 47 22.93 33.08 21.95
N THR A 48 24.20 33.07 22.35
CA THR A 48 24.78 34.18 23.16
C THR A 48 24.57 35.53 22.48
N GLU A 49 24.84 35.63 21.17
CA GLU A 49 24.62 36.84 20.34
C GLU A 49 23.14 37.24 20.39
N LYS A 50 22.25 36.25 20.33
CA LYS A 50 20.82 36.61 20.30
C LYS A 50 20.33 37.07 21.70
N LEU A 51 20.79 36.39 22.75
CA LEU A 51 20.47 36.85 24.10
C LEU A 51 20.92 38.30 24.28
N LEU A 52 22.15 38.60 23.91
CA LEU A 52 22.70 39.98 24.08
C LEU A 52 21.80 41.01 23.33
N LEU A 53 21.34 40.62 22.14
CA LEU A 53 20.41 41.49 21.38
C LEU A 53 19.08 41.75 22.09
N PHE A 54 18.51 40.73 22.75
CA PHE A 54 17.33 41.00 23.61
C PHE A 54 17.67 41.98 24.73
N GLY A 55 18.92 41.90 25.20
CA GLY A 55 19.39 42.78 26.25
C GLY A 55 19.79 44.13 25.72
N GLY A 56 19.54 44.41 24.43
CA GLY A 56 20.00 45.68 23.83
C GLY A 56 21.52 45.81 23.94
N ALA A 57 22.24 44.70 24.10
CA ALA A 57 23.71 44.81 24.18
C ALA A 57 24.31 44.63 22.75
N ILE A 58 24.07 45.66 21.95
CA ILE A 58 24.44 45.69 20.52
C ILE A 58 25.93 45.47 20.28
N GLN A 59 26.77 46.23 20.98
CA GLN A 59 28.22 46.16 20.79
C GLN A 59 28.77 44.81 21.21
N MET A 60 28.36 44.34 22.40
CA MET A 60 28.79 43.04 22.89
C MET A 60 28.40 41.88 21.94
N ALA A 61 27.20 41.92 21.37
CA ALA A 61 26.75 40.91 20.38
C ALA A 61 27.66 40.93 19.14
N GLY A 62 27.91 42.14 18.63
CA GLY A 62 28.88 42.35 17.54
C GLY A 62 30.26 41.78 17.88
N SER A 63 30.72 41.98 19.11
CA SER A 63 32.01 41.39 19.58
C SER A 63 31.99 39.86 19.55
N VAL A 64 30.99 39.25 20.22
CA VAL A 64 30.80 37.79 20.24
C VAL A 64 30.68 37.16 18.83
N LYS A 65 29.85 37.74 17.97
CA LYS A 65 29.69 37.26 16.59
C LYS A 65 30.98 37.40 15.77
N ALA A 66 31.81 38.40 16.05
CA ALA A 66 33.09 38.60 15.32
C ALA A 66 34.14 37.51 15.57
N ARG A 67 34.10 36.89 16.74
CA ARG A 67 35.12 35.92 17.14
C ARG A 67 34.79 34.50 16.66
N VAL A 88 39.10 39.53 28.87
CA VAL A 88 38.20 39.72 29.99
C VAL A 88 36.82 40.23 29.52
N THR A 89 36.83 41.23 28.64
CA THR A 89 35.60 41.80 28.06
C THR A 89 34.45 40.79 27.84
N THR A 90 34.73 39.67 27.18
CA THR A 90 33.69 38.66 26.96
C THR A 90 33.70 37.50 27.97
N SER A 91 34.62 37.46 28.95
CA SER A 91 34.48 36.40 29.98
C SER A 91 33.15 36.52 30.75
N VAL A 92 32.67 37.74 30.94
CA VAL A 92 31.45 38.01 31.72
C VAL A 92 30.63 39.00 30.90
N MET A 93 29.43 38.61 30.50
CA MET A 93 28.60 39.55 29.77
C MET A 93 27.35 39.80 30.64
N GLN A 94 27.23 41.05 31.07
CA GLN A 94 26.06 41.44 31.82
C GLN A 94 25.12 42.23 30.91
N PHE A 95 23.82 41.94 31.00
CA PHE A 95 22.84 42.67 30.22
C PHE A 95 21.49 42.73 30.97
N PRO A 96 20.72 43.82 30.74
CA PRO A 96 19.40 43.96 31.39
C PRO A 96 18.35 43.27 30.56
N TYR A 97 17.41 42.58 31.21
CA TYR A 97 16.23 42.07 30.46
C TYR A 97 15.05 41.92 31.40
N ARG A 98 14.02 42.73 31.12
CA ARG A 98 12.78 42.76 31.90
C ARG A 98 13.13 43.10 33.37
N ASP A 99 14.04 44.05 33.51
CA ASP A 99 14.50 44.53 34.81
C ASP A 99 15.36 43.56 35.64
N ARG A 100 15.66 42.39 35.09
CA ARG A 100 16.65 41.49 35.70
C ARG A 100 18.04 41.95 35.19
N VAL A 101 19.04 41.69 35.97
CA VAL A 101 20.44 41.95 35.64
C VAL A 101 21.02 40.57 35.37
N VAL A 102 21.19 40.28 34.08
CA VAL A 102 21.59 38.92 33.73
C VAL A 102 23.11 38.90 33.59
N ASN A 103 23.77 37.97 34.28
CA ASN A 103 25.23 37.85 34.20
C ASN A 103 25.45 36.51 33.52
N LEU A 104 25.86 36.56 32.27
CA LEU A 104 26.20 35.34 31.50
C LEU A 104 27.73 35.17 31.46
N LEU A 105 28.21 34.12 32.12
CA LEU A 105 29.62 33.89 32.23
C LEU A 105 30.03 33.00 31.07
N ASP A 106 31.14 33.31 30.45
CA ASP A 106 31.49 32.50 29.28
C ASP A 106 32.09 31.21 29.78
N THR A 107 31.81 30.13 29.05
CA THR A 107 32.38 28.80 29.36
C THR A 107 33.30 28.43 28.17
N PRO A 108 34.61 28.77 28.25
CA PRO A 108 35.55 28.52 27.13
C PRO A 108 35.46 27.06 26.58
N GLY A 109 35.30 26.90 25.27
CA GLY A 109 35.09 25.58 24.70
C GLY A 109 36.05 25.46 23.51
N HIS A 110 35.88 24.38 22.74
CA HIS A 110 36.76 24.11 21.60
C HIS A 110 38.21 23.92 22.18
N GLN A 111 39.18 24.45 21.46
CA GLN A 111 40.57 24.34 21.86
C GLN A 111 40.91 25.04 23.18
N ASP A 112 40.04 25.98 23.61
CA ASP A 112 40.18 26.72 24.87
C ASP A 112 39.52 26.05 26.06
N PHE A 113 38.99 24.85 25.84
CA PHE A 113 38.40 24.10 26.94
C PHE A 113 39.48 23.77 27.98
N SER A 114 39.15 23.99 29.25
CA SER A 114 40.19 23.81 30.27
C SER A 114 39.50 23.62 31.62
N GLU A 115 40.27 23.37 32.67
CA GLU A 115 39.66 23.33 34.00
C GLU A 115 38.89 24.62 34.29
N ASP A 116 39.37 25.76 33.79
CA ASP A 116 38.57 27.02 33.99
C ASP A 116 37.10 26.94 33.51
N THR A 117 36.81 26.10 32.53
CA THR A 117 35.46 25.93 32.09
C THR A 117 34.57 25.33 33.19
N TYR A 118 35.08 24.30 33.88
CA TYR A 118 34.36 23.75 35.01
C TYR A 118 34.32 24.75 36.19
N ARG A 119 35.40 25.50 36.42
CA ARG A 119 35.37 26.53 37.48
C ARG A 119 34.31 27.60 37.31
N VAL A 120 34.01 27.99 36.06
CA VAL A 120 32.90 28.89 35.80
C VAL A 120 31.57 28.36 36.39
N LEU A 121 31.35 27.03 36.30
CA LEU A 121 30.13 26.44 36.77
C LEU A 121 30.00 26.48 38.28
N THR A 122 31.10 26.68 39.01
CA THR A 122 31.04 26.85 40.49
C THR A 122 30.57 28.28 40.85
N ALA A 123 30.61 29.21 39.90
CA ALA A 123 30.24 30.59 40.19
C ALA A 123 28.82 30.97 39.79
N VAL A 124 28.09 30.06 39.11
CA VAL A 124 26.75 30.45 38.66
C VAL A 124 25.69 29.87 39.55
N ASP A 125 24.49 30.42 39.44
CA ASP A 125 23.42 29.88 40.25
C ASP A 125 22.64 28.92 39.39
N SER A 126 22.73 29.07 38.08
CA SER A 126 22.01 28.06 37.23
C SER A 126 22.69 27.97 35.88
N ALA A 127 22.24 27.02 35.05
CA ALA A 127 22.89 26.91 33.72
C ALA A 127 21.84 26.66 32.65
N LEU A 128 22.24 26.86 31.38
CA LEU A 128 21.33 26.64 30.26
C LEU A 128 22.08 25.58 29.40
N VAL A 129 21.42 24.51 29.09
CA VAL A 129 22.05 23.45 28.25
C VAL A 129 21.68 23.76 26.82
N VAL A 130 22.63 23.75 25.86
CA VAL A 130 22.21 23.96 24.47
C VAL A 130 22.60 22.69 23.72
N ILE A 131 21.68 22.13 22.96
CA ILE A 131 21.94 20.87 22.26
C ILE A 131 21.68 21.08 20.79
N ASP A 132 22.49 20.47 19.93
CA ASP A 132 22.19 20.45 18.48
C ASP A 132 21.13 19.32 18.30
N ALA A 133 19.96 19.66 17.77
CA ALA A 133 18.81 18.74 17.71
C ALA A 133 19.10 17.49 16.88
N ALA A 134 20.10 17.61 16.01
CA ALA A 134 20.49 16.51 15.14
C ALA A 134 21.44 15.53 15.86
N LYS A 135 22.06 15.96 16.95
CA LYS A 135 23.07 15.14 17.63
C LYS A 135 22.62 14.67 19.02
N GLY A 136 21.73 15.45 19.64
CA GLY A 136 21.27 15.20 21.00
C GLY A 136 22.39 15.55 21.97
N VAL A 137 22.39 14.88 23.13
CA VAL A 137 23.42 15.15 24.12
C VAL A 137 24.75 14.57 23.69
N GLU A 138 25.76 15.41 23.71
CA GLU A 138 27.06 14.99 23.24
C GLU A 138 28.06 14.93 24.41
N ALA A 139 29.30 14.51 24.16
CA ALA A 139 30.26 14.22 25.23
C ALA A 139 30.48 15.38 26.19
N GLN A 140 30.74 16.60 25.66
CA GLN A 140 31.04 17.72 26.54
C GLN A 140 29.75 18.21 27.25
N THR A 141 28.59 18.06 26.58
CA THR A 141 27.32 18.37 27.29
C THR A 141 27.26 17.55 28.59
N ARG A 142 27.53 16.24 28.51
CA ARG A 142 27.41 15.33 29.66
C ARG A 142 28.41 15.63 30.76
N LYS A 143 29.68 15.90 30.38
CA LYS A 143 30.71 16.15 31.41
C LYS A 143 30.41 17.43 32.11
N LEU A 144 29.95 18.46 31.36
CA LEU A 144 29.62 19.74 32.01
C LEU A 144 28.37 19.57 32.88
N MET A 145 27.39 18.80 32.42
CA MET A 145 26.21 18.52 33.30
C MET A 145 26.66 17.77 34.55
N ASP A 146 27.63 16.87 34.45
CA ASP A 146 28.12 16.15 35.67
C ASP A 146 28.58 17.11 36.76
N VAL A 147 29.24 18.19 36.35
CA VAL A 147 29.62 19.24 37.29
C VAL A 147 28.39 19.92 37.89
N CYS A 148 27.46 20.38 37.04
CA CYS A 148 26.19 20.97 37.54
C CYS A 148 25.48 20.05 38.51
N ARG A 149 25.51 18.77 38.20
CA ARG A 149 24.83 17.83 39.05
C ARG A 149 25.46 17.77 40.48
N MET A 150 26.76 17.90 40.60
CA MET A 150 27.39 17.79 41.97
C MET A 150 26.93 18.93 42.85
N ARG A 151 26.59 20.04 42.20
CA ARG A 151 26.18 21.23 42.88
C ARG A 151 24.67 21.45 42.95
N ALA A 152 23.91 20.48 42.43
CA ALA A 152 22.44 20.55 42.26
C ALA A 152 22.06 21.83 41.54
N THR A 153 22.85 22.19 40.52
CA THR A 153 22.60 23.47 39.85
C THR A 153 21.36 23.33 38.92
N PRO A 154 20.38 24.21 39.03
CA PRO A 154 19.21 24.09 38.13
C PRO A 154 19.62 24.36 36.67
N VAL A 155 18.98 23.67 35.76
CA VAL A 155 19.31 23.81 34.39
C VAL A 155 18.06 23.95 33.53
N MET A 156 18.08 24.84 32.55
CA MET A 156 17.05 24.86 31.50
C MET A 156 17.72 24.38 30.22
N THR A 157 16.90 23.93 29.26
CA THR A 157 17.46 23.30 28.10
C THR A 157 16.89 23.94 26.83
N PHE A 158 17.82 24.26 25.91
CA PHE A 158 17.39 24.75 24.57
C PHE A 158 17.84 23.77 23.52
N VAL A 159 16.87 23.22 22.78
CA VAL A 159 17.21 22.30 21.68
C VAL A 159 17.25 23.13 20.41
N ASN A 160 18.46 23.29 19.87
CA ASN A 160 18.75 24.23 18.77
C ASN A 160 18.75 23.56 17.38
N LYS A 161 18.67 24.37 16.34
CA LYS A 161 18.76 23.90 14.95
C LYS A 161 17.53 23.12 14.44
N MET A 162 16.33 23.48 14.93
CA MET A 162 15.09 22.79 14.46
C MET A 162 14.76 23.15 13.03
N ASP A 163 15.45 24.15 12.50
CA ASP A 163 15.28 24.54 11.09
C ASP A 163 16.00 23.56 10.14
N ARG A 164 16.77 22.61 10.69
CA ARG A 164 17.35 21.52 9.87
C ARG A 164 16.82 20.18 10.35
N GLU A 165 16.93 19.13 9.54
CA GLU A 165 16.39 17.81 9.91
C GLU A 165 17.01 17.50 11.29
N ALA A 166 16.18 16.90 12.15
CA ALA A 166 16.61 16.75 13.53
C ALA A 166 16.18 15.39 14.03
N LEU A 167 16.66 15.04 15.21
CA LEU A 167 16.04 13.95 15.95
C LEU A 167 14.61 14.32 16.24
N HIS A 168 13.73 13.34 16.14
CA HIS A 168 12.38 13.59 16.56
C HIS A 168 12.32 14.06 18.05
N PRO A 169 11.43 15.03 18.36
CA PRO A 169 11.39 15.63 19.65
C PRO A 169 11.16 14.61 20.78
N LEU A 170 10.39 13.55 20.55
CA LEU A 170 10.23 12.48 21.59
C LEU A 170 11.60 11.80 21.88
N ASP A 171 12.39 11.61 20.82
CA ASP A 171 13.70 10.96 20.97
C ASP A 171 14.73 11.90 21.63
N VAL A 172 14.68 13.18 21.27
CA VAL A 172 15.52 14.22 21.93
C VAL A 172 15.21 14.27 23.43
N MET A 173 13.93 14.29 23.77
CA MET A 173 13.55 14.32 25.23
C MET A 173 14.10 13.05 25.94
N ALA A 174 13.95 11.89 25.30
CA ALA A 174 14.43 10.66 25.97
C ALA A 174 15.96 10.72 26.13
N ASP A 175 16.65 11.26 25.10
CA ASP A 175 18.11 11.39 25.13
C ASP A 175 18.55 12.36 26.21
N ILE A 176 17.84 13.47 26.37
CA ILE A 176 18.19 14.39 27.46
C ILE A 176 18.02 13.72 28.81
N GLU A 177 16.92 13.02 28.97
CA GLU A 177 16.69 12.43 30.30
C GLU A 177 17.77 11.37 30.54
N GLN A 178 18.01 10.53 29.54
CA GLN A 178 18.97 9.41 29.70
C GLN A 178 20.37 9.93 30.06
N HIS A 179 20.84 10.97 29.37
CA HIS A 179 22.26 11.35 29.50
C HIS A 179 22.51 12.51 30.49
N LEU A 180 21.50 13.35 30.68
CA LEU A 180 21.61 14.40 31.69
C LEU A 180 21.02 13.99 33.04
N GLN A 181 20.31 12.85 33.04
CA GLN A 181 19.77 12.25 34.26
C GLN A 181 18.82 13.22 35.00
N ILE A 182 17.86 13.69 34.26
CA ILE A 182 16.98 14.73 34.76
C ILE A 182 15.63 14.58 34.11
N GLU A 183 14.53 15.03 34.76
CA GLU A 183 13.24 14.86 34.07
C GLU A 183 13.08 16.02 33.06
N CYS A 184 12.53 15.78 31.86
CA CYS A 184 12.30 16.87 30.92
C CYS A 184 10.84 17.34 31.00
N ALA A 185 10.63 18.66 31.05
CA ALA A 185 9.32 19.21 31.06
C ALA A 185 9.25 20.09 29.81
N PRO A 186 8.55 19.66 28.77
CA PRO A 186 8.54 20.47 27.52
C PRO A 186 7.76 21.75 27.78
N MET A 187 8.34 22.90 27.40
CA MET A 187 7.69 24.21 27.54
C MET A 187 7.18 24.69 26.18
N THR A 188 7.97 24.40 25.12
CA THR A 188 7.58 24.72 23.77
C THR A 188 7.77 23.44 22.99
N TRP A 189 6.98 23.24 21.94
CA TRP A 189 6.99 21.93 21.30
C TRP A 189 7.04 22.27 19.81
N PRO A 190 7.92 21.59 19.04
CA PRO A 190 8.16 21.95 17.63
C PRO A 190 7.10 21.30 16.79
N ILE A 191 6.70 21.99 15.73
CA ILE A 191 5.87 21.42 14.67
C ILE A 191 6.78 21.22 13.46
N GLY A 192 7.07 19.95 13.11
CA GLY A 192 7.96 19.64 11.97
C GLY A 192 9.42 19.86 12.35
N MET A 193 10.26 19.80 11.36
CA MET A 193 11.71 20.01 11.55
C MET A 193 12.23 20.27 10.15
N GLY A 194 13.43 20.82 10.05
CA GLY A 194 13.96 21.06 8.72
C GLY A 194 13.04 21.88 7.82
N SER A 195 12.95 21.49 6.54
CA SER A 195 12.09 22.21 5.63
C SER A 195 10.64 22.27 6.12
N SER A 196 10.19 21.31 6.91
CA SER A 196 8.78 21.33 7.36
C SER A 196 8.61 21.97 8.74
N PHE A 197 9.61 22.71 9.22
CA PHE A 197 9.57 23.28 10.59
C PHE A 197 8.67 24.49 10.48
N LYS A 198 7.50 24.40 11.12
CA LYS A 198 6.50 25.49 11.05
C LYS A 198 6.66 26.48 12.22
N GLY A 199 7.31 26.04 13.30
CA GLY A 199 7.48 26.87 14.46
C GLY A 199 7.21 26.03 15.68
N THR A 200 6.74 26.69 16.74
CA THR A 200 6.56 26.00 18.01
C THR A 200 5.23 26.32 18.67
N TYR A 201 4.77 25.43 19.55
CA TYR A 201 3.59 25.75 20.33
C TYR A 201 4.01 25.83 21.78
N ASP A 202 3.65 26.94 22.41
CA ASP A 202 4.01 27.16 23.81
C ASP A 202 2.86 26.61 24.67
N LEU A 203 3.13 25.56 25.43
CA LEU A 203 2.12 24.80 26.09
C LEU A 203 1.36 25.62 27.13
N LEU A 204 2.10 26.29 28.00
CA LEU A 204 1.46 27.12 29.04
C LEU A 204 0.89 28.44 28.55
N HIS A 205 1.54 29.09 27.61
CA HIS A 205 1.01 30.42 27.13
C HIS A 205 -0.06 30.26 26.06
N LYS A 206 -0.22 29.02 25.64
CA LYS A 206 -1.19 28.60 24.62
C LYS A 206 -1.02 29.35 23.31
N GLN A 207 0.22 29.56 22.91
CA GLN A 207 0.53 30.41 21.79
C GLN A 207 1.27 29.62 20.77
N LEU A 208 0.88 29.80 19.53
CA LEU A 208 1.61 29.24 18.37
C LEU A 208 2.59 30.30 17.87
N HIS A 209 3.84 29.93 17.66
CA HIS A 209 4.88 30.89 17.19
C HIS A 209 5.35 30.41 15.87
N LEU A 210 5.07 31.17 14.83
CA LEU A 210 5.38 30.69 13.47
C LEU A 210 6.82 31.05 13.07
N PHE A 211 7.50 30.09 12.45
CA PHE A 211 8.84 30.26 11.91
C PHE A 211 8.83 30.77 10.45
N SER A 212 9.76 31.63 10.07
CA SER A 212 9.80 32.06 8.63
C SER A 212 11.11 31.72 7.89
N GLN A 220 8.30 38.66 16.20
CA GLN A 220 6.99 38.23 15.67
C GLN A 220 6.09 37.80 16.82
N SER A 221 4.83 38.22 16.83
CA SER A 221 3.98 37.91 18.00
C SER A 221 3.34 36.52 17.88
N GLY A 222 3.23 35.84 19.02
CA GLY A 222 2.54 34.55 19.09
C GLY A 222 1.06 34.67 18.75
N ILE A 223 0.48 33.57 18.31
CA ILE A 223 -0.94 33.58 17.94
C ILE A 223 -1.62 32.78 19.03
N VAL A 224 -2.56 33.41 19.70
CA VAL A 224 -3.26 32.73 20.77
C VAL A 224 -4.17 31.65 20.19
N ILE A 225 -4.09 30.44 20.77
CA ILE A 225 -4.82 29.25 20.30
C ILE A 225 -5.80 28.80 21.37
N HIS A 226 -7.03 28.51 20.94
CA HIS A 226 -8.10 28.18 21.88
C HIS A 226 -8.47 26.69 21.93
N GLY A 227 -7.57 25.89 22.48
CA GLY A 227 -7.76 24.44 22.59
C GLY A 227 -7.43 23.69 21.31
N ALA A 228 -7.34 22.37 21.43
CA ALA A 228 -6.82 21.53 20.34
C ALA A 228 -7.67 21.60 19.08
N ASP A 229 -8.89 22.10 19.21
CA ASP A 229 -9.84 22.07 18.09
C ASP A 229 -9.85 23.39 17.30
N ASP A 230 -9.16 24.40 17.84
CA ASP A 230 -9.08 25.71 17.19
C ASP A 230 -8.72 25.57 15.68
N PRO A 231 -9.64 25.99 14.78
CA PRO A 231 -9.31 25.91 13.33
C PRO A 231 -8.11 26.80 12.92
N GLN A 232 -7.66 27.69 13.81
CA GLN A 232 -6.40 28.43 13.58
C GLN A 232 -5.23 27.48 13.35
N LEU A 233 -5.20 26.36 14.08
CA LEU A 233 -4.22 25.33 13.81
C LEU A 233 -4.18 24.79 12.37
N ASP A 234 -5.34 24.48 11.79
CA ASP A 234 -5.37 24.04 10.39
C ASP A 234 -5.09 25.16 9.37
N GLU A 235 -5.60 26.37 9.65
CA GLU A 235 -5.28 27.54 8.84
C GLU A 235 -3.77 27.78 8.76
N TYR A 236 -3.05 27.75 9.90
CA TYR A 236 -1.59 28.00 9.91
C TYR A 236 -0.65 26.80 9.72
N LEU A 237 -1.06 25.61 10.12
CA LEU A 237 -0.19 24.40 10.03
C LEU A 237 -0.52 23.40 8.92
N GLY A 238 -1.72 23.52 8.34
CA GLY A 238 -2.11 22.68 7.18
C GLY A 238 -2.16 21.28 7.74
N ASP A 239 -1.69 20.31 6.95
CA ASP A 239 -1.67 18.92 7.37
C ASP A 239 -0.91 18.63 8.65
N GLN A 240 0.03 19.48 9.05
CA GLN A 240 0.82 19.21 10.26
C GLN A 240 0.05 19.49 11.56
N ALA A 241 -1.18 19.98 11.43
CA ALA A 241 -2.00 20.28 12.59
C ALA A 241 -2.38 18.97 13.29
N GLU A 242 -2.71 17.96 12.51
CA GLU A 242 -2.99 16.63 13.09
C GLU A 242 -1.83 16.05 13.95
N GLN A 243 -0.58 16.18 13.49
CA GLN A 243 0.56 15.77 14.25
C GLN A 243 0.71 16.57 15.56
N LEU A 244 0.54 17.89 15.51
CA LEU A 244 0.59 18.66 16.75
C LEU A 244 -0.48 18.11 17.72
N ARG A 245 -1.67 17.81 17.19
CA ARG A 245 -2.79 17.34 18.04
C ARG A 245 -2.45 15.99 18.66
N MET A 246 -1.89 15.09 17.87
CA MET A 246 -1.40 13.82 18.41
C MET A 246 -0.32 13.98 19.50
N ASP A 247 0.70 14.78 19.22
CA ASP A 247 1.75 15.07 20.18
C ASP A 247 1.17 15.68 21.49
N LEU A 248 0.24 16.63 21.37
CA LEU A 248 -0.37 17.26 22.57
C LEU A 248 -1.13 16.23 23.38
N ALA A 249 -1.93 15.40 22.71
CA ALA A 249 -2.57 14.27 23.39
C ALA A 249 -1.53 13.37 24.08
N LEU A 250 -0.41 13.09 23.43
CA LEU A 250 0.63 12.22 24.06
C LEU A 250 1.25 12.88 25.31
N LEU A 251 1.57 14.19 25.16
CA LEU A 251 2.11 15.00 26.25
C LEU A 251 1.13 15.08 27.44
N GLU A 252 -0.16 15.22 27.17
CA GLU A 252 -1.12 15.32 28.28
C GLU A 252 -1.09 14.06 29.13
N GLU A 253 -0.98 12.93 28.46
CA GLU A 253 -1.03 11.58 29.02
C GLU A 253 0.28 11.22 29.71
N ALA A 254 1.43 11.56 29.10
CA ALA A 254 2.73 11.01 29.48
C ALA A 254 3.80 12.09 29.81
N GLY A 255 3.52 13.35 29.51
CA GLY A 255 4.53 14.39 29.69
C GLY A 255 4.63 14.81 31.13
N THR A 256 5.74 15.45 31.47
CA THR A 256 6.02 15.92 32.82
C THR A 256 5.73 17.43 32.84
N PRO A 257 4.80 17.89 33.71
CA PRO A 257 4.57 19.36 33.81
C PRO A 257 5.77 20.07 34.39
N PHE A 258 6.00 21.32 34.06
CA PHE A 258 6.99 22.12 34.77
C PHE A 258 6.58 22.27 36.26
N ASP A 259 7.59 22.13 37.12
CA ASP A 259 7.36 22.32 38.51
C ASP A 259 8.55 23.13 38.98
N GLU A 260 8.28 24.32 39.52
CA GLU A 260 9.40 25.20 39.85
C GLU A 260 10.29 24.60 40.97
N GLU A 261 9.65 24.03 41.96
CA GLU A 261 10.45 23.44 43.07
C GLU A 261 11.41 22.30 42.56
N ARG A 262 10.91 21.46 41.66
CA ARG A 262 11.74 20.36 41.09
C ARG A 262 12.83 20.93 40.22
N TYR A 263 12.51 22.00 39.50
CA TYR A 263 13.54 22.68 38.70
C TYR A 263 14.63 23.25 39.59
N LEU A 264 14.21 23.81 40.74
CA LEU A 264 15.17 24.47 41.59
C LEU A 264 16.04 23.48 42.35
N LYS A 265 15.58 22.25 42.50
CA LYS A 265 16.36 21.18 43.12
C LYS A 265 17.29 20.46 42.12
N GLY A 266 17.26 20.87 40.83
CA GLY A 266 17.98 20.09 39.78
C GLY A 266 17.39 18.77 39.35
N GLU A 267 16.11 18.55 39.59
CA GLU A 267 15.43 17.31 39.27
C GLU A 267 14.66 17.36 37.95
N LEU A 268 14.45 18.57 37.40
CA LEU A 268 13.64 18.70 36.21
C LEU A 268 14.17 19.87 35.38
N THR A 269 14.15 19.73 34.04
CA THR A 269 14.56 20.84 33.28
C THR A 269 13.42 21.22 32.28
N PRO A 270 13.09 22.51 32.20
CA PRO A 270 12.17 23.02 31.16
C PRO A 270 12.94 22.97 29.82
N VAL A 271 12.29 22.42 28.76
CA VAL A 271 12.92 22.27 27.50
C VAL A 271 12.21 23.16 26.45
N PHE A 272 13.02 23.95 25.80
CA PHE A 272 12.55 24.80 24.71
C PHE A 272 13.20 24.35 23.39
N PHE A 273 12.49 24.56 22.28
CA PHE A 273 13.01 24.15 20.92
C PHE A 273 13.06 25.41 20.10
N GLY A 274 14.06 25.55 19.19
CA GLY A 274 14.12 26.75 18.39
C GLY A 274 15.21 26.66 17.38
N SER A 275 15.59 27.83 16.89
CA SER A 275 16.64 27.90 15.86
C SER A 275 17.29 29.23 16.21
N ALA A 276 18.38 29.15 16.93
CA ALA A 276 19.07 30.40 17.39
C ALA A 276 19.52 31.27 16.22
N ILE A 277 19.91 30.65 15.09
CA ILE A 277 20.48 31.41 13.95
C ILE A 277 19.40 32.32 13.35
N ASN A 278 18.15 31.92 13.55
CA ASN A 278 16.96 32.66 13.08
C ASN A 278 16.36 33.50 14.19
N ASN A 279 17.03 33.50 15.33
CA ASN A 279 16.48 34.12 16.56
C ASN A 279 15.06 33.69 16.83
N PHE A 280 14.85 32.37 16.75
CA PHE A 280 13.52 31.82 16.89
C PHE A 280 13.41 30.89 18.11
N GLY A 281 12.39 31.09 18.94
CA GLY A 281 12.25 30.26 20.17
C GLY A 281 13.07 30.75 21.29
N VAL A 282 13.90 31.76 21.03
CA VAL A 282 14.88 32.21 22.06
C VAL A 282 14.15 33.09 23.09
N ARG A 283 13.23 33.92 22.62
CA ARG A 283 12.44 34.83 23.48
C ARG A 283 11.72 34.03 24.53
N GLU A 284 11.03 32.96 24.14
CA GLU A 284 10.29 32.17 25.14
C GLU A 284 11.20 31.60 26.24
N MET A 285 12.37 31.09 25.84
CA MET A 285 13.35 30.52 26.76
C MET A 285 13.90 31.64 27.71
N LEU A 286 14.21 32.80 27.16
CA LEU A 286 14.78 33.91 27.96
C LEU A 286 13.74 34.42 28.96
N ASP A 287 12.46 34.52 28.51
CA ASP A 287 11.38 34.96 29.39
C ASP A 287 11.29 34.01 30.57
N MET A 288 11.32 32.72 30.28
CA MET A 288 11.28 31.73 31.32
C MET A 288 12.46 31.73 32.27
N PHE A 289 13.61 31.95 31.70
CA PHE A 289 14.82 32.07 32.48
C PHE A 289 14.76 33.28 33.42
N VAL A 290 14.42 34.47 32.96
CA VAL A 290 14.40 35.61 33.91
C VAL A 290 13.31 35.40 34.98
N GLU A 291 12.21 34.74 34.60
CA GLU A 291 11.12 34.58 35.57
C GLU A 291 11.47 33.54 36.65
N PHE A 292 12.01 32.39 36.23
CA PHE A 292 12.21 31.26 37.12
C PHE A 292 13.60 30.93 37.57
N ALA A 293 14.62 31.32 36.83
CA ALA A 293 15.99 30.91 37.19
C ALA A 293 16.34 31.57 38.55
N PRO A 294 17.10 30.87 39.38
CA PRO A 294 17.35 31.42 40.69
C PRO A 294 18.23 32.68 40.65
N GLY A 295 17.87 33.56 41.55
CA GLY A 295 18.80 34.66 41.88
C GLY A 295 19.96 34.15 42.77
N PRO A 296 20.81 35.07 43.25
CA PRO A 296 22.00 34.68 44.05
C PRO A 296 21.58 33.79 45.23
N GLN A 297 22.25 32.63 45.35
CA GLN A 297 21.90 31.70 46.39
C GLN A 297 22.89 31.81 47.59
N PRO A 298 22.49 31.30 48.77
CA PRO A 298 23.46 31.18 49.88
C PRO A 298 24.64 30.32 49.46
N ARG A 299 25.79 30.54 50.10
CA ARG A 299 26.97 29.80 49.69
C ARG A 299 27.61 29.29 50.97
N PRO A 300 27.95 28.01 51.01
CA PRO A 300 28.52 27.43 52.23
C PRO A 300 29.98 27.90 52.47
N ALA A 301 30.31 28.20 53.74
CA ALA A 301 31.63 28.44 54.16
C ALA A 301 31.92 27.40 55.25
N ALA A 302 33.16 27.28 55.68
CA ALA A 302 33.53 26.22 56.62
C ALA A 302 32.79 26.40 57.95
N THR A 303 32.53 27.64 58.34
CA THR A 303 31.91 27.91 59.67
C THR A 303 30.39 28.09 59.65
N ARG A 304 29.84 28.41 58.48
CA ARG A 304 28.39 28.66 58.37
C ARG A 304 28.02 28.89 56.92
N VAL A 305 26.72 29.00 56.64
CA VAL A 305 26.23 29.36 55.27
C VAL A 305 26.11 30.87 55.23
N VAL A 306 26.56 31.48 54.15
CA VAL A 306 26.53 32.90 54.00
C VAL A 306 25.31 33.23 53.14
N GLU A 307 24.44 34.12 53.61
CA GLU A 307 23.25 34.57 52.82
C GLU A 307 23.62 35.84 52.04
N PRO A 308 23.15 35.94 50.78
CA PRO A 308 23.43 37.11 49.95
C PRO A 308 22.97 38.42 50.54
N GLY A 309 21.88 38.43 51.35
CA GLY A 309 21.46 39.67 51.98
C GLY A 309 22.25 40.23 53.15
N GLU A 310 23.34 39.57 53.53
CA GLU A 310 24.16 40.06 54.63
C GLU A 310 24.83 41.32 54.11
N GLU A 311 24.82 42.38 54.91
CA GLU A 311 25.34 43.65 54.42
C GLU A 311 26.83 43.66 54.11
N ALA A 312 27.60 42.84 54.81
CA ALA A 312 29.05 42.89 54.67
C ALA A 312 29.48 42.05 53.46
N PHE A 313 30.28 42.66 52.60
CA PHE A 313 30.74 42.02 51.36
C PHE A 313 31.50 40.72 51.60
N THR A 314 31.16 39.69 50.83
CA THR A 314 32.02 38.52 50.77
C THR A 314 32.06 38.05 49.31
N GLY A 315 33.17 37.45 48.89
CA GLY A 315 33.32 37.02 47.52
C GLY A 315 34.31 35.88 47.46
N VAL A 316 34.22 35.12 46.37
CA VAL A 316 35.13 33.98 46.22
C VAL A 316 35.77 34.01 44.82
N VAL A 317 37.07 33.76 44.76
CA VAL A 317 37.79 33.64 43.48
C VAL A 317 37.48 32.31 42.84
N PHE A 318 37.04 32.35 41.59
CA PHE A 318 36.78 31.10 40.85
C PHE A 318 37.64 30.95 39.61
N LYS A 319 38.36 32.00 39.21
CA LYS A 319 39.40 31.79 38.24
C LYS A 319 40.36 32.93 38.19
N ILE A 320 41.50 32.67 37.57
CA ILE A 320 42.58 33.63 37.50
C ILE A 320 43.07 33.63 36.06
N GLN A 321 43.17 34.84 35.51
CA GLN A 321 43.65 35.04 34.15
C GLN A 321 45.04 35.66 34.24
N ALA A 322 46.01 35.03 33.58
CA ALA A 322 47.38 35.54 33.52
C ALA A 322 47.53 36.40 32.23
N ASN A 323 48.35 37.44 32.27
CA ASN A 323 48.47 38.42 31.15
C ASN A 323 49.20 37.90 29.92
N ARG A 331 48.06 39.91 36.27
CA ARG A 331 47.03 38.88 36.48
C ARG A 331 45.75 39.47 37.04
N MET A 332 44.66 38.84 36.65
CA MET A 332 43.39 39.23 37.17
C MET A 332 42.66 38.06 37.82
N ALA A 333 42.26 38.24 39.05
CA ALA A 333 41.41 37.24 39.73
C ALA A 333 39.93 37.53 39.58
N PHE A 334 39.15 36.54 39.21
CA PHE A 334 37.69 36.77 39.02
C PHE A 334 36.99 36.31 40.24
N LEU A 335 36.21 37.22 40.82
CA LEU A 335 35.51 36.94 42.05
C LEU A 335 33.99 36.98 41.83
N ARG A 336 33.32 35.95 42.34
CA ARG A 336 31.86 35.98 42.46
C ARG A 336 31.50 36.65 43.78
N ILE A 337 30.65 37.67 43.73
CA ILE A 337 30.18 38.32 44.92
C ILE A 337 29.10 37.48 45.60
N CYS A 338 29.36 37.05 46.82
CA CYS A 338 28.47 36.18 47.57
C CYS A 338 27.47 36.91 48.49
N SER A 339 27.85 38.03 49.06
CA SER A 339 26.93 38.83 49.82
C SER A 339 27.44 40.24 49.83
N GLY A 340 26.58 41.17 50.25
CA GLY A 340 27.05 42.54 50.45
C GLY A 340 27.23 43.33 49.17
N THR A 341 27.79 44.52 49.30
CA THR A 341 27.90 45.44 48.18
C THR A 341 29.36 45.75 47.95
N PHE A 342 29.77 45.61 46.70
CA PHE A 342 31.10 45.94 46.29
C PHE A 342 31.13 47.39 45.87
N THR A 343 32.04 48.19 46.43
CA THR A 343 32.28 49.52 45.90
C THR A 343 33.80 49.66 45.64
N ARG A 344 34.17 50.28 44.52
CA ARG A 344 35.58 50.65 44.24
C ARG A 344 36.34 51.13 45.48
N GLY A 345 35.72 51.96 46.30
CA GLY A 345 36.46 52.53 47.44
C GLY A 345 37.03 51.54 48.47
N MET A 346 36.44 50.36 48.56
CA MET A 346 36.50 49.60 49.81
C MET A 346 37.80 48.79 50.06
N ARG A 347 38.02 48.42 51.32
CA ARG A 347 39.14 47.57 51.74
C ARG A 347 38.66 46.14 51.99
N LEU A 348 39.37 45.14 51.45
CA LEU A 348 38.96 43.73 51.62
C LEU A 348 40.08 42.96 52.26
N LYS A 349 39.70 42.04 53.15
CA LYS A 349 40.59 41.13 53.82
C LYS A 349 40.80 39.85 53.00
N HIS A 350 42.06 39.59 52.64
CA HIS A 350 42.41 38.40 51.90
C HIS A 350 42.78 37.41 53.00
N HIS A 351 41.86 36.54 53.39
CA HIS A 351 42.15 35.75 54.61
C HIS A 351 43.31 34.76 54.47
N ARG A 352 43.62 34.29 53.27
CA ARG A 352 44.76 33.38 53.15
C ARG A 352 46.09 34.04 53.52
N THR A 353 46.36 35.22 52.97
CA THR A 353 47.61 35.88 53.25
C THR A 353 47.58 36.72 54.52
N GLY A 354 46.39 36.99 55.08
CA GLY A 354 46.29 37.84 56.27
C GLY A 354 46.47 39.31 55.98
N LYS A 355 46.32 39.68 54.71
CA LYS A 355 46.52 41.05 54.29
C LYS A 355 45.22 41.75 53.99
N ASP A 356 45.30 43.08 53.97
CA ASP A 356 44.20 43.95 53.60
C ASP A 356 44.52 44.34 52.16
N VAL A 357 43.49 44.50 51.35
CA VAL A 357 43.68 44.72 49.92
C VAL A 357 42.77 45.90 49.50
N THR A 358 43.31 46.89 48.80
CA THR A 358 42.44 47.97 48.27
C THR A 358 41.98 47.47 46.88
N VAL A 359 40.82 47.94 46.41
CA VAL A 359 40.32 47.49 45.16
C VAL A 359 39.94 48.69 44.27
N ALA A 360 40.74 49.76 44.30
CA ALA A 360 40.44 50.95 43.50
C ALA A 360 40.58 50.68 41.98
N ASN A 361 41.35 49.64 41.61
CA ASN A 361 41.51 49.21 40.19
C ASN A 361 40.65 48.02 39.76
N ALA A 362 39.61 47.68 40.51
CA ALA A 362 38.80 46.54 40.15
C ALA A 362 38.07 46.75 38.81
N THR A 363 37.87 45.67 38.09
CA THR A 363 37.01 45.66 36.95
C THR A 363 35.63 45.27 37.43
N ILE A 364 34.68 46.15 37.21
CA ILE A 364 33.30 45.79 37.50
C ILE A 364 32.66 45.46 36.18
N PHE A 365 32.37 44.19 35.95
CA PHE A 365 31.73 43.86 34.66
C PHE A 365 30.31 44.36 34.72
N MET A 366 29.95 45.21 33.78
CA MET A 366 28.58 45.69 33.78
C MET A 366 28.10 45.93 32.37
N ALA A 367 26.77 46.00 32.22
CA ALA A 367 26.17 46.35 30.94
C ALA A 367 26.59 47.76 30.51
N GLN A 368 26.74 47.99 29.19
CA GLN A 368 26.82 49.36 28.58
C GLN A 368 25.72 50.30 29.13
N ASP A 369 24.64 49.67 29.60
CA ASP A 369 23.35 50.30 29.92
C ASP A 369 23.25 51.16 31.21
N ARG A 370 23.45 50.58 32.39
CA ARG A 370 23.30 51.34 33.65
C ARG A 370 24.33 52.49 33.78
N THR A 371 23.99 53.47 34.62
CA THR A 371 24.69 54.76 34.57
C THR A 371 25.22 55.29 35.90
N GLY A 372 24.59 54.90 37.02
CA GLY A 372 24.83 55.61 38.29
C GLY A 372 26.19 55.41 38.95
N VAL A 373 26.19 55.39 40.28
CA VAL A 373 27.39 55.11 41.09
C VAL A 373 27.86 53.67 40.81
N GLU A 374 29.17 53.48 40.65
CA GLU A 374 29.74 52.13 40.44
C GLU A 374 29.80 51.17 41.67
N GLU A 375 28.91 50.21 41.66
CA GLU A 375 28.86 49.25 42.74
C GLU A 375 28.47 47.98 42.05
N ALA A 376 28.63 46.89 42.78
CA ALA A 376 28.22 45.59 42.27
C ALA A 376 27.58 44.82 43.45
N PHE A 377 26.74 43.83 43.12
CA PHE A 377 25.92 43.17 44.08
C PHE A 377 26.07 41.64 44.01
N PRO A 378 25.48 40.90 44.96
CA PRO A 378 25.56 39.44 44.92
C PRO A 378 25.08 38.90 43.59
N GLY A 379 25.86 37.93 43.08
CA GLY A 379 25.55 37.33 41.79
C GLY A 379 26.43 37.95 40.71
N ASP A 380 26.93 39.16 40.96
CA ASP A 380 27.82 39.85 40.03
C ASP A 380 29.27 39.34 40.11
N ILE A 381 30.02 39.62 39.06
CA ILE A 381 31.43 39.24 39.00
C ILE A 381 32.30 40.49 38.96
N ILE A 382 33.43 40.45 39.67
CA ILE A 382 34.42 41.53 39.60
C ILE A 382 35.77 40.94 39.38
N GLY A 383 36.68 41.75 38.84
CA GLY A 383 38.00 41.27 38.58
C GLY A 383 38.92 42.13 39.42
N ILE A 384 39.86 41.47 40.12
CA ILE A 384 40.81 42.17 40.96
C ILE A 384 42.21 41.97 40.39
N PRO A 385 42.88 43.05 39.97
CA PRO A 385 44.24 42.85 39.46
C PRO A 385 45.15 42.53 40.64
N ASN A 386 46.13 41.68 40.40
CA ASN A 386 47.11 41.38 41.45
C ASN A 386 48.42 40.91 40.85
N HIS A 387 49.49 41.03 41.62
CA HIS A 387 50.80 40.62 41.16
C HIS A 387 51.18 39.16 41.49
N GLY A 388 50.17 38.29 41.56
CA GLY A 388 50.37 36.86 41.80
C GLY A 388 50.01 36.32 43.18
N THR A 389 49.33 37.12 44.00
CA THR A 389 48.98 36.71 45.40
C THR A 389 47.96 35.52 45.64
N ILE A 390 47.35 34.96 44.58
CA ILE A 390 45.98 34.37 44.71
C ILE A 390 45.77 32.85 44.36
N LYS A 391 44.84 32.17 45.04
CA LYS A 391 44.48 30.80 44.65
C LYS A 391 43.00 30.79 44.32
N ILE A 392 42.61 29.83 43.47
CA ILE A 392 41.26 29.48 43.18
C ILE A 392 40.60 29.11 44.53
N GLY A 393 39.43 29.64 44.74
CA GLY A 393 38.72 29.38 45.96
C GLY A 393 39.00 30.40 47.07
N ASP A 394 39.92 31.31 46.87
CA ASP A 394 40.28 32.32 47.90
C ASP A 394 39.04 33.15 48.27
N THR A 395 38.90 33.39 49.57
CA THR A 395 37.76 34.18 50.09
C THR A 395 38.25 35.56 50.45
N PHE A 396 37.45 36.56 50.09
CA PHE A 396 37.70 37.97 50.43
C PHE A 396 36.49 38.45 51.20
N THR A 397 36.69 39.20 52.30
CA THR A 397 35.58 39.76 53.09
C THR A 397 35.81 41.21 53.46
N GLU A 398 34.74 41.94 53.72
CA GLU A 398 34.86 43.29 54.18
C GLU A 398 34.95 43.34 55.75
N SER A 399 34.34 42.34 56.39
CA SER A 399 34.46 42.29 57.85
C SER A 399 35.68 41.52 58.30
N LYS A 400 35.94 41.56 59.61
CA LYS A 400 37.02 40.77 60.18
C LYS A 400 36.62 39.33 60.45
N GLU A 401 35.35 38.98 60.21
CA GLU A 401 34.95 37.59 60.45
C GLU A 401 35.84 36.68 59.56
N VAL A 402 36.44 35.64 60.13
CA VAL A 402 37.15 34.67 59.28
C VAL A 402 36.14 33.79 58.57
N LEU A 403 36.15 33.89 57.25
CA LEU A 403 35.28 33.13 56.42
C LEU A 403 36.12 32.37 55.39
N LYS A 404 35.73 31.13 55.13
CA LYS A 404 36.36 30.33 54.11
C LYS A 404 35.26 29.60 53.34
N PHE A 405 35.00 30.04 52.13
CA PHE A 405 34.05 29.38 51.26
C PHE A 405 34.56 28.01 50.90
N VAL A 406 33.62 27.05 50.88
CA VAL A 406 33.93 25.68 50.50
C VAL A 406 33.16 25.30 49.26
N GLY A 407 33.64 24.26 48.58
CA GLY A 407 32.91 23.77 47.46
C GLY A 407 33.39 24.22 46.12
N ILE A 408 34.60 24.79 46.02
CA ILE A 408 35.27 24.97 44.72
C ILE A 408 36.40 23.97 44.68
N PRO A 409 36.22 22.88 43.92
CA PRO A 409 37.23 21.83 44.02
C PRO A 409 38.20 21.86 42.85
N ASN A 410 39.26 21.03 42.90
CA ASN A 410 39.93 20.60 41.70
C ASN A 410 39.11 19.45 41.12
N PHE A 411 39.12 19.39 39.80
CA PHE A 411 38.30 18.37 39.09
C PHE A 411 39.25 17.34 38.48
N ALA A 412 38.83 16.10 38.38
CA ALA A 412 39.69 15.03 37.90
C ALA A 412 40.02 15.32 36.48
N PRO A 413 41.32 15.42 36.16
CA PRO A 413 41.80 15.61 34.80
C PRO A 413 41.65 14.34 33.93
N GLU A 414 41.53 14.50 32.64
CA GLU A 414 41.52 13.31 31.78
C GLU A 414 42.73 13.16 30.88
N HIS A 415 43.65 14.11 30.91
CA HIS A 415 44.84 14.06 30.08
C HIS A 415 46.05 14.22 30.97
N PHE A 416 47.08 13.41 30.70
CA PHE A 416 48.23 13.31 31.60
C PHE A 416 49.51 13.27 30.73
N ARG A 417 50.58 13.87 31.23
CA ARG A 417 51.84 13.86 30.51
C ARG A 417 52.90 13.85 31.60
N ARG A 418 54.03 13.19 31.32
CA ARG A 418 55.19 13.28 32.22
C ARG A 418 56.06 14.44 31.71
N VAL A 419 56.66 15.19 32.65
CA VAL A 419 57.52 16.34 32.21
C VAL A 419 58.99 15.93 32.15
N ARG A 420 59.67 16.36 31.09
CA ARG A 420 61.11 16.05 30.94
C ARG A 420 61.83 17.36 30.76
N LEU A 421 62.93 17.53 31.49
CA LEU A 421 63.76 18.73 31.37
C LEU A 421 64.74 18.66 30.21
N LYS A 422 64.91 19.74 29.44
CA LYS A 422 65.94 19.74 28.40
C LYS A 422 67.36 19.92 28.99
N ASN A 423 67.43 20.48 30.20
CA ASN A 423 68.66 20.84 30.87
C ASN A 423 68.58 20.44 32.39
N PRO A 424 69.29 19.36 32.77
CA PRO A 424 69.25 18.84 34.16
C PRO A 424 69.64 19.88 35.19
N LEU A 425 70.41 20.89 34.79
CA LEU A 425 70.83 21.92 35.76
C LEU A 425 69.67 22.81 36.22
N LYS A 426 68.55 22.70 35.52
CA LYS A 426 67.42 23.53 35.80
C LYS A 426 66.40 22.79 36.72
N ALA A 427 66.83 21.69 37.33
CA ALA A 427 65.92 20.90 38.16
C ALA A 427 65.16 21.71 39.30
N LYS A 428 65.87 22.55 40.04
CA LYS A 428 65.20 23.33 41.10
C LYS A 428 64.16 24.32 40.56
N GLN A 429 64.48 24.98 39.45
CA GLN A 429 63.54 25.91 38.77
C GLN A 429 62.34 25.15 38.24
N LEU A 430 62.56 23.93 37.77
CA LEU A 430 61.40 23.18 37.27
C LEU A 430 60.48 22.83 38.45
N GLN A 431 61.06 22.42 39.58
CA GLN A 431 60.25 22.11 40.74
C GLN A 431 59.47 23.35 41.28
N LYS A 432 60.17 24.48 41.33
CA LYS A 432 59.54 25.74 41.70
C LYS A 432 58.43 26.14 40.74
N GLY A 433 58.69 26.01 39.45
CA GLY A 433 57.74 26.49 38.51
C GLY A 433 56.53 25.58 38.50
N LEU A 434 56.74 24.27 38.53
CA LEU A 434 55.56 23.38 38.54
C LEU A 434 54.73 23.52 39.80
N GLU A 435 55.40 23.67 40.92
CA GLU A 435 54.67 23.86 42.15
C GLU A 435 53.86 25.18 42.19
N GLN A 436 54.48 26.26 41.79
CA GLN A 436 53.78 27.55 41.70
C GLN A 436 52.64 27.56 40.64
N LEU A 437 52.86 26.89 39.51
CA LEU A 437 51.85 26.88 38.46
C LEU A 437 50.64 26.02 38.89
N ALA A 438 50.93 24.96 39.63
CA ALA A 438 49.85 24.10 40.22
C ALA A 438 49.15 24.90 41.34
N GLU A 439 49.89 25.61 42.20
CA GLU A 439 49.24 26.34 43.27
C GLU A 439 48.26 27.40 42.71
N GLU A 440 48.61 27.94 41.56
CA GLU A 440 47.85 28.97 40.89
C GLU A 440 46.65 28.40 40.12
N GLY A 441 46.61 27.08 39.95
CA GLY A 441 45.50 26.42 39.26
C GLY A 441 45.69 26.25 37.75
N ALA A 442 46.92 26.42 37.24
CA ALA A 442 47.13 26.36 35.82
C ALA A 442 47.13 24.89 35.27
N VAL A 443 47.45 23.96 36.16
CA VAL A 443 47.54 22.52 35.80
C VAL A 443 47.51 21.78 37.16
N GLN A 444 47.27 20.50 37.16
CA GLN A 444 47.45 19.71 38.37
C GLN A 444 48.69 18.93 38.32
N LEU A 445 49.30 18.72 39.50
CA LEU A 445 50.59 18.06 39.50
C LEU A 445 50.54 16.82 40.38
N PHE A 446 50.98 15.69 39.88
CA PHE A 446 50.99 14.43 40.64
C PHE A 446 52.40 13.88 40.77
N ARG A 447 52.80 13.52 42.00
CA ARG A 447 54.10 12.94 42.19
C ARG A 447 53.88 11.44 42.61
N PRO A 448 54.16 10.48 41.69
CA PRO A 448 53.90 9.06 42.03
C PRO A 448 54.67 8.64 43.31
N LEU A 449 54.05 7.83 44.17
CA LEU A 449 54.80 7.28 45.32
C LEU A 449 56.07 6.53 44.93
N VAL A 450 56.08 5.83 43.78
CA VAL A 450 57.22 4.95 43.53
C VAL A 450 58.40 5.56 42.75
N ASN A 451 58.21 6.75 42.19
CA ASN A 451 59.31 7.40 41.49
C ASN A 451 59.37 8.90 41.77
N ASN A 452 60.26 9.59 41.05
CA ASN A 452 60.42 11.05 41.18
C ASN A 452 59.88 11.85 40.00
N ASP A 453 59.02 11.20 39.21
CA ASP A 453 58.44 11.89 38.04
C ASP A 453 57.48 12.99 38.42
N TYR A 454 57.36 13.96 37.51
CA TYR A 454 56.36 14.98 37.61
C TYR A 454 55.32 14.62 36.57
N ILE A 455 54.13 14.28 37.04
CA ILE A 455 53.04 13.94 36.12
C ILE A 455 52.03 15.05 36.13
N LEU A 456 51.79 15.67 34.96
CA LEU A 456 50.80 16.76 34.91
C LEU A 456 49.45 16.24 34.45
N GLY A 457 48.40 16.71 35.09
CA GLY A 457 47.00 16.38 34.74
C GLY A 457 46.29 17.62 34.27
N ALA A 458 45.75 17.55 33.05
CA ALA A 458 45.00 18.68 32.47
C ALA A 458 43.58 18.29 32.16
N VAL A 459 42.64 19.19 32.44
CA VAL A 459 41.27 18.95 32.00
C VAL A 459 41.17 19.20 30.50
N GLY A 460 41.91 20.20 30.01
CA GLY A 460 41.88 20.49 28.59
C GLY A 460 43.35 20.46 28.10
N VAL A 461 43.57 19.91 26.92
CA VAL A 461 44.98 19.79 26.47
C VAL A 461 45.72 21.11 26.26
N LEU A 462 45.01 22.20 25.97
CA LEU A 462 45.64 23.53 25.85
C LEU A 462 46.51 23.85 27.06
N GLN A 463 46.10 23.34 28.23
CA GLN A 463 46.84 23.61 29.44
C GLN A 463 48.32 23.21 29.38
N PHE A 464 48.64 22.13 28.67
CA PHE A 464 50.00 21.65 28.61
C PHE A 464 50.86 22.68 27.87
N ASP A 465 50.31 23.27 26.83
CA ASP A 465 51.06 24.26 26.05
C ASP A 465 51.31 25.54 26.87
N VAL A 466 50.35 25.88 27.72
CA VAL A 466 50.47 27.09 28.50
C VAL A 466 51.59 26.85 29.55
N ILE A 467 51.57 25.69 30.22
CA ILE A 467 52.62 25.33 31.16
C ILE A 467 54.02 25.38 30.57
N VAL A 468 54.21 24.81 29.38
CA VAL A 468 55.52 24.89 28.71
C VAL A 468 55.93 26.37 28.46
N ALA A 469 55.05 27.17 27.79
CA ALA A 469 55.23 28.59 27.61
C ALA A 469 55.62 29.33 28.88
N ARG A 470 54.90 29.10 29.97
CA ARG A 470 55.15 29.78 31.23
C ARG A 470 56.43 29.31 31.94
N LEU A 471 56.71 28.01 31.89
CA LEU A 471 58.00 27.50 32.33
C LEU A 471 59.16 28.21 31.68
N ALA A 472 59.08 28.35 30.35
CA ALA A 472 60.13 29.06 29.51
C ALA A 472 60.26 30.53 29.91
N ASP A 473 59.13 31.21 29.92
CA ASP A 473 59.14 32.66 30.11
C ASP A 473 59.40 33.14 31.53
N GLU A 474 58.86 32.43 32.50
CA GLU A 474 58.96 32.89 33.88
C GLU A 474 60.04 32.12 34.68
N TYR A 475 60.40 30.93 34.23
CA TYR A 475 61.35 30.16 34.99
C TYR A 475 62.63 29.87 34.28
N GLY A 476 62.69 30.19 32.97
CA GLY A 476 63.86 29.93 32.15
C GLY A 476 64.07 28.45 31.96
N VAL A 477 63.00 27.68 32.07
CA VAL A 477 63.07 26.21 31.99
C VAL A 477 62.43 25.74 30.69
N ASP A 478 63.14 24.86 30.02
CA ASP A 478 62.68 24.33 28.74
C ASP A 478 62.28 22.87 28.98
N ALA A 479 61.00 22.56 28.87
CA ALA A 479 60.49 21.27 29.29
C ALA A 479 59.77 20.68 28.09
N VAL A 480 59.80 19.37 28.01
CA VAL A 480 59.01 18.69 26.99
C VAL A 480 58.18 17.62 27.69
N TYR A 481 57.22 17.07 26.96
CA TYR A 481 56.34 16.07 27.55
C TYR A 481 56.67 14.68 27.04
N GLU A 482 56.42 13.69 27.89
CA GLU A 482 56.46 12.28 27.43
C GLU A 482 55.08 11.68 27.68
N GLY A 483 54.62 10.76 26.85
CA GLY A 483 53.31 10.21 27.04
C GLY A 483 53.30 9.25 28.23
N VAL A 484 52.15 9.09 28.88
CA VAL A 484 52.04 8.11 29.98
C VAL A 484 50.77 7.28 29.78
N SER A 485 50.63 6.17 30.49
CA SER A 485 49.44 5.32 30.28
C SER A 485 48.18 5.97 30.89
N THR A 486 48.39 6.87 31.86
CA THR A 486 47.29 7.37 32.70
C THR A 486 46.27 8.18 31.93
N HIS A 487 44.98 7.93 32.15
CA HIS A 487 43.89 8.75 31.59
C HIS A 487 42.86 9.13 32.62
N THR A 488 43.05 8.65 33.86
CA THR A 488 42.01 8.71 34.94
C THR A 488 42.70 8.93 36.26
N ALA A 489 42.21 9.89 37.06
CA ALA A 489 42.64 10.03 38.46
C ALA A 489 41.41 10.09 39.39
N ARG A 490 41.52 9.53 40.58
CA ARG A 490 40.48 9.68 41.57
C ARG A 490 41.16 9.95 42.88
N TRP A 491 40.59 10.78 43.72
CA TRP A 491 41.21 11.01 45.02
C TRP A 491 40.65 9.95 45.94
N VAL A 492 41.52 9.35 46.77
CA VAL A 492 41.13 8.22 47.55
C VAL A 492 41.06 8.58 49.04
N TYR A 493 40.16 7.91 49.76
CA TYR A 493 39.86 8.23 51.16
C TYR A 493 39.35 6.95 51.79
N CYS A 494 39.68 6.72 53.08
CA CYS A 494 39.13 5.58 53.79
C CYS A 494 39.17 5.88 55.26
N GLU A 495 38.02 5.88 55.89
CA GLU A 495 37.97 6.23 57.30
C GLU A 495 38.56 5.10 58.19
N ASP A 496 38.88 3.94 57.59
CA ASP A 496 39.51 2.77 58.29
C ASP A 496 41.01 2.77 58.05
N LYS A 497 41.79 3.04 59.11
CA LYS A 497 43.22 3.36 58.98
C LYS A 497 44.04 2.15 58.51
N LYS A 498 43.57 0.96 58.91
CA LYS A 498 44.24 -0.31 58.65
C LYS A 498 44.04 -0.73 57.18
N ILE A 499 42.79 -0.88 56.75
CA ILE A 499 42.47 -1.18 55.35
C ILE A 499 43.15 -0.18 54.36
N PHE A 500 43.15 1.11 54.70
CA PHE A 500 43.81 2.16 53.92
C PHE A 500 45.33 1.97 53.82
N ALA A 501 46.01 1.60 54.91
CA ALA A 501 47.47 1.32 54.87
C ALA A 501 47.76 0.14 53.92
N ASP A 502 46.82 -0.80 53.89
CA ASP A 502 46.91 -2.00 53.07
C ASP A 502 46.73 -1.64 51.58
N PHE A 503 45.69 -0.88 51.30
CA PHE A 503 45.47 -0.32 49.99
C PHE A 503 46.70 0.43 49.46
N GLN A 504 47.22 1.36 50.26
CA GLN A 504 48.38 2.12 49.95
C GLN A 504 49.67 1.29 49.72
N ASP A 505 49.80 0.18 50.44
CA ASP A 505 50.90 -0.77 50.20
C ASP A 505 50.68 -1.53 48.87
N TYR A 506 49.54 -2.20 48.72
CA TYR A 506 49.23 -2.99 47.53
C TYR A 506 49.22 -2.21 46.23
N HIS A 507 48.66 -0.98 46.26
CA HIS A 507 48.51 -0.14 45.05
C HIS A 507 49.52 0.98 44.99
N ARG A 508 50.64 0.77 45.66
CA ARG A 508 51.63 1.79 45.73
C ARG A 508 52.07 2.26 44.32
N GLY A 509 52.07 1.34 43.37
CA GLY A 509 52.52 1.65 41.99
C GLY A 509 51.56 2.51 41.17
N GLU A 510 50.34 2.68 41.71
CA GLU A 510 49.30 3.42 41.01
C GLU A 510 48.93 4.70 41.78
N LEU A 511 49.56 4.93 42.95
CA LEU A 511 49.23 6.08 43.76
C LEU A 511 50.20 7.25 43.55
N ALA A 512 49.68 8.46 43.78
CA ALA A 512 50.49 9.64 43.66
C ALA A 512 49.99 10.69 44.62
N VAL A 513 50.86 11.65 44.95
CA VAL A 513 50.38 12.73 45.81
C VAL A 513 50.34 14.02 44.99
N ASP A 514 49.22 14.74 45.06
CA ASP A 514 49.09 15.89 44.19
C ASP A 514 49.67 17.14 44.85
N ALA A 515 49.53 18.28 44.21
CA ALA A 515 50.24 19.50 44.67
C ALA A 515 49.65 20.01 45.97
N GLU A 516 48.43 19.57 46.31
CA GLU A 516 47.82 19.94 47.58
C GLU A 516 48.11 18.94 48.70
N GLY A 517 48.86 17.91 48.39
CA GLY A 517 49.16 16.92 49.41
C GLY A 517 48.18 15.76 49.45
N ALA A 518 47.22 15.74 48.51
CA ALA A 518 46.10 14.76 48.58
C ALA A 518 46.56 13.51 47.82
N LEU A 519 46.23 12.34 48.33
CA LEU A 519 46.53 11.06 47.67
C LEU A 519 45.51 10.75 46.55
N ALA A 520 46.04 10.30 45.42
CA ALA A 520 45.22 10.04 44.22
C ALA A 520 45.62 8.71 43.59
N TYR A 521 44.65 7.99 43.04
CA TYR A 521 44.89 6.78 42.27
C TYR A 521 44.88 7.16 40.80
N LEU A 522 45.95 6.86 40.09
CA LEU A 522 46.05 7.15 38.64
C LEU A 522 45.86 5.83 37.90
N ALA A 523 44.93 5.85 36.96
CA ALA A 523 44.64 4.64 36.26
C ALA A 523 44.76 4.81 34.75
N PRO A 524 45.07 3.70 34.01
CA PRO A 524 45.09 3.93 32.56
C PRO A 524 43.77 4.39 31.95
N ASN A 525 42.63 4.04 32.56
CA ASN A 525 41.34 4.38 32.01
C ASN A 525 40.27 3.99 33.08
N PRO A 526 39.01 4.52 32.97
CA PRO A 526 37.97 4.27 34.02
C PRO A 526 37.66 2.78 34.20
N TRP A 527 37.90 1.98 33.19
CA TRP A 527 37.61 0.53 33.35
C TRP A 527 38.66 -0.20 34.20
N ARG A 528 39.95 0.16 34.03
CA ARG A 528 41.00 -0.41 34.89
C ARG A 528 40.78 0.00 36.34
N LEU A 529 40.23 1.19 36.52
CA LEU A 529 39.94 1.78 37.81
C LEU A 529 38.87 0.95 38.50
N GLU A 530 37.76 0.73 37.77
CA GLU A 530 36.61 -0.01 38.28
C GLU A 530 37.06 -1.33 38.90
N SER A 531 38.18 -1.85 38.42
CA SER A 531 38.74 -3.10 38.92
C SER A 531 39.47 -2.96 40.25
N ALA A 532 40.13 -1.83 40.54
CA ALA A 532 40.76 -1.64 41.87
C ALA A 532 39.73 -1.34 42.97
N MET A 533 38.65 -0.69 42.58
CA MET A 533 37.54 -0.34 43.48
C MET A 533 36.95 -1.62 44.06
N GLU A 534 36.84 -2.62 43.22
CA GLU A 534 36.29 -3.92 43.61
C GLU A 534 37.13 -4.71 44.63
N ARG A 535 38.44 -4.61 44.52
CA ARG A 535 39.35 -5.23 45.46
C ARG A 535 39.30 -4.56 46.87
N TYR A 536 38.86 -3.28 46.92
CA TYR A 536 38.77 -2.47 48.15
C TYR A 536 37.44 -1.66 48.26
N PRO A 537 36.27 -2.35 48.42
CA PRO A 537 34.89 -1.78 48.46
C PRO A 537 34.61 -0.77 49.59
N LYS A 538 35.46 -0.86 50.58
CA LYS A 538 35.66 0.23 51.71
C LYS A 538 36.36 1.60 51.25
N VAL A 539 37.26 1.57 50.28
CA VAL A 539 37.95 2.83 49.91
C VAL A 539 37.08 3.68 48.97
N GLU A 540 36.99 5.00 49.23
CA GLU A 540 36.23 5.86 48.35
C GLU A 540 37.10 6.46 47.27
N PHE A 541 36.61 6.50 46.04
CA PHE A 541 37.32 7.11 44.92
C PHE A 541 36.48 8.27 44.43
N ARG A 542 36.99 9.49 44.56
CA ARG A 542 36.21 10.68 44.29
C ARG A 542 36.71 11.37 43.04
N THR A 543 35.80 12.01 42.29
CA THR A 543 36.21 12.74 41.09
C THR A 543 36.57 14.19 41.32
N THR A 544 36.56 14.63 42.58
CA THR A 544 36.91 16.02 42.88
C THR A 544 37.59 16.04 44.20
N ARG A 545 38.31 17.11 44.45
CA ARG A 545 38.71 17.35 45.82
C ARG A 545 38.81 18.83 46.16
N GLU A 546 38.39 19.13 47.38
CA GLU A 546 38.42 20.49 47.95
C GLU A 546 39.83 21.12 47.83
N ILE A 547 39.91 22.37 47.37
CA ILE A 547 41.22 23.07 47.35
C ILE A 547 41.48 23.59 48.77
N SER A 548 42.74 23.76 49.19
CA SER A 548 42.93 24.35 50.53
C SER A 548 43.49 25.77 50.48
N SER B 21 40.35 -36.80 16.99
CA SER B 21 41.05 -37.61 15.97
C SER B 21 40.21 -38.05 14.74
N SER B 22 38.87 -38.00 14.80
CA SER B 22 38.02 -38.42 13.68
C SER B 22 38.13 -37.48 12.47
N ARG B 23 37.66 -37.93 11.30
CA ARG B 23 37.54 -37.02 10.15
C ARG B 23 36.67 -35.75 10.43
N LEU B 24 35.49 -35.96 11.02
CA LEU B 24 34.63 -34.85 11.47
C LEU B 24 35.42 -33.90 12.41
N GLU B 25 36.14 -34.44 13.38
CA GLU B 25 36.85 -33.55 14.33
C GLU B 25 37.98 -32.78 13.68
N ARG B 26 38.65 -33.40 12.71
CA ARG B 26 39.72 -32.74 11.92
C ARG B 26 39.16 -31.55 11.13
N GLU B 27 38.06 -31.80 10.44
CA GLU B 27 37.42 -30.81 9.62
C GLU B 27 36.88 -29.69 10.47
N ALA B 28 36.14 -30.02 11.51
CA ALA B 28 35.60 -28.97 12.41
C ALA B 28 36.73 -28.05 12.95
N ALA B 29 37.83 -28.63 13.37
CA ALA B 29 38.97 -27.86 13.91
C ALA B 29 39.57 -26.84 12.94
N ARG B 30 39.33 -26.98 11.65
CA ARG B 30 39.87 -26.01 10.68
C ARG B 30 39.02 -24.75 10.55
N ARG B 31 37.80 -24.81 11.03
CA ARG B 31 36.86 -23.66 10.93
C ARG B 31 37.25 -22.51 11.81
N ARG B 32 37.06 -21.31 11.26
CA ARG B 32 37.16 -20.07 12.09
C ARG B 32 35.95 -19.27 11.66
N THR B 33 34.91 -19.22 12.49
CA THR B 33 33.70 -18.57 12.07
C THR B 33 33.54 -17.28 12.90
N PHE B 34 33.41 -16.17 12.23
CA PHE B 34 33.44 -14.90 12.94
C PHE B 34 32.65 -13.85 12.15
N ALA B 35 32.43 -12.68 12.80
CA ALA B 35 31.76 -11.55 12.12
C ALA B 35 32.52 -10.29 12.57
N ILE B 36 32.35 -9.24 11.83
CA ILE B 36 33.01 -7.98 12.18
C ILE B 36 32.00 -7.04 12.87
N ILE B 37 32.43 -6.43 13.99
CA ILE B 37 31.54 -5.52 14.69
C ILE B 37 32.16 -4.15 14.58
N SER B 38 31.33 -3.16 14.22
CA SER B 38 31.84 -1.86 13.86
C SER B 38 30.69 -0.88 13.78
N HIS B 39 31.04 0.39 13.75
CA HIS B 39 30.06 1.43 13.61
C HIS B 39 30.10 1.79 12.14
N PRO B 40 28.95 2.22 11.55
CA PRO B 40 28.97 2.59 10.12
C PRO B 40 30.15 3.47 9.68
N ASP B 41 30.74 3.13 8.52
CA ASP B 41 31.90 3.85 7.93
C ASP B 41 33.25 3.62 8.62
N ALA B 42 33.32 2.66 9.52
CA ALA B 42 34.62 2.42 10.20
C ALA B 42 35.60 1.74 9.23
N GLY B 43 35.06 1.02 8.24
CA GLY B 43 35.87 0.27 7.28
C GLY B 43 35.55 -1.23 7.18
N LYS B 44 34.37 -1.65 7.62
CA LYS B 44 34.06 -3.11 7.55
C LYS B 44 34.07 -3.68 6.13
N THR B 45 33.44 -2.96 5.21
CA THR B 45 33.31 -3.43 3.81
C THR B 45 34.66 -3.49 3.13
N THR B 46 35.43 -2.43 3.30
CA THR B 46 36.77 -2.38 2.80
C THR B 46 37.58 -3.54 3.37
N LEU B 47 37.58 -3.69 4.71
CA LEU B 47 38.38 -4.75 5.33
C LEU B 47 37.95 -6.12 4.80
N THR B 48 36.63 -6.31 4.74
CA THR B 48 36.09 -7.57 4.22
C THR B 48 36.66 -7.93 2.84
N GLU B 49 36.76 -6.90 1.97
CA GLU B 49 37.24 -7.07 0.59
C GLU B 49 38.71 -7.53 0.66
N LYS B 50 39.47 -6.91 1.55
CA LYS B 50 40.89 -7.26 1.62
C LYS B 50 41.10 -8.71 2.14
N LEU B 51 40.30 -9.10 3.13
CA LEU B 51 40.37 -10.42 3.66
C LEU B 51 40.03 -11.45 2.59
N LEU B 52 39.03 -11.17 1.76
CA LEU B 52 38.65 -12.10 0.73
C LEU B 52 39.78 -12.29 -0.27
N LEU B 53 40.46 -11.18 -0.61
CA LEU B 53 41.67 -11.24 -1.50
C LEU B 53 42.76 -12.14 -0.97
N PHE B 54 43.04 -12.03 0.33
CA PHE B 54 44.03 -12.93 1.00
C PHE B 54 43.60 -14.41 0.84
N GLY B 55 42.29 -14.62 0.91
CA GLY B 55 41.72 -15.95 0.74
C GLY B 55 41.51 -16.32 -0.70
N GLY B 56 41.95 -15.47 -1.63
CA GLY B 56 41.84 -15.80 -3.06
C GLY B 56 40.41 -15.78 -3.57
N ALA B 57 39.50 -15.18 -2.81
CA ALA B 57 38.10 -15.17 -3.21
C ALA B 57 37.85 -13.94 -4.04
N ILE B 58 38.50 -13.89 -5.21
CA ILE B 58 38.53 -12.66 -6.02
C ILE B 58 37.16 -12.19 -6.55
N GLN B 59 36.28 -13.14 -6.86
CA GLN B 59 34.93 -12.87 -7.36
C GLN B 59 34.00 -12.48 -6.21
N MET B 60 34.18 -13.12 -5.05
CA MET B 60 33.39 -12.71 -3.91
C MET B 60 33.76 -11.28 -3.50
N ALA B 61 35.07 -10.93 -3.51
CA ALA B 61 35.50 -9.55 -3.21
C ALA B 61 34.93 -8.53 -4.22
N GLY B 62 34.79 -8.97 -5.48
CA GLY B 62 34.12 -8.21 -6.57
C GLY B 62 32.69 -7.83 -6.21
N SER B 63 31.92 -8.80 -5.70
CA SER B 63 30.54 -8.60 -5.25
C SER B 63 30.40 -7.68 -4.04
N VAL B 64 31.39 -7.71 -3.14
CA VAL B 64 31.36 -6.90 -1.92
C VAL B 64 31.60 -5.43 -2.26
N LYS B 65 32.29 -5.19 -3.38
CA LYS B 65 32.56 -3.83 -3.90
C LYS B 65 31.38 -3.20 -4.66
N ALA B 66 30.27 -3.92 -4.79
CA ALA B 66 29.05 -3.47 -5.48
C ALA B 66 27.96 -2.97 -4.51
N THR B 89 24.00 -14.19 -1.51
CA THR B 89 25.33 -14.60 -1.95
C THR B 89 26.42 -14.09 -0.97
N THR B 90 26.25 -12.87 -0.44
CA THR B 90 27.22 -12.15 0.39
C THR B 90 26.93 -12.17 1.92
N SER B 91 25.87 -12.84 2.36
CA SER B 91 25.61 -12.98 3.79
C SER B 91 26.61 -13.90 4.55
N VAL B 92 27.08 -14.94 3.88
CA VAL B 92 28.12 -15.83 4.46
C VAL B 92 29.22 -15.92 3.42
N MET B 93 30.44 -15.61 3.81
CA MET B 93 31.56 -15.66 2.87
C MET B 93 32.60 -16.60 3.39
N GLN B 94 32.78 -17.72 2.71
CA GLN B 94 33.76 -18.69 3.18
C GLN B 94 34.97 -18.57 2.32
N PHE B 95 36.13 -18.60 2.93
CA PHE B 95 37.35 -18.58 2.12
C PHE B 95 38.45 -19.34 2.85
N PRO B 96 39.40 -19.87 2.06
CA PRO B 96 40.52 -20.60 2.69
C PRO B 96 41.64 -19.62 3.04
N TYR B 97 42.30 -19.86 4.16
CA TYR B 97 43.56 -19.13 4.49
C TYR B 97 44.40 -19.99 5.39
N ARG B 98 45.60 -20.32 4.90
CA ARG B 98 46.56 -21.11 5.70
C ARG B 98 45.92 -22.42 6.22
N ASP B 99 45.12 -23.03 5.35
CA ASP B 99 44.44 -24.29 5.64
C ASP B 99 43.31 -24.21 6.65
N ARG B 100 43.01 -23.02 7.17
CA ARG B 100 41.75 -22.83 7.89
C ARG B 100 40.60 -22.56 6.91
N VAL B 101 39.41 -22.92 7.33
CA VAL B 101 38.20 -22.61 6.54
C VAL B 101 37.54 -21.45 7.22
N VAL B 102 37.67 -20.25 6.65
CA VAL B 102 37.24 -19.02 7.42
C VAL B 102 35.81 -18.75 6.95
N ASN B 103 34.84 -18.67 7.88
CA ASN B 103 33.45 -18.32 7.54
C ASN B 103 33.23 -16.95 8.13
N LEU B 104 33.15 -15.97 7.26
CA LEU B 104 32.88 -14.58 7.66
C LEU B 104 31.40 -14.31 7.45
N LEU B 105 30.68 -14.05 8.52
CA LEU B 105 29.24 -13.81 8.43
C LEU B 105 29.06 -12.30 8.31
N ASP B 106 28.27 -11.84 7.35
CA ASP B 106 28.21 -10.37 7.25
C ASP B 106 27.22 -9.88 8.25
N THR B 107 27.49 -8.67 8.76
CA THR B 107 26.70 -8.09 9.82
C THR B 107 25.99 -6.89 9.17
N PRO B 108 24.70 -7.03 8.83
CA PRO B 108 24.06 -5.93 8.04
C PRO B 108 24.18 -4.61 8.87
N GLY B 109 24.51 -3.50 8.20
CA GLY B 109 24.76 -2.25 8.89
C GLY B 109 24.20 -1.10 8.09
N HIS B 110 24.61 0.11 8.45
CA HIS B 110 24.05 1.32 7.78
C HIS B 110 22.52 1.25 7.85
N GLN B 111 21.87 1.42 6.70
CA GLN B 111 20.41 1.37 6.65
C GLN B 111 19.83 0.03 7.14
N ASP B 112 20.57 -1.07 6.93
CA ASP B 112 20.07 -2.46 7.18
C ASP B 112 20.27 -2.95 8.61
N PHE B 113 20.79 -2.08 9.47
CA PHE B 113 21.02 -2.41 10.87
C PHE B 113 19.70 -2.86 11.56
N SER B 114 19.79 -4.00 12.24
CA SER B 114 18.61 -4.60 12.80
C SER B 114 18.96 -5.62 13.89
N GLU B 115 17.92 -6.25 14.44
CA GLU B 115 18.16 -7.32 15.39
C GLU B 115 18.90 -8.49 14.74
N ASP B 116 18.74 -8.68 13.42
CA ASP B 116 19.56 -9.67 12.73
C ASP B 116 21.07 -9.47 12.87
N THR B 117 21.53 -8.23 13.04
CA THR B 117 22.95 -7.98 13.26
C THR B 117 23.32 -8.63 14.58
N TYR B 118 22.48 -8.47 15.61
CA TYR B 118 22.80 -9.15 16.86
C TYR B 118 22.68 -10.67 16.74
N ARG B 119 21.70 -11.16 15.97
CA ARG B 119 21.58 -12.62 15.82
C ARG B 119 22.80 -13.29 15.17
N VAL B 120 23.43 -12.59 14.24
CA VAL B 120 24.65 -13.08 13.58
C VAL B 120 25.69 -13.38 14.62
N LEU B 121 25.78 -12.53 15.65
CA LEU B 121 26.71 -12.76 16.75
C LEU B 121 26.44 -13.98 17.61
N THR B 122 25.23 -14.53 17.59
CA THR B 122 24.94 -15.78 18.28
C THR B 122 25.47 -16.98 17.50
N ALA B 123 25.77 -16.77 16.23
CA ALA B 123 26.17 -17.86 15.37
C ALA B 123 27.71 -18.00 15.21
N VAL B 124 28.48 -17.08 15.75
CA VAL B 124 29.92 -17.06 15.49
C VAL B 124 30.67 -17.48 16.70
N ASP B 125 31.92 -17.90 16.50
CA ASP B 125 32.74 -18.30 17.62
C ASP B 125 33.60 -17.17 18.12
N SER B 126 33.76 -16.15 17.33
CA SER B 126 34.56 -14.96 17.80
C SER B 126 34.20 -13.80 16.90
N ALA B 127 34.77 -12.61 17.22
CA ALA B 127 34.47 -11.44 16.43
C ALA B 127 35.69 -10.54 16.26
N LEU B 128 35.60 -9.69 15.24
CA LEU B 128 36.69 -8.73 14.92
C LEU B 128 36.04 -7.34 15.08
N VAL B 129 36.62 -6.51 15.92
CA VAL B 129 36.15 -5.13 16.09
C VAL B 129 36.91 -4.23 15.15
N VAL B 130 36.22 -3.41 14.35
CA VAL B 130 36.93 -2.45 13.49
C VAL B 130 36.55 -1.10 13.94
N ILE B 131 37.57 -0.31 14.22
CA ILE B 131 37.33 1.06 14.64
C ILE B 131 38.00 2.09 13.74
N ASP B 132 37.30 3.20 13.51
CA ASP B 132 37.88 4.36 12.83
C ASP B 132 38.80 5.02 13.84
N ALA B 133 40.09 5.09 13.50
CA ALA B 133 41.08 5.67 14.41
C ALA B 133 40.79 7.12 14.79
N ALA B 134 40.11 7.88 13.91
CA ALA B 134 39.73 9.28 14.25
C ALA B 134 38.60 9.39 15.25
N LYS B 135 37.80 8.34 15.40
CA LYS B 135 36.59 8.42 16.21
C LYS B 135 36.65 7.53 17.46
N GLY B 136 37.44 6.46 17.41
CA GLY B 136 37.52 5.54 18.52
C GLY B 136 36.25 4.70 18.58
N VAL B 137 35.90 4.24 19.79
CA VAL B 137 34.78 3.32 19.93
C VAL B 137 33.49 4.15 19.77
N GLU B 138 32.58 3.70 18.91
CA GLU B 138 31.38 4.52 18.65
C GLU B 138 30.14 3.76 19.09
N ALA B 139 28.96 4.38 18.96
CA ALA B 139 27.74 3.84 19.51
C ALA B 139 27.46 2.37 19.18
N GLN B 140 27.48 2.02 17.90
CA GLN B 140 27.14 0.67 17.49
C GLN B 140 28.25 -0.33 17.80
N THR B 141 29.49 0.14 17.80
CA THR B 141 30.61 -0.70 18.22
C THR B 141 30.32 -1.20 19.65
N ARG B 142 29.89 -0.30 20.52
CA ARG B 142 29.69 -0.59 21.92
C ARG B 142 28.46 -1.52 22.12
N LYS B 143 27.36 -1.27 21.40
CA LYS B 143 26.14 -2.10 21.53
C LYS B 143 26.44 -3.52 21.07
N LEU B 144 27.20 -3.65 19.99
CA LEU B 144 27.50 -4.97 19.43
C LEU B 144 28.45 -5.71 20.38
N MET B 145 29.46 -5.02 20.88
CA MET B 145 30.34 -5.60 21.90
C MET B 145 29.54 -6.03 23.11
N ASP B 146 28.51 -5.28 23.49
CA ASP B 146 27.64 -5.70 24.63
C ASP B 146 27.10 -7.14 24.45
N VAL B 147 26.75 -7.47 23.23
CA VAL B 147 26.25 -8.82 22.86
C VAL B 147 27.41 -9.86 22.97
N CYS B 148 28.59 -9.57 22.41
CA CYS B 148 29.74 -10.44 22.55
C CYS B 148 30.06 -10.64 24.03
N ARG B 149 29.97 -9.57 24.83
CA ARG B 149 30.28 -9.73 26.25
C ARG B 149 29.37 -10.77 26.94
N MET B 150 28.10 -10.78 26.57
CA MET B 150 27.13 -11.64 27.27
C MET B 150 27.44 -13.11 27.02
N ARG B 151 27.99 -13.37 25.82
CA ARG B 151 28.33 -14.68 25.38
C ARG B 151 29.79 -15.03 25.61
N ALA B 152 30.54 -14.11 26.20
CA ALA B 152 32.01 -14.20 26.33
C ALA B 152 32.67 -14.54 25.01
N THR B 153 32.26 -13.85 23.97
CA THR B 153 32.83 -14.13 22.66
C THR B 153 34.19 -13.48 22.59
N PRO B 154 35.19 -14.23 22.17
CA PRO B 154 36.54 -13.62 22.01
C PRO B 154 36.54 -12.56 20.91
N VAL B 155 37.34 -11.50 21.07
CA VAL B 155 37.38 -10.46 20.03
C VAL B 155 38.79 -9.99 19.78
N MET B 156 39.11 -9.79 18.52
CA MET B 156 40.33 -9.08 18.13
C MET B 156 39.93 -7.72 17.62
N THR B 157 40.88 -6.80 17.60
CA THR B 157 40.52 -5.42 17.25
C THR B 157 41.47 -4.87 16.19
N PHE B 158 40.90 -4.26 15.13
CA PHE B 158 41.67 -3.63 14.06
C PHE B 158 41.35 -2.14 14.08
N VAL B 159 42.38 -1.35 14.29
CA VAL B 159 42.22 0.07 14.34
C VAL B 159 42.54 0.60 12.95
N ASN B 160 41.50 1.07 12.28
CA ASN B 160 41.57 1.44 10.88
C ASN B 160 41.80 2.90 10.58
N LYS B 161 42.22 3.18 9.34
CA LYS B 161 42.37 4.58 8.83
C LYS B 161 43.57 5.33 9.43
N MET B 162 44.66 4.60 9.75
CA MET B 162 45.85 5.25 10.30
C MET B 162 46.49 6.25 9.30
N ASP B 163 46.10 6.11 8.03
CA ASP B 163 46.66 6.94 6.96
C ASP B 163 46.02 8.35 6.92
N ARG B 164 44.98 8.57 7.72
CA ARG B 164 44.36 9.88 7.98
C ARG B 164 44.66 10.31 9.41
N GLU B 165 44.44 11.59 9.73
CA GLU B 165 44.66 12.08 11.10
C GLU B 165 43.82 11.26 12.07
N ALA B 166 44.39 10.94 13.23
CA ALA B 166 43.79 9.93 14.11
C ALA B 166 43.99 10.36 15.56
N LEU B 167 43.21 9.77 16.45
CA LEU B 167 43.55 9.77 17.87
C LEU B 167 44.96 9.18 18.09
N HIS B 168 45.68 9.70 19.10
CA HIS B 168 46.95 9.07 19.51
C HIS B 168 46.68 7.61 19.92
N PRO B 169 47.56 6.64 19.52
CA PRO B 169 47.29 5.24 19.79
C PRO B 169 47.17 4.92 21.27
N LEU B 170 47.84 5.64 22.16
CA LEU B 170 47.60 5.51 23.60
C LEU B 170 46.15 5.81 23.99
N ASP B 171 45.62 6.93 23.50
CA ASP B 171 44.26 7.33 23.72
C ASP B 171 43.29 6.36 23.14
N VAL B 172 43.64 5.78 22.00
CA VAL B 172 42.72 4.84 21.34
C VAL B 172 42.62 3.55 22.18
N MET B 173 43.75 3.13 22.76
CA MET B 173 43.83 1.94 23.61
C MET B 173 43.00 2.17 24.88
N ALA B 174 43.09 3.36 25.47
CA ALA B 174 42.38 3.63 26.70
C ALA B 174 40.87 3.63 26.37
N ASP B 175 40.53 4.13 25.16
CA ASP B 175 39.14 4.26 24.71
C ASP B 175 38.54 2.86 24.49
N ILE B 176 39.32 1.99 23.87
CA ILE B 176 38.89 0.60 23.69
C ILE B 176 38.64 -0.07 25.07
N GLU B 177 39.58 0.07 25.98
CA GLU B 177 39.37 -0.58 27.30
C GLU B 177 38.19 -0.04 28.06
N GLN B 178 38.05 1.30 28.08
CA GLN B 178 36.93 1.94 28.72
C GLN B 178 35.54 1.48 28.22
N HIS B 179 35.35 1.43 26.91
CA HIS B 179 34.04 1.33 26.30
C HIS B 179 33.79 -0.10 25.83
N LEU B 180 34.85 -0.86 25.63
CA LEU B 180 34.65 -2.31 25.34
C LEU B 180 34.87 -3.20 26.57
N GLN B 181 35.41 -2.61 27.65
CA GLN B 181 35.50 -3.28 28.97
C GLN B 181 36.34 -4.55 28.81
N ILE B 182 37.52 -4.35 28.32
CA ILE B 182 38.38 -5.42 27.91
C ILE B 182 39.82 -4.91 27.94
N GLU B 183 40.79 -5.78 28.29
CA GLU B 183 42.22 -5.47 28.35
C GLU B 183 42.74 -5.44 26.89
N CYS B 184 43.42 -4.38 26.53
CA CYS B 184 44.03 -4.28 25.18
C CYS B 184 45.46 -4.80 25.13
N ALA B 185 45.77 -5.77 24.25
CA ALA B 185 47.17 -6.22 24.11
C ALA B 185 47.62 -5.72 22.73
N PRO B 186 48.47 -4.68 22.69
CA PRO B 186 48.90 -4.21 21.41
C PRO B 186 49.78 -5.28 20.71
N MET B 187 49.46 -5.61 19.45
CA MET B 187 50.23 -6.59 18.63
C MET B 187 51.08 -5.86 17.61
N THR B 188 50.50 -4.80 17.06
CA THR B 188 51.28 -3.93 16.17
C THR B 188 51.08 -2.55 16.72
N TRP B 189 52.00 -1.65 16.42
CA TRP B 189 51.93 -0.30 16.94
C TRP B 189 52.24 0.68 15.77
N PRO B 190 51.44 1.75 15.61
CA PRO B 190 51.64 2.61 14.45
C PRO B 190 52.77 3.61 14.69
N ILE B 191 53.48 3.99 13.64
CA ILE B 191 54.42 5.10 13.72
C ILE B 191 53.77 6.25 12.95
N GLY B 192 53.43 7.32 13.65
CA GLY B 192 52.79 8.48 12.99
C GLY B 192 51.32 8.22 12.66
N MET B 193 50.74 9.15 11.90
CA MET B 193 49.34 9.04 11.54
C MET B 193 49.13 10.13 10.47
N GLY B 194 48.15 9.93 9.57
CA GLY B 194 47.96 10.90 8.45
C GLY B 194 49.13 11.09 7.44
N SER B 195 49.42 12.35 6.99
CA SER B 195 50.55 12.57 6.02
C SER B 195 51.96 12.16 6.53
N SER B 196 52.16 12.20 7.85
CA SER B 196 53.28 11.43 8.63
C SER B 196 53.18 9.89 8.96
N PHE B 197 52.15 9.18 8.45
CA PHE B 197 52.02 7.71 8.72
C PHE B 197 53.07 6.88 8.03
N LYS B 198 53.90 6.24 8.84
CA LYS B 198 55.07 5.49 8.32
C LYS B 198 54.87 3.96 8.25
N GLY B 199 53.94 3.42 9.03
CA GLY B 199 53.64 1.99 9.03
C GLY B 199 53.55 1.54 10.48
N THR B 200 53.84 0.27 10.76
CA THR B 200 53.68 -0.24 12.10
C THR B 200 54.92 -1.03 12.51
N TYR B 201 55.04 -1.24 13.80
CA TYR B 201 56.04 -2.11 14.34
C TYR B 201 55.33 -3.29 14.99
N ASP B 202 55.78 -4.48 14.63
CA ASP B 202 55.14 -5.71 15.15
C ASP B 202 55.90 -6.17 16.36
N LEU B 203 55.30 -6.08 17.54
CA LEU B 203 56.02 -6.32 18.79
C LEU B 203 56.60 -7.71 18.98
N LEU B 204 55.83 -8.74 18.69
CA LEU B 204 56.30 -10.10 18.89
C LEU B 204 57.22 -10.58 17.75
N HIS B 205 56.96 -10.18 16.50
CA HIS B 205 57.87 -10.55 15.40
C HIS B 205 59.10 -9.64 15.21
N LYS B 206 59.11 -8.51 15.91
CA LYS B 206 60.21 -7.59 15.87
C LYS B 206 60.47 -7.14 14.46
N GLN B 207 59.37 -6.81 13.77
CA GLN B 207 59.42 -6.36 12.36
C GLN B 207 58.74 -5.03 12.20
N LEU B 208 59.33 -4.24 11.31
CA LEU B 208 58.82 -2.95 10.91
C LEU B 208 58.19 -3.14 9.53
N HIS B 209 56.92 -2.79 9.43
CA HIS B 209 56.16 -2.85 8.13
C HIS B 209 55.97 -1.44 7.69
N LEU B 210 56.62 -1.09 6.57
CA LEU B 210 56.58 0.29 6.06
C LEU B 210 55.36 0.51 5.18
N PHE B 211 54.68 1.63 5.36
CA PHE B 211 53.50 1.95 4.56
C PHE B 211 53.83 2.68 3.25
N ILE B 219 52.05 -5.14 -0.49
CA ILE B 219 52.75 -6.37 -0.85
C ILE B 219 54.02 -6.68 0.00
N GLN B 220 54.66 -5.66 0.59
CA GLN B 220 56.08 -5.74 1.10
C GLN B 220 56.37 -6.61 2.33
N SER B 221 57.60 -7.14 2.45
CA SER B 221 57.97 -7.94 3.63
C SER B 221 58.44 -7.05 4.78
N GLY B 222 58.21 -7.51 6.00
CA GLY B 222 58.65 -6.84 7.23
C GLY B 222 60.18 -6.75 7.27
N ILE B 223 60.66 -5.67 7.85
CA ILE B 223 62.10 -5.46 8.02
C ILE B 223 62.38 -5.87 9.44
N VAL B 224 63.29 -6.84 9.64
CA VAL B 224 63.68 -7.23 11.03
C VAL B 224 64.55 -6.20 11.68
N ILE B 225 64.18 -5.90 12.92
CA ILE B 225 64.77 -4.86 13.73
C ILE B 225 65.51 -5.50 14.88
N HIS B 226 66.78 -5.06 15.08
CA HIS B 226 67.67 -5.58 16.14
C HIS B 226 67.60 -4.73 17.43
N GLY B 227 66.38 -4.47 17.92
CA GLY B 227 66.19 -3.69 19.14
C GLY B 227 66.17 -2.20 18.87
N ALA B 228 65.88 -1.41 19.90
CA ALA B 228 65.63 0.01 19.76
C ALA B 228 66.92 0.75 19.38
N ASP B 229 68.09 0.14 19.56
CA ASP B 229 69.37 0.70 19.08
C ASP B 229 69.61 0.59 17.56
N ASP B 230 68.66 0.03 16.82
CA ASP B 230 68.85 -0.23 15.39
C ASP B 230 68.76 1.05 14.50
N PRO B 231 69.83 1.38 13.71
CA PRO B 231 69.75 2.65 12.94
C PRO B 231 68.80 2.56 11.74
N GLN B 232 68.28 1.36 11.51
CA GLN B 232 67.21 1.11 10.50
C GLN B 232 65.96 1.86 10.83
N LEU B 233 65.70 1.99 12.14
CA LEU B 233 64.60 2.80 12.64
C LEU B 233 64.80 4.28 12.22
N ASP B 234 66.00 4.82 12.37
CA ASP B 234 66.31 6.18 11.89
C ASP B 234 66.47 6.34 10.32
N GLU B 235 66.85 5.22 9.73
CA GLU B 235 66.88 5.12 8.27
C GLU B 235 65.49 5.25 7.65
N TYR B 236 64.55 4.46 8.13
CA TYR B 236 63.23 4.38 7.54
C TYR B 236 62.22 5.33 8.14
N LEU B 237 62.42 5.71 9.40
CA LEU B 237 61.43 6.57 10.04
C LEU B 237 61.94 7.98 10.37
N GLY B 238 63.19 8.29 10.04
CA GLY B 238 63.72 9.66 10.27
C GLY B 238 63.55 10.05 11.73
N ASP B 239 63.09 11.26 11.96
CA ASP B 239 62.81 11.77 13.30
C ASP B 239 61.75 11.04 14.15
N GLN B 240 60.86 10.27 13.51
CA GLN B 240 59.76 9.59 14.21
C GLN B 240 60.21 8.30 14.85
N ALA B 241 61.47 7.95 14.65
CA ALA B 241 62.12 6.84 15.37
C ALA B 241 62.09 7.07 16.89
N GLU B 242 62.39 8.31 17.35
CA GLU B 242 62.34 8.60 18.78
C GLU B 242 60.96 8.34 19.39
N GLN B 243 59.88 8.67 18.69
CA GLN B 243 58.58 8.49 19.22
C GLN B 243 58.32 7.00 19.34
N LEU B 244 58.76 6.24 18.34
CA LEU B 244 58.54 4.80 18.42
C LEU B 244 59.31 4.24 19.61
N ARG B 245 60.56 4.72 19.83
CA ARG B 245 61.39 4.23 20.94
C ARG B 245 60.75 4.47 22.34
N MET B 246 60.22 5.66 22.54
CA MET B 246 59.55 6.02 23.79
C MET B 246 58.27 5.23 23.96
N ASP B 247 57.55 4.99 22.85
CA ASP B 247 56.31 4.26 22.90
C ASP B 247 56.62 2.80 23.27
N LEU B 248 57.70 2.26 22.69
CA LEU B 248 58.07 0.87 23.02
C LEU B 248 58.49 0.74 24.49
N ALA B 249 59.14 1.76 25.04
CA ALA B 249 59.62 1.66 26.43
C ALA B 249 58.40 1.73 27.38
N LEU B 250 57.43 2.52 26.99
CA LEU B 250 56.17 2.68 27.75
C LEU B 250 55.41 1.36 27.75
N LEU B 251 55.34 0.78 26.57
CA LEU B 251 54.64 -0.50 26.46
C LEU B 251 55.38 -1.61 27.21
N GLU B 252 56.69 -1.59 27.20
CA GLU B 252 57.46 -2.60 27.94
C GLU B 252 57.03 -2.53 29.40
N GLU B 253 56.86 -1.29 29.87
CA GLU B 253 56.62 -1.01 31.26
C GLU B 253 55.13 -1.18 31.68
N ALA B 254 54.18 -0.76 30.83
CA ALA B 254 52.77 -0.60 31.23
C ALA B 254 51.83 -1.42 30.37
N GLY B 255 52.36 -1.98 29.30
CA GLY B 255 51.50 -2.73 28.35
C GLY B 255 51.18 -4.15 28.74
N THR B 256 50.06 -4.65 28.22
CA THR B 256 49.60 -6.00 28.50
C THR B 256 50.06 -6.89 27.34
N PRO B 257 50.77 -8.02 27.63
CA PRO B 257 51.11 -8.99 26.59
C PRO B 257 49.91 -9.80 26.21
N PHE B 258 49.90 -10.25 24.95
CA PHE B 258 48.87 -11.19 24.54
C PHE B 258 48.95 -12.45 25.40
N ASP B 259 47.77 -12.90 25.83
CA ASP B 259 47.64 -14.12 26.52
C ASP B 259 46.47 -14.86 25.93
N GLU B 260 46.73 -15.99 25.35
CA GLU B 260 45.70 -16.77 24.64
C GLU B 260 44.50 -17.15 25.52
N GLU B 261 44.73 -17.65 26.73
CA GLU B 261 43.60 -18.03 27.61
C GLU B 261 42.68 -16.82 27.93
N ARG B 262 43.28 -15.66 28.19
CA ARG B 262 42.43 -14.49 28.51
C ARG B 262 41.68 -13.96 27.29
N TYR B 263 42.33 -14.11 26.12
CA TYR B 263 41.67 -13.77 24.88
C TYR B 263 40.45 -14.67 24.67
N LEU B 264 40.65 -15.99 24.86
CA LEU B 264 39.57 -16.99 24.66
C LEU B 264 38.43 -16.85 25.71
N LYS B 265 38.74 -16.24 26.84
CA LYS B 265 37.70 -15.86 27.82
C LYS B 265 37.00 -14.52 27.58
N GLY B 266 37.39 -13.75 26.55
CA GLY B 266 36.80 -12.40 26.32
C GLY B 266 37.35 -11.36 27.31
N GLU B 267 38.48 -11.63 27.91
CA GLU B 267 39.07 -10.75 28.86
C GLU B 267 40.13 -9.80 28.28
N LEU B 268 40.52 -10.05 27.02
CA LEU B 268 41.69 -9.37 26.48
C LEU B 268 41.54 -9.38 24.99
N THR B 269 41.91 -8.30 24.33
CA THR B 269 41.80 -8.24 22.89
C THR B 269 43.13 -7.89 22.25
N PRO B 270 43.62 -8.69 21.29
CA PRO B 270 44.82 -8.22 20.59
C PRO B 270 44.45 -7.11 19.62
N VAL B 271 45.24 -6.05 19.67
CA VAL B 271 44.96 -4.87 18.87
C VAL B 271 46.01 -4.72 17.70
N PHE B 272 45.52 -4.49 16.49
CA PHE B 272 46.34 -4.24 15.29
C PHE B 272 45.96 -2.88 14.75
N PHE B 273 46.94 -2.16 14.19
CA PHE B 273 46.64 -0.87 13.59
C PHE B 273 46.89 -0.98 12.11
N GLY B 274 46.17 -0.20 11.29
CA GLY B 274 46.43 -0.30 9.90
C GLY B 274 45.62 0.62 9.03
N SER B 275 45.64 0.32 7.73
CA SER B 275 44.88 1.12 6.79
C SER B 275 44.27 0.15 5.74
N ALA B 276 43.00 -0.21 5.90
CA ALA B 276 42.32 -1.23 5.04
C ALA B 276 42.26 -0.85 3.60
N ILE B 277 42.06 0.43 3.38
CA ILE B 277 41.97 0.90 2.01
C ILE B 277 43.30 0.70 1.25
N ASN B 278 44.41 0.64 1.97
CA ASN B 278 45.69 0.37 1.34
C ASN B 278 46.16 -1.08 1.55
N ASN B 279 45.26 -1.91 2.02
CA ASN B 279 45.63 -3.29 2.39
C ASN B 279 46.86 -3.34 3.32
N PHE B 280 46.89 -2.44 4.30
CA PHE B 280 48.06 -2.34 5.16
C PHE B 280 47.70 -2.75 6.55
N GLY B 281 48.49 -3.69 7.09
CA GLY B 281 48.38 -4.16 8.45
C GLY B 281 47.30 -5.21 8.59
N VAL B 282 46.69 -5.55 7.48
CA VAL B 282 45.61 -6.56 7.50
C VAL B 282 46.17 -7.99 7.55
N ARG B 283 47.26 -8.25 6.83
CA ARG B 283 47.89 -9.60 6.86
C ARG B 283 48.25 -9.98 8.31
N GLU B 284 48.87 -9.08 9.06
CA GLU B 284 49.24 -9.46 10.47
C GLU B 284 48.03 -9.87 11.34
N MET B 285 46.95 -9.09 11.20
CA MET B 285 45.71 -9.40 11.87
C MET B 285 45.13 -10.75 11.43
N LEU B 286 45.10 -10.99 10.13
CA LEU B 286 44.48 -12.23 9.60
C LEU B 286 45.30 -13.45 10.09
N ASP B 287 46.63 -13.28 10.12
CA ASP B 287 47.49 -14.41 10.57
C ASP B 287 47.21 -14.71 12.01
N MET B 288 47.10 -13.67 12.84
CA MET B 288 46.82 -13.90 14.27
C MET B 288 45.43 -14.53 14.45
N PHE B 289 44.50 -14.11 13.61
CA PHE B 289 43.10 -14.60 13.66
C PHE B 289 43.06 -16.09 13.37
N VAL B 290 43.65 -16.54 12.23
CA VAL B 290 43.61 -18.02 11.98
C VAL B 290 44.39 -18.83 12.97
N GLU B 291 45.46 -18.25 13.51
CA GLU B 291 46.27 -18.97 14.54
C GLU B 291 45.53 -19.16 15.87
N PHE B 292 44.84 -18.10 16.31
CA PHE B 292 44.34 -18.06 17.69
C PHE B 292 42.82 -17.96 17.88
N ALA B 293 42.10 -17.53 16.85
CA ALA B 293 40.64 -17.45 17.05
C ALA B 293 40.10 -18.86 17.22
N PRO B 294 39.04 -19.03 18.06
CA PRO B 294 38.55 -20.38 18.33
C PRO B 294 37.87 -21.00 17.10
N GLY B 295 38.09 -22.29 16.97
CA GLY B 295 37.22 -23.10 16.11
C GLY B 295 35.85 -23.34 16.76
N PRO B 296 35.02 -24.17 16.09
CA PRO B 296 33.64 -24.35 16.58
C PRO B 296 33.62 -24.84 18.05
N GLN B 297 32.75 -24.21 18.83
CA GLN B 297 32.69 -24.49 20.25
C GLN B 297 31.50 -25.35 20.57
N PRO B 298 31.54 -25.99 21.75
CA PRO B 298 30.35 -26.67 22.17
C PRO B 298 29.23 -25.69 22.37
N ARG B 299 28.02 -26.15 22.16
CA ARG B 299 26.85 -25.33 22.24
C ARG B 299 25.78 -25.93 23.20
N PRO B 300 25.22 -25.10 24.09
CA PRO B 300 24.29 -25.60 25.11
C PRO B 300 22.92 -25.91 24.49
N ALA B 301 22.35 -27.06 24.84
CA ALA B 301 20.94 -27.34 24.59
C ALA B 301 20.17 -27.42 25.92
N ALA B 302 18.84 -27.56 25.86
CA ALA B 302 18.03 -27.63 27.10
C ALA B 302 18.41 -28.84 27.94
N THR B 303 18.79 -29.94 27.30
CA THR B 303 19.02 -31.18 28.03
C THR B 303 20.50 -31.52 28.18
N ARG B 304 21.37 -30.87 27.42
CA ARG B 304 22.82 -31.14 27.47
C ARG B 304 23.68 -30.17 26.64
N VAL B 305 24.99 -30.26 26.82
CA VAL B 305 25.87 -29.47 25.96
C VAL B 305 26.17 -30.34 24.76
N VAL B 306 26.07 -29.78 23.54
CA VAL B 306 26.42 -30.50 22.32
C VAL B 306 27.85 -30.21 21.89
N GLU B 307 28.55 -31.27 21.50
CA GLU B 307 29.96 -31.12 21.13
C GLU B 307 30.04 -31.20 19.60
N PRO B 308 30.92 -30.36 18.97
CA PRO B 308 30.99 -30.36 17.50
C PRO B 308 31.36 -31.71 16.92
N GLY B 309 32.13 -32.54 17.65
CA GLY B 309 32.60 -33.79 17.05
C GLY B 309 31.64 -34.98 17.12
N GLU B 310 30.47 -34.74 17.69
CA GLU B 310 29.38 -35.72 17.68
C GLU B 310 29.02 -35.98 16.24
N GLU B 311 28.91 -37.26 15.88
CA GLU B 311 28.71 -37.65 14.47
C GLU B 311 27.32 -37.25 13.90
N ALA B 312 26.27 -37.32 14.73
CA ALA B 312 24.95 -36.95 14.24
C ALA B 312 24.84 -35.39 14.04
N PHE B 313 24.39 -34.98 12.87
CA PHE B 313 24.18 -33.54 12.59
C PHE B 313 23.19 -32.87 13.55
N THR B 314 23.52 -31.66 14.02
CA THR B 314 22.57 -30.78 14.70
C THR B 314 22.87 -29.39 14.25
N GLY B 315 21.85 -28.54 14.15
CA GLY B 315 22.08 -27.14 13.87
C GLY B 315 20.96 -26.29 14.36
N VAL B 316 21.20 -24.98 14.31
CA VAL B 316 20.27 -24.02 14.81
C VAL B 316 20.12 -22.90 13.86
N VAL B 317 18.87 -22.52 13.65
CA VAL B 317 18.52 -21.38 12.83
C VAL B 317 18.82 -20.09 13.59
N PHE B 318 19.59 -19.21 12.97
CA PHE B 318 19.83 -17.91 13.62
C PHE B 318 19.34 -16.68 12.86
N LYS B 319 18.91 -16.81 11.62
CA LYS B 319 18.53 -15.71 10.81
C LYS B 319 17.60 -16.22 9.72
N ILE B 320 16.61 -15.40 9.35
CA ILE B 320 15.70 -15.78 8.31
C ILE B 320 15.59 -14.56 7.44
N GLN B 321 15.68 -14.78 6.13
CA GLN B 321 15.74 -13.66 5.26
C GLN B 321 14.60 -13.84 4.28
N ALA B 322 13.84 -12.77 4.03
CA ALA B 322 12.58 -12.84 3.25
C ALA B 322 12.57 -12.16 1.89
N ARG B 331 11.73 -17.34 4.50
CA ARG B 331 11.98 -17.83 3.12
C ARG B 331 13.34 -18.54 2.93
N MET B 332 14.47 -17.90 3.21
CA MET B 332 15.72 -18.64 3.40
C MET B 332 16.06 -18.63 4.90
N ALA B 333 16.12 -19.80 5.53
CA ALA B 333 16.57 -19.87 6.96
C ALA B 333 18.06 -20.20 7.01
N PHE B 334 18.83 -19.41 7.75
CA PHE B 334 20.23 -19.69 7.91
C PHE B 334 20.50 -20.51 9.17
N LEU B 335 21.20 -21.61 9.00
CA LEU B 335 21.52 -22.47 10.13
C LEU B 335 23.01 -22.58 10.35
N ARG B 336 23.42 -22.48 11.60
CA ARG B 336 24.79 -22.77 11.98
C ARG B 336 24.87 -24.28 12.30
N ILE B 337 25.85 -25.00 11.76
CA ILE B 337 26.01 -26.41 12.05
C ILE B 337 26.73 -26.51 13.42
N CYS B 338 26.14 -27.23 14.38
CA CYS B 338 26.71 -27.32 15.75
C CYS B 338 27.48 -28.66 15.92
N SER B 339 27.04 -29.69 15.20
CA SER B 339 27.75 -31.00 15.19
C SER B 339 27.49 -31.77 13.91
N GLY B 340 28.26 -32.85 13.69
CA GLY B 340 28.06 -33.74 12.53
C GLY B 340 28.29 -33.06 11.18
N THR B 341 27.81 -33.68 10.11
CA THR B 341 28.11 -33.28 8.73
C THR B 341 26.79 -33.10 8.05
N PHE B 342 26.65 -31.98 7.33
CA PHE B 342 25.50 -31.74 6.50
C PHE B 342 25.75 -32.23 5.05
N THR B 343 24.84 -33.03 4.47
CA THR B 343 24.85 -33.20 3.01
C THR B 343 23.43 -32.97 2.49
N ARG B 344 23.32 -32.56 1.22
CA ARG B 344 22.03 -32.20 0.60
C ARG B 344 21.03 -33.34 0.61
N GLY B 345 21.52 -34.59 0.60
CA GLY B 345 20.58 -35.72 0.57
C GLY B 345 19.88 -36.10 1.87
N MET B 346 20.21 -35.45 2.99
CA MET B 346 19.90 -35.99 4.30
C MET B 346 18.46 -35.71 4.82
N ARG B 347 18.04 -36.48 5.82
CA ARG B 347 16.69 -36.29 6.38
C ARG B 347 16.90 -35.66 7.76
N LEU B 348 16.20 -34.57 8.03
CA LEU B 348 16.34 -33.84 9.27
C LEU B 348 15.01 -33.84 10.03
N LYS B 349 15.10 -33.74 11.33
CA LYS B 349 13.93 -33.63 12.20
C LYS B 349 13.82 -32.19 12.54
N HIS B 350 12.67 -31.62 12.16
CA HIS B 350 12.32 -30.25 12.55
C HIS B 350 11.51 -30.36 13.83
N HIS B 351 12.18 -30.30 14.98
CA HIS B 351 11.51 -30.65 16.24
C HIS B 351 10.34 -29.80 16.61
N ARG B 352 10.43 -28.49 16.42
CA ARG B 352 9.30 -27.65 16.78
C ARG B 352 7.98 -27.97 16.05
N THR B 353 8.03 -28.29 14.75
CA THR B 353 6.81 -28.59 14.02
C THR B 353 6.42 -30.07 14.16
N GLY B 354 7.31 -30.91 14.68
CA GLY B 354 7.14 -32.37 14.66
C GLY B 354 7.22 -32.99 13.27
N LYS B 355 7.94 -32.40 12.33
CA LYS B 355 7.98 -32.98 10.99
C LYS B 355 9.38 -33.43 10.59
N ASP B 356 9.51 -34.44 9.74
CA ASP B 356 10.78 -34.68 9.03
C ASP B 356 10.83 -33.75 7.81
N VAL B 357 12.03 -33.28 7.43
CA VAL B 357 12.14 -32.47 6.23
C VAL B 357 13.29 -32.96 5.36
N THR B 358 13.21 -32.75 4.04
CA THR B 358 14.40 -32.92 3.20
C THR B 358 14.96 -31.55 2.84
N VAL B 359 16.20 -31.57 2.41
CA VAL B 359 16.99 -30.35 2.28
C VAL B 359 17.72 -30.39 0.95
N ALA B 360 17.04 -30.93 -0.06
CA ALA B 360 17.67 -31.12 -1.35
C ALA B 360 18.10 -29.79 -1.92
N ASN B 361 17.37 -28.73 -1.61
CA ASN B 361 17.65 -27.46 -2.26
C ASN B 361 18.41 -26.49 -1.37
N ALA B 362 19.08 -27.03 -0.35
CA ALA B 362 19.86 -26.22 0.57
C ALA B 362 20.97 -25.47 -0.14
N THR B 363 21.29 -24.30 0.37
CA THR B 363 22.44 -23.51 -0.04
C THR B 363 23.57 -23.89 0.86
N ILE B 364 24.62 -24.44 0.26
CA ILE B 364 25.78 -24.75 1.07
C ILE B 364 26.84 -23.73 0.73
N PHE B 365 27.04 -22.76 1.63
CA PHE B 365 28.01 -21.67 1.38
C PHE B 365 29.39 -22.29 1.41
N MET B 366 30.11 -22.16 0.31
CA MET B 366 31.38 -22.83 0.09
C MET B 366 32.35 -21.87 -0.61
N ALA B 367 33.62 -21.96 -0.27
CA ALA B 367 34.64 -21.16 -0.94
C ALA B 367 34.56 -21.47 -2.44
N GLN B 368 34.74 -20.48 -3.33
CA GLN B 368 34.76 -20.74 -4.79
C GLN B 368 35.83 -21.80 -5.18
N ASP B 369 36.92 -21.82 -4.41
CA ASP B 369 38.05 -22.79 -4.47
C ASP B 369 37.69 -24.30 -4.35
N ARG B 370 37.16 -24.75 -3.20
CA ARG B 370 37.10 -26.19 -2.91
C ARG B 370 36.17 -27.04 -3.79
N THR B 371 36.53 -28.30 -3.97
CA THR B 371 36.20 -29.08 -5.17
C THR B 371 35.54 -30.43 -4.92
N GLY B 372 35.60 -30.91 -3.69
CA GLY B 372 35.20 -32.30 -3.44
C GLY B 372 33.69 -32.56 -3.35
N VAL B 373 33.37 -33.55 -2.47
CA VAL B 373 31.99 -33.83 -1.99
C VAL B 373 31.39 -32.58 -1.34
N GLU B 374 30.13 -32.31 -1.66
CA GLU B 374 29.48 -31.11 -1.17
C GLU B 374 28.91 -31.43 0.22
N GLU B 375 29.63 -31.02 1.24
CA GLU B 375 29.25 -31.31 2.59
C GLU B 375 29.68 -30.13 3.40
N ALA B 376 29.10 -29.96 4.57
CA ALA B 376 29.47 -28.83 5.40
C ALA B 376 29.64 -29.37 6.79
N PHE B 377 30.52 -28.70 7.53
CA PHE B 377 30.96 -29.16 8.85
C PHE B 377 30.61 -28.17 9.99
N PRO B 378 30.80 -28.53 11.25
CA PRO B 378 30.51 -27.63 12.36
C PRO B 378 31.25 -26.31 12.20
N GLY B 379 30.54 -25.22 12.48
CA GLY B 379 31.07 -23.96 12.22
C GLY B 379 30.61 -23.39 10.87
N ASP B 380 30.23 -24.24 9.92
CA ASP B 380 29.77 -23.74 8.62
C ASP B 380 28.27 -23.32 8.71
N ILE B 381 27.81 -22.54 7.74
CA ILE B 381 26.42 -22.09 7.68
C ILE B 381 25.79 -22.68 6.49
N ILE B 382 24.56 -23.10 6.63
CA ILE B 382 23.80 -23.49 5.42
C ILE B 382 22.50 -22.71 5.38
N GLY B 383 21.93 -22.63 4.19
CA GLY B 383 20.65 -21.92 3.98
C GLY B 383 19.61 -22.94 3.58
N ILE B 384 18.48 -22.96 4.31
CA ILE B 384 17.37 -23.94 4.13
C ILE B 384 16.19 -23.13 3.54
N PRO B 385 15.79 -23.38 2.27
CA PRO B 385 14.64 -22.62 1.77
C PRO B 385 13.42 -23.17 2.49
N ASN B 386 12.49 -22.24 2.74
CA ASN B 386 11.47 -22.36 3.77
C ASN B 386 10.22 -21.72 3.10
N HIS B 387 9.03 -22.35 3.20
CA HIS B 387 7.76 -21.71 2.83
C HIS B 387 7.15 -20.93 4.03
N GLY B 388 8.00 -20.34 4.88
CA GLY B 388 7.55 -19.66 6.12
C GLY B 388 7.12 -20.56 7.29
N THR B 389 7.78 -21.72 7.41
CA THR B 389 7.53 -22.71 8.46
C THR B 389 8.65 -22.71 9.53
N ILE B 390 9.69 -21.91 9.33
CA ILE B 390 10.86 -21.94 10.29
C ILE B 390 10.83 -20.68 11.19
N LYS B 391 11.24 -20.82 12.43
CA LYS B 391 11.25 -19.75 13.41
C LYS B 391 12.72 -19.61 13.87
N ILE B 392 13.11 -18.39 14.24
CA ILE B 392 14.44 -18.18 14.80
C ILE B 392 14.67 -19.10 16.00
N GLY B 393 15.86 -19.69 16.09
CA GLY B 393 16.24 -20.63 17.16
C GLY B 393 15.81 -22.06 16.94
N ASP B 394 15.07 -22.38 15.87
CA ASP B 394 14.66 -23.77 15.59
C ASP B 394 15.87 -24.68 15.49
N THR B 395 15.75 -25.83 16.12
CA THR B 395 16.79 -26.78 16.11
C THR B 395 16.41 -27.90 15.16
N PHE B 396 17.39 -28.29 14.32
CA PHE B 396 17.23 -29.41 13.39
C PHE B 396 18.26 -30.51 13.75
N THR B 397 17.85 -31.78 13.72
CA THR B 397 18.81 -32.83 14.01
C THR B 397 18.69 -33.97 13.00
N GLU B 398 19.75 -34.75 12.88
CA GLU B 398 19.69 -36.01 12.14
C GLU B 398 19.12 -37.13 13.02
N SER B 399 19.42 -37.12 14.32
CA SER B 399 18.92 -38.23 15.16
C SER B 399 17.50 -37.94 15.62
N LYS B 400 16.85 -38.97 16.13
CA LYS B 400 15.53 -38.80 16.71
C LYS B 400 15.54 -38.05 18.02
N GLU B 401 16.72 -37.91 18.64
CA GLU B 401 16.85 -37.22 19.92
C GLU B 401 16.20 -35.84 19.84
N VAL B 402 15.35 -35.51 20.81
CA VAL B 402 14.75 -34.18 20.86
C VAL B 402 15.79 -33.24 21.50
N LEU B 403 16.25 -32.26 20.73
CA LEU B 403 17.22 -31.29 21.20
C LEU B 403 16.66 -29.93 20.96
N LYS B 404 16.99 -29.01 21.85
CA LYS B 404 16.58 -27.64 21.67
C LYS B 404 17.73 -26.79 22.07
N PHE B 405 18.35 -26.11 21.10
CA PHE B 405 19.45 -25.26 21.42
C PHE B 405 18.98 -24.05 22.16
N VAL B 406 19.81 -23.56 23.06
CA VAL B 406 19.42 -22.41 23.87
C VAL B 406 20.43 -21.29 23.67
N GLY B 407 20.15 -20.09 24.16
CA GLY B 407 21.06 -19.00 23.93
C GLY B 407 20.91 -18.27 22.63
N ILE B 408 19.75 -18.33 22.01
CA ILE B 408 19.47 -17.37 20.96
C ILE B 408 18.25 -16.58 21.48
N PRO B 409 18.51 -15.35 21.94
CA PRO B 409 17.41 -14.64 22.59
C PRO B 409 16.89 -13.54 21.64
N ASN B 410 15.80 -12.87 22.02
CA ASN B 410 15.46 -11.55 21.48
C ASN B 410 16.27 -10.59 22.36
N PHE B 411 16.59 -9.45 21.76
CA PHE B 411 17.39 -8.42 22.42
C PHE B 411 16.50 -7.22 22.62
N ALA B 412 16.72 -6.45 23.70
CA ALA B 412 15.84 -5.38 24.03
C ALA B 412 15.92 -4.35 22.92
N PRO B 413 14.78 -4.05 22.31
CA PRO B 413 14.71 -3.05 21.27
C PRO B 413 14.89 -1.63 21.88
N GLU B 414 15.25 -0.66 21.04
CA GLU B 414 15.35 0.73 21.54
C GLU B 414 14.43 1.69 20.76
N HIS B 415 13.65 1.17 19.80
CA HIS B 415 12.79 1.99 18.99
C HIS B 415 11.43 1.36 18.99
N PHE B 416 10.39 2.16 19.21
CA PHE B 416 9.06 1.59 19.43
C PHE B 416 8.06 2.44 18.66
N ARG B 417 7.01 1.78 18.15
CA ARG B 417 5.93 2.52 17.52
C ARG B 417 4.63 1.78 17.79
N ARG B 418 3.55 2.53 17.83
CA ARG B 418 2.24 1.89 17.86
C ARG B 418 1.74 1.67 16.43
N VAL B 419 1.11 0.51 16.19
CA VAL B 419 0.52 0.24 14.87
C VAL B 419 -0.94 0.60 14.84
N ARG B 420 -1.34 1.25 13.76
CA ARG B 420 -2.74 1.61 13.56
C ARG B 420 -3.15 1.08 12.21
N LEU B 421 -4.38 0.66 12.13
CA LEU B 421 -4.90 0.03 10.95
C LEU B 421 -6.01 0.95 10.42
N LYS B 422 -5.92 1.38 9.16
CA LYS B 422 -7.03 2.15 8.53
C LYS B 422 -8.31 1.35 8.34
N ASN B 423 -8.16 0.13 7.82
CA ASN B 423 -9.29 -0.77 7.60
C ASN B 423 -9.50 -1.66 8.83
N PRO B 424 -10.54 -1.37 9.61
CA PRO B 424 -10.87 -2.20 10.75
C PRO B 424 -11.12 -3.68 10.35
N LEU B 425 -11.59 -3.93 9.11
CA LEU B 425 -11.84 -5.32 8.61
C LEU B 425 -10.59 -6.23 8.48
N LYS B 426 -9.40 -5.66 8.67
CA LYS B 426 -8.16 -6.41 8.47
C LYS B 426 -7.47 -6.76 9.79
N ALA B 427 -8.17 -6.59 10.93
CA ALA B 427 -7.55 -6.78 12.24
C ALA B 427 -6.97 -8.21 12.38
N LYS B 428 -7.70 -9.20 11.83
CA LYS B 428 -7.25 -10.59 11.99
C LYS B 428 -5.96 -10.80 11.20
N GLN B 429 -5.94 -10.26 9.98
CA GLN B 429 -4.79 -10.40 9.09
C GLN B 429 -3.57 -9.70 9.70
N LEU B 430 -3.80 -8.56 10.36
CA LEU B 430 -2.72 -7.81 11.02
C LEU B 430 -2.05 -8.65 12.10
N GLN B 431 -2.86 -9.33 12.90
CA GLN B 431 -2.25 -10.09 14.01
C GLN B 431 -1.52 -11.33 13.48
N LYS B 432 -2.10 -11.97 12.46
CA LYS B 432 -1.50 -13.10 11.77
C LYS B 432 -0.13 -12.67 11.23
N GLY B 433 -0.13 -11.56 10.48
CA GLY B 433 1.09 -11.04 9.87
C GLY B 433 2.13 -10.67 10.92
N LEU B 434 1.69 -10.00 11.95
CA LEU B 434 2.66 -9.61 12.96
C LEU B 434 3.23 -10.78 13.72
N GLU B 435 2.39 -11.74 14.00
CA GLU B 435 2.87 -12.93 14.71
C GLU B 435 3.90 -13.71 13.93
N GLN B 436 3.68 -13.82 12.61
CA GLN B 436 4.63 -14.52 11.72
C GLN B 436 5.91 -13.73 11.61
N LEU B 437 5.79 -12.41 11.47
CA LEU B 437 6.99 -11.59 11.28
C LEU B 437 7.83 -11.60 12.56
N ALA B 438 7.14 -11.70 13.69
CA ALA B 438 7.81 -11.86 14.97
C ALA B 438 8.53 -13.20 15.13
N GLU B 439 7.92 -14.32 14.71
CA GLU B 439 8.63 -15.60 14.65
C GLU B 439 9.94 -15.61 13.82
N GLU B 440 9.94 -14.90 12.68
CA GLU B 440 11.08 -14.80 11.78
C GLU B 440 12.08 -13.71 12.17
N GLY B 441 11.80 -13.01 13.29
CA GLY B 441 12.74 -12.07 13.88
C GLY B 441 12.62 -10.72 13.19
N ALA B 442 11.54 -10.49 12.43
CA ALA B 442 11.46 -9.22 11.70
C ALA B 442 11.15 -8.00 12.61
N VAL B 443 10.53 -8.29 13.76
CA VAL B 443 10.15 -7.27 14.76
C VAL B 443 9.71 -7.95 16.05
N GLN B 444 9.65 -7.18 17.14
CA GLN B 444 9.10 -7.71 18.39
C GLN B 444 7.78 -7.05 18.61
N LEU B 445 6.88 -7.78 19.25
CA LEU B 445 5.55 -7.31 19.48
C LEU B 445 5.29 -7.21 20.97
N PHE B 446 4.70 -6.12 21.44
CA PHE B 446 4.36 -5.98 22.86
C PHE B 446 2.94 -5.55 22.97
N ARG B 447 2.22 -6.24 23.83
CA ARG B 447 0.77 -5.99 24.05
C ARG B 447 0.62 -5.46 25.46
N PRO B 448 0.46 -4.13 25.64
CA PRO B 448 0.32 -3.55 26.95
C PRO B 448 -0.85 -4.21 27.70
N LEU B 449 -0.69 -4.36 29.01
CA LEU B 449 -1.71 -4.86 29.88
C LEU B 449 -2.94 -3.94 29.95
N VAL B 450 -2.76 -2.64 29.82
CA VAL B 450 -3.84 -1.67 30.05
C VAL B 450 -4.62 -1.30 28.77
N ASN B 451 -4.30 -1.90 27.62
CA ASN B 451 -5.04 -1.61 26.37
C ASN B 451 -4.91 -2.74 25.34
N ASN B 452 -5.47 -2.50 24.15
CA ASN B 452 -5.41 -3.45 23.05
C ASN B 452 -4.37 -3.11 21.96
N ASP B 453 -3.47 -2.16 22.22
CA ASP B 453 -2.53 -1.70 21.18
C ASP B 453 -1.50 -2.76 20.86
N TYR B 454 -1.01 -2.76 19.65
CA TYR B 454 0.18 -3.54 19.29
C TYR B 454 1.32 -2.54 19.32
N ILE B 455 2.31 -2.72 20.20
CA ILE B 455 3.48 -1.82 20.22
C ILE B 455 4.62 -2.60 19.59
N LEU B 456 5.18 -2.09 18.52
CA LEU B 456 6.25 -2.82 17.86
C LEU B 456 7.60 -2.34 18.41
N GLY B 457 8.51 -3.28 18.68
CA GLY B 457 9.89 -2.89 19.06
C GLY B 457 10.90 -3.29 18.00
N ALA B 458 11.76 -2.35 17.61
CA ALA B 458 12.82 -2.63 16.64
C ALA B 458 14.17 -2.31 17.23
N VAL B 459 15.15 -3.14 16.89
CA VAL B 459 16.52 -2.82 17.22
C VAL B 459 17.02 -1.74 16.29
N GLY B 460 16.64 -1.83 15.04
CA GLY B 460 17.03 -0.83 14.04
C GLY B 460 15.78 -0.23 13.42
N VAL B 461 15.78 1.09 13.16
CA VAL B 461 14.51 1.72 12.72
C VAL B 461 14.02 1.29 11.36
N LEU B 462 14.93 0.85 10.48
CA LEU B 462 14.52 0.42 9.13
C LEU B 462 13.62 -0.81 9.18
N GLN B 463 13.69 -1.56 10.28
CA GLN B 463 12.84 -2.71 10.43
C GLN B 463 11.37 -2.29 10.29
N PHE B 464 11.02 -1.08 10.73
CA PHE B 464 9.62 -0.65 10.70
C PHE B 464 9.15 -0.56 9.23
N ASP B 465 10.03 -0.14 8.33
CA ASP B 465 9.70 0.00 6.91
C ASP B 465 9.46 -1.37 6.30
N VAL B 466 10.35 -2.31 6.64
CA VAL B 466 10.26 -3.71 6.19
C VAL B 466 8.90 -4.29 6.66
N ILE B 467 8.56 -4.10 7.96
CA ILE B 467 7.22 -4.58 8.46
C ILE B 467 6.04 -4.03 7.64
N VAL B 468 6.04 -2.72 7.39
CA VAL B 468 4.96 -2.12 6.56
C VAL B 468 4.87 -2.83 5.23
N ALA B 469 6.01 -2.98 4.54
CA ALA B 469 6.03 -3.61 3.20
C ALA B 469 5.51 -5.04 3.23
N ARG B 470 6.02 -5.85 4.16
CA ARG B 470 5.65 -7.26 4.22
C ARG B 470 4.16 -7.46 4.64
N LEU B 471 3.64 -6.61 5.54
CA LEU B 471 2.20 -6.64 5.83
C LEU B 471 1.35 -6.34 4.61
N ALA B 472 1.77 -5.35 3.83
CA ALA B 472 1.02 -4.99 2.61
C ALA B 472 1.12 -6.11 1.58
N ASP B 473 2.36 -6.46 1.25
CA ASP B 473 2.63 -7.51 0.23
C ASP B 473 2.11 -8.94 0.59
N GLU B 474 2.29 -9.39 1.83
CA GLU B 474 1.98 -10.78 2.20
C GLU B 474 0.66 -10.99 2.96
N TYR B 475 0.17 -9.93 3.60
CA TYR B 475 -1.02 -10.04 4.39
C TYR B 475 -2.15 -9.12 3.93
N GLY B 476 -1.84 -8.22 3.00
CA GLY B 476 -2.82 -7.29 2.40
C GLY B 476 -3.33 -6.29 3.40
N VAL B 477 -2.48 -5.96 4.37
CA VAL B 477 -2.84 -5.01 5.44
C VAL B 477 -2.00 -3.75 5.22
N ASP B 478 -2.66 -2.59 5.24
CA ASP B 478 -1.99 -1.30 5.18
C ASP B 478 -1.96 -0.76 6.62
N ALA B 479 -0.76 -0.80 7.18
CA ALA B 479 -0.41 -0.38 8.53
C ALA B 479 0.24 0.99 8.54
N VAL B 480 -0.06 1.77 9.57
CA VAL B 480 0.49 3.09 9.79
C VAL B 480 1.05 3.05 11.21
N TYR B 481 2.08 3.84 11.44
CA TYR B 481 2.63 3.95 12.80
C TYR B 481 2.28 5.25 13.50
N GLU B 482 2.35 5.21 14.83
CA GLU B 482 2.30 6.42 15.66
C GLU B 482 3.49 6.37 16.64
N GLY B 483 4.09 7.52 16.93
CA GLY B 483 5.23 7.55 17.91
C GLY B 483 4.65 7.35 19.32
N VAL B 484 5.48 6.82 20.23
CA VAL B 484 5.09 6.52 21.60
C VAL B 484 6.20 7.04 22.51
N SER B 485 5.93 7.18 23.78
CA SER B 485 7.01 7.62 24.66
C SER B 485 8.13 6.58 24.87
N THR B 486 7.87 5.29 24.56
CA THR B 486 8.75 4.20 25.02
C THR B 486 10.04 4.23 24.22
N HIS B 487 11.16 4.09 24.90
CA HIS B 487 12.47 3.87 24.22
C HIS B 487 13.23 2.71 24.82
N THR B 488 12.65 2.03 25.82
CA THR B 488 13.44 1.10 26.59
C THR B 488 12.50 -0.03 26.97
N ALA B 489 12.99 -1.26 26.85
CA ALA B 489 12.26 -2.43 27.34
C ALA B 489 13.20 -3.36 28.05
N ARG B 490 12.67 -3.97 29.11
CA ARG B 490 13.39 -4.97 29.83
C ARG B 490 12.44 -6.08 30.19
N TRP B 491 12.93 -7.31 30.14
CA TRP B 491 12.08 -8.41 30.60
C TRP B 491 12.25 -8.63 32.10
N VAL B 492 11.15 -8.76 32.82
CA VAL B 492 11.20 -8.78 34.29
C VAL B 492 10.90 -10.15 34.90
N TYR B 493 11.59 -10.41 36.01
CA TYR B 493 11.51 -11.73 36.66
C TYR B 493 11.66 -11.44 38.15
N CYS B 494 11.02 -12.27 38.96
CA CYS B 494 11.18 -12.13 40.42
C CYS B 494 10.77 -13.39 41.13
N GLU B 495 11.56 -13.76 42.12
CA GLU B 495 11.37 -14.99 42.86
C GLU B 495 10.40 -14.81 44.03
N ASP B 496 10.33 -13.60 44.54
CA ASP B 496 9.40 -13.28 45.63
C ASP B 496 8.05 -12.94 44.99
N LYS B 497 7.10 -13.86 45.12
CA LYS B 497 5.80 -13.71 44.47
C LYS B 497 5.07 -12.44 44.97
N LYS B 498 5.22 -12.18 46.27
CA LYS B 498 4.63 -10.97 46.87
C LYS B 498 5.19 -9.67 46.31
N ILE B 499 6.51 -9.55 46.24
CA ILE B 499 7.14 -8.37 45.67
C ILE B 499 6.70 -8.22 44.19
N PHE B 500 6.74 -9.34 43.48
CA PHE B 500 6.43 -9.31 42.03
C PHE B 500 5.01 -8.84 41.79
N ALA B 501 4.03 -9.37 42.58
CA ALA B 501 2.63 -8.90 42.54
C ALA B 501 2.51 -7.40 42.84
N ASP B 502 3.23 -6.94 43.83
CA ASP B 502 3.27 -5.50 44.17
C ASP B 502 3.81 -4.65 43.00
N PHE B 503 4.95 -5.08 42.45
CA PHE B 503 5.53 -4.52 41.22
C PHE B 503 4.53 -4.48 40.08
N GLN B 504 3.83 -5.58 39.85
CA GLN B 504 2.92 -5.63 38.72
C GLN B 504 1.71 -4.74 38.88
N ASP B 505 1.26 -4.58 40.12
CA ASP B 505 0.23 -3.59 40.50
C ASP B 505 0.77 -2.16 40.27
N TYR B 506 1.87 -1.78 40.92
CA TYR B 506 2.34 -0.41 40.84
C TYR B 506 2.67 -0.07 39.39
N HIS B 507 3.25 -1.01 38.63
CA HIS B 507 3.73 -0.67 37.29
C HIS B 507 2.83 -1.20 36.19
N ARG B 508 1.59 -1.45 36.56
CA ARG B 508 0.68 -2.00 35.62
C ARG B 508 0.63 -1.23 34.28
N GLY B 509 0.69 0.10 34.35
CA GLY B 509 0.65 0.93 33.13
C GLY B 509 1.91 0.98 32.25
N GLU B 510 2.98 0.36 32.74
CA GLU B 510 4.23 0.22 32.04
C GLU B 510 4.52 -1.22 31.56
N LEU B 511 3.65 -2.18 31.81
CA LEU B 511 3.97 -3.56 31.49
C LEU B 511 3.28 -4.03 30.23
N ALA B 512 3.86 -5.04 29.57
CA ALA B 512 3.29 -5.54 28.32
C ALA B 512 3.74 -7.00 28.20
N VAL B 513 2.95 -7.81 27.53
CA VAL B 513 3.33 -9.18 27.26
C VAL B 513 3.81 -9.28 25.80
N ASP B 514 4.96 -9.93 25.57
CA ASP B 514 5.42 -9.96 24.17
C ASP B 514 4.98 -11.21 23.42
N ALA B 515 5.49 -11.34 22.20
CA ALA B 515 4.98 -12.42 21.33
C ALA B 515 5.32 -13.79 21.88
N GLU B 516 6.33 -13.91 22.72
CA GLU B 516 6.64 -15.21 23.31
C GLU B 516 5.87 -15.38 24.63
N GLY B 517 5.03 -14.44 25.02
CA GLY B 517 4.30 -14.55 26.31
C GLY B 517 5.09 -14.12 27.53
N ALA B 518 6.22 -13.43 27.30
CA ALA B 518 7.10 -12.95 28.38
C ALA B 518 6.68 -11.55 28.80
N LEU B 519 6.83 -11.26 30.08
CA LEU B 519 6.40 -9.97 30.61
C LEU B 519 7.56 -8.99 30.48
N ALA B 520 7.27 -7.82 29.90
CA ALA B 520 8.26 -6.74 29.69
C ALA B 520 7.80 -5.42 30.30
N TYR B 521 8.78 -4.67 30.80
CA TYR B 521 8.53 -3.37 31.39
C TYR B 521 9.01 -2.41 30.30
N LEU B 522 8.13 -1.54 29.87
CA LEU B 522 8.36 -0.57 28.81
C LEU B 522 8.53 0.83 29.45
N ALA B 523 9.69 1.43 29.24
CA ALA B 523 9.96 2.74 29.83
C ALA B 523 10.25 3.80 28.80
N PRO B 524 10.02 5.06 29.17
CA PRO B 524 10.33 6.14 28.30
C PRO B 524 11.82 6.20 27.92
N ASN B 525 12.70 5.85 28.84
CA ASN B 525 14.12 5.88 28.57
C ASN B 525 14.86 5.18 29.71
N PRO B 526 16.21 4.98 29.56
CA PRO B 526 16.89 4.16 30.57
C PRO B 526 17.01 4.87 31.92
N TRP B 527 16.91 6.18 31.97
CA TRP B 527 16.98 6.84 33.25
C TRP B 527 15.67 6.65 34.08
N ARG B 528 14.50 6.79 33.44
CA ARG B 528 13.23 6.37 34.09
C ARG B 528 13.27 4.93 34.52
N LEU B 529 13.84 4.07 33.70
CA LEU B 529 13.99 2.66 34.09
C LEU B 529 14.79 2.54 35.39
N GLU B 530 15.94 3.22 35.43
CA GLU B 530 16.85 3.08 36.63
C GLU B 530 16.09 3.43 37.92
N SER B 531 15.20 4.40 37.83
CA SER B 531 14.37 4.78 38.95
C SER B 531 13.44 3.64 39.41
N ALA B 532 12.79 2.94 38.47
CA ALA B 532 11.96 1.79 38.81
C ALA B 532 12.75 0.57 39.35
N MET B 533 13.97 0.38 38.89
CA MET B 533 14.89 -0.67 39.30
C MET B 533 15.41 -0.44 40.73
N GLU B 534 15.72 0.81 41.05
CA GLU B 534 16.14 1.23 42.41
C GLU B 534 15.02 0.92 43.38
N ARG B 535 13.78 1.08 42.94
CA ARG B 535 12.64 0.89 43.80
C ARG B 535 12.34 -0.59 44.05
N TYR B 536 12.65 -1.44 43.07
CA TYR B 536 12.39 -2.88 43.12
C TYR B 536 13.66 -3.64 42.92
N PRO B 537 14.59 -3.51 43.87
CA PRO B 537 15.88 -4.17 43.79
C PRO B 537 15.80 -5.72 43.69
N LYS B 538 14.67 -6.31 44.09
CA LYS B 538 14.53 -7.77 43.98
C LYS B 538 13.93 -8.20 42.64
N VAL B 539 13.54 -7.24 41.80
CA VAL B 539 13.00 -7.60 40.50
C VAL B 539 14.19 -7.53 39.53
N GLU B 540 14.41 -8.58 38.78
CA GLU B 540 15.41 -8.56 37.65
C GLU B 540 14.90 -7.92 36.39
N PHE B 541 15.70 -7.02 35.81
CA PHE B 541 15.31 -6.33 34.58
C PHE B 541 16.31 -6.73 33.56
N ARG B 542 15.95 -7.64 32.65
CA ARG B 542 16.94 -8.20 31.71
C ARG B 542 16.87 -7.61 30.30
N THR B 543 18.03 -7.58 29.61
CA THR B 543 18.09 -7.03 28.28
C THR B 543 17.93 -8.05 27.18
N THR B 544 17.78 -9.34 27.53
CA THR B 544 17.54 -10.39 26.51
C THR B 544 16.47 -11.33 27.12
N ARG B 545 15.86 -12.11 26.25
CA ARG B 545 14.84 -13.09 26.64
C ARG B 545 14.99 -14.29 25.68
N GLU B 546 15.12 -15.46 26.26
CA GLU B 546 15.31 -16.65 25.44
C GLU B 546 14.06 -16.90 24.62
N ILE B 547 14.28 -17.31 23.37
CA ILE B 547 13.23 -17.60 22.39
C ILE B 547 13.23 -19.06 22.03
N SER C 21 -0.89 -41.13 -48.00
CA SER C 21 -0.23 -39.91 -47.45
C SER C 21 0.82 -40.22 -46.39
N SER C 22 1.62 -39.22 -46.04
CA SER C 22 2.74 -39.39 -45.11
C SER C 22 2.25 -39.74 -43.71
N ARG C 23 3.13 -40.26 -42.87
CA ARG C 23 2.76 -40.49 -41.48
C ARG C 23 2.44 -39.15 -40.78
N LEU C 24 3.14 -38.06 -41.12
CA LEU C 24 2.77 -36.73 -40.59
C LEU C 24 1.30 -36.34 -40.96
N GLU C 25 0.92 -36.50 -42.23
CA GLU C 25 -0.42 -36.06 -42.66
C GLU C 25 -1.49 -36.93 -42.02
N ARG C 26 -1.19 -38.22 -41.86
CA ARG C 26 -2.08 -39.21 -41.18
C ARG C 26 -2.29 -38.83 -39.71
N GLU C 27 -1.22 -38.49 -38.99
CA GLU C 27 -1.36 -38.09 -37.59
C GLU C 27 -2.08 -36.77 -37.44
N ALA C 28 -1.71 -35.77 -38.25
CA ALA C 28 -2.40 -34.43 -38.22
C ALA C 28 -3.91 -34.56 -38.45
N ALA C 29 -4.28 -35.43 -39.40
CA ALA C 29 -5.69 -35.66 -39.72
C ALA C 29 -6.49 -36.18 -38.55
N ARG C 30 -5.85 -36.81 -37.57
CA ARG C 30 -6.56 -37.35 -36.40
C ARG C 30 -6.93 -36.27 -35.37
N ARG C 31 -6.29 -35.10 -35.47
CA ARG C 31 -6.50 -34.10 -34.42
C ARG C 31 -7.85 -33.41 -34.53
N ARG C 32 -8.40 -33.08 -33.34
CA ARG C 32 -9.59 -32.24 -33.30
C ARG C 32 -9.34 -31.27 -32.18
N THR C 33 -8.96 -30.07 -32.56
CA THR C 33 -8.53 -29.11 -31.54
C THR C 33 -9.62 -28.03 -31.41
N PHE C 34 -10.14 -27.92 -30.18
CA PHE C 34 -11.26 -26.99 -29.91
C PHE C 34 -11.28 -26.44 -28.48
N ALA C 35 -12.21 -25.49 -28.29
CA ALA C 35 -12.46 -24.88 -26.99
C ALA C 35 -13.94 -24.73 -26.82
N ILE C 36 -14.38 -24.58 -25.59
CA ILE C 36 -15.78 -24.39 -25.32
C ILE C 36 -16.00 -22.91 -25.02
N ILE C 37 -17.04 -22.30 -25.64
CA ILE C 37 -17.37 -20.93 -25.39
C ILE C 37 -18.73 -20.87 -24.75
N SER C 38 -18.82 -20.13 -23.66
CA SER C 38 -20.02 -20.17 -22.82
C SER C 38 -19.96 -19.01 -21.87
N HIS C 39 -21.09 -18.70 -21.29
CA HIS C 39 -21.19 -17.66 -20.23
C HIS C 39 -20.99 -18.44 -18.94
N PRO C 40 -20.49 -17.80 -17.86
CA PRO C 40 -20.29 -18.58 -16.64
C PRO C 40 -21.59 -19.25 -16.10
N ASP C 41 -21.44 -20.46 -15.56
CA ASP C 41 -22.53 -21.29 -15.01
C ASP C 41 -23.37 -22.05 -16.05
N ALA C 42 -22.99 -21.93 -17.33
CA ALA C 42 -23.75 -22.65 -18.43
C ALA C 42 -23.56 -24.18 -18.36
N GLY C 43 -22.41 -24.62 -17.81
CA GLY C 43 -22.07 -26.07 -17.77
C GLY C 43 -20.75 -26.46 -18.39
N LYS C 44 -19.84 -25.49 -18.64
CA LYS C 44 -18.60 -25.85 -19.37
C LYS C 44 -17.76 -26.88 -18.57
N THR C 45 -17.55 -26.63 -17.28
CA THR C 45 -16.80 -27.56 -16.43
C THR C 45 -17.41 -28.95 -16.30
N THR C 46 -18.73 -28.97 -16.09
CA THR C 46 -19.48 -30.23 -16.09
C THR C 46 -19.30 -31.01 -17.41
N LEU C 47 -19.48 -30.33 -18.54
CA LEU C 47 -19.39 -31.03 -19.76
C LEU C 47 -17.97 -31.49 -20.02
N THR C 48 -17.01 -30.67 -19.60
CA THR C 48 -15.61 -30.97 -19.84
C THR C 48 -15.27 -32.32 -19.15
N GLU C 49 -15.72 -32.46 -17.91
CA GLU C 49 -15.62 -33.70 -17.14
C GLU C 49 -16.24 -34.93 -17.89
N LYS C 50 -17.43 -34.75 -18.47
CA LYS C 50 -18.07 -35.89 -19.09
C LYS C 50 -17.30 -36.24 -20.37
N LEU C 51 -16.86 -35.22 -21.10
CA LEU C 51 -16.11 -35.49 -22.34
C LEU C 51 -14.82 -36.25 -22.02
N LEU C 52 -14.12 -35.86 -20.97
CA LEU C 52 -12.91 -36.58 -20.56
C LEU C 52 -13.26 -38.01 -20.22
N LEU C 53 -14.41 -38.25 -19.55
CA LEU C 53 -14.84 -39.66 -19.22
C LEU C 53 -14.98 -40.50 -20.46
N PHE C 54 -15.56 -39.91 -21.52
CA PHE C 54 -15.71 -40.62 -22.80
C PHE C 54 -14.36 -40.99 -23.39
N GLY C 55 -13.42 -40.09 -23.16
CA GLY C 55 -12.05 -40.23 -23.62
C GLY C 55 -11.21 -41.09 -22.67
N GLY C 56 -11.84 -41.66 -21.64
CA GLY C 56 -11.11 -42.41 -20.59
C GLY C 56 -10.07 -41.65 -19.78
N ALA C 57 -10.16 -40.33 -19.74
CA ALA C 57 -9.19 -39.50 -19.02
C ALA C 57 -9.69 -39.37 -17.57
N ILE C 58 -9.60 -40.47 -16.84
CA ILE C 58 -10.15 -40.52 -15.49
C ILE C 58 -9.36 -39.64 -14.49
N GLN C 59 -8.03 -39.50 -14.66
CA GLN C 59 -7.24 -38.57 -13.82
C GLN C 59 -7.49 -37.09 -14.15
N MET C 60 -7.62 -36.78 -15.44
CA MET C 60 -7.84 -35.42 -15.84
C MET C 60 -9.26 -35.00 -15.39
N ALA C 61 -10.22 -35.92 -15.49
CA ALA C 61 -11.61 -35.60 -15.15
C ALA C 61 -11.78 -35.26 -13.67
N GLY C 62 -10.95 -35.90 -12.84
CA GLY C 62 -10.84 -35.59 -11.40
C GLY C 62 -10.19 -34.23 -11.17
N SER C 63 -9.10 -33.93 -11.87
CA SER C 63 -8.45 -32.59 -11.73
C SER C 63 -9.39 -31.42 -12.06
N VAL C 64 -10.33 -31.67 -12.98
CA VAL C 64 -11.33 -30.66 -13.39
C VAL C 64 -12.50 -30.52 -12.40
N LYS C 65 -12.96 -31.66 -11.83
CA LYS C 65 -14.01 -31.72 -10.79
C LYS C 65 -13.54 -30.99 -9.49
N ALA C 66 -12.23 -31.08 -9.22
CA ALA C 66 -11.52 -30.22 -8.26
C ALA C 66 -10.70 -29.18 -9.04
N VAL C 88 -1.76 -24.63 -15.35
CA VAL C 88 -1.18 -25.25 -16.55
C VAL C 88 -1.57 -26.73 -16.57
N THR C 89 -1.96 -27.24 -15.40
CA THR C 89 -2.39 -28.63 -15.26
C THR C 89 -3.49 -28.95 -16.28
N THR C 90 -4.57 -28.20 -16.23
CA THR C 90 -5.71 -28.54 -17.06
C THR C 90 -5.94 -27.50 -18.14
N SER C 91 -4.93 -26.72 -18.49
CA SER C 91 -5.10 -25.73 -19.55
C SER C 91 -5.26 -26.33 -20.96
N VAL C 92 -4.65 -27.48 -21.23
CA VAL C 92 -4.87 -28.28 -22.47
C VAL C 92 -5.15 -29.70 -22.01
N MET C 93 -6.25 -30.27 -22.44
CA MET C 93 -6.66 -31.62 -22.08
C MET C 93 -6.81 -32.41 -23.37
N GLN C 94 -5.89 -33.32 -23.58
CA GLN C 94 -5.94 -34.17 -24.77
C GLN C 94 -6.51 -35.49 -24.34
N PHE C 95 -7.41 -36.03 -25.14
CA PHE C 95 -7.87 -37.36 -24.83
C PHE C 95 -8.20 -38.07 -26.17
N PRO C 96 -8.11 -39.42 -26.20
CA PRO C 96 -8.49 -40.14 -27.44
C PRO C 96 -10.01 -40.39 -27.52
N TYR C 97 -10.59 -40.39 -28.72
CA TYR C 97 -12.01 -40.78 -28.82
C TYR C 97 -12.21 -41.23 -30.28
N ARG C 98 -12.54 -42.50 -30.45
CA ARG C 98 -12.82 -43.07 -31.81
C ARG C 98 -11.65 -42.83 -32.77
N ASP C 99 -10.43 -42.92 -32.21
CA ASP C 99 -9.22 -42.79 -32.96
C ASP C 99 -8.87 -41.35 -33.33
N ARG C 100 -9.69 -40.37 -32.88
CA ARG C 100 -9.26 -38.98 -33.00
C ARG C 100 -8.44 -38.60 -31.81
N VAL C 101 -7.58 -37.58 -31.98
CA VAL C 101 -6.83 -37.08 -30.85
C VAL C 101 -7.46 -35.74 -30.55
N VAL C 102 -8.20 -35.71 -29.45
CA VAL C 102 -9.02 -34.50 -29.21
C VAL C 102 -8.18 -33.61 -28.27
N ASN C 103 -7.98 -32.35 -28.64
CA ASN C 103 -7.28 -31.38 -27.82
C ASN C 103 -8.29 -30.33 -27.40
N LEU C 104 -8.66 -30.39 -26.15
CA LEU C 104 -9.60 -29.41 -25.63
C LEU C 104 -8.84 -28.36 -24.89
N LEU C 105 -8.84 -27.14 -25.39
CA LEU C 105 -8.13 -26.06 -24.70
C LEU C 105 -9.04 -25.37 -23.70
N ASP C 106 -8.58 -25.12 -22.49
CA ASP C 106 -9.49 -24.56 -21.51
C ASP C 106 -9.63 -23.09 -21.86
N THR C 107 -10.81 -22.52 -21.60
CA THR C 107 -11.09 -21.09 -21.85
C THR C 107 -11.39 -20.49 -20.47
N PRO C 108 -10.36 -19.94 -19.82
CA PRO C 108 -10.48 -19.32 -18.45
C PRO C 108 -11.74 -18.45 -18.39
N GLY C 109 -12.58 -18.75 -17.40
CA GLY C 109 -13.86 -18.04 -17.24
C GLY C 109 -13.97 -17.44 -15.85
N HIS C 110 -15.16 -16.94 -15.51
CA HIS C 110 -15.49 -16.44 -14.15
C HIS C 110 -14.46 -15.38 -13.81
N GLN C 111 -13.92 -15.38 -12.58
CA GLN C 111 -12.89 -14.37 -12.19
C GLN C 111 -11.61 -14.40 -13.05
N ASP C 112 -11.32 -15.54 -13.71
CA ASP C 112 -10.07 -15.66 -14.55
C ASP C 112 -10.23 -15.21 -16.03
N PHE C 113 -11.41 -14.72 -16.40
CA PHE C 113 -11.66 -14.33 -17.76
C PHE C 113 -10.69 -13.18 -18.08
N SER C 114 -10.08 -13.23 -19.28
CA SER C 114 -9.08 -12.24 -19.64
C SER C 114 -8.87 -12.29 -21.16
N GLU C 115 -8.02 -11.42 -21.67
CA GLU C 115 -7.66 -11.53 -23.09
C GLU C 115 -7.09 -12.92 -23.49
N ASP C 116 -6.43 -13.61 -22.58
CA ASP C 116 -6.05 -15.00 -22.87
C ASP C 116 -7.16 -15.91 -23.28
N THR C 117 -8.36 -15.66 -22.76
CA THR C 117 -9.52 -16.44 -23.26
C THR C 117 -9.78 -16.22 -24.77
N TYR C 118 -9.75 -14.95 -25.26
CA TYR C 118 -9.85 -14.74 -26.70
C TYR C 118 -8.67 -15.34 -27.44
N ARG C 119 -7.46 -15.32 -26.85
CA ARG C 119 -6.27 -15.86 -27.55
C ARG C 119 -6.36 -17.37 -27.80
N VAL C 120 -6.96 -18.08 -26.86
CA VAL C 120 -7.18 -19.50 -27.01
C VAL C 120 -7.98 -19.76 -28.25
N LEU C 121 -8.96 -18.88 -28.54
CA LEU C 121 -9.81 -19.09 -29.77
C LEU C 121 -9.02 -18.89 -31.10
N THR C 122 -7.88 -18.21 -31.04
CA THR C 122 -6.99 -18.11 -32.21
C THR C 122 -6.21 -19.42 -32.48
N ALA C 123 -6.18 -20.33 -31.48
CA ALA C 123 -5.36 -21.52 -31.59
C ALA C 123 -6.16 -22.77 -31.87
N VAL C 124 -7.47 -22.63 -31.93
CA VAL C 124 -8.37 -23.83 -32.17
C VAL C 124 -8.86 -23.88 -33.61
N ASP C 125 -9.25 -25.06 -34.09
CA ASP C 125 -9.84 -25.15 -35.42
C ASP C 125 -11.36 -25.08 -35.35
N SER C 126 -11.97 -25.32 -34.19
CA SER C 126 -13.38 -25.15 -34.06
C SER C 126 -13.75 -24.93 -32.59
N ALA C 127 -15.02 -24.68 -32.33
CA ALA C 127 -15.46 -24.43 -31.00
C ALA C 127 -16.83 -25.06 -30.74
N LEU C 128 -17.14 -25.24 -29.45
CA LEU C 128 -18.44 -25.76 -29.05
C LEU C 128 -19.08 -24.67 -28.14
N VAL C 129 -20.30 -24.27 -28.47
CA VAL C 129 -21.02 -23.30 -27.67
C VAL C 129 -21.81 -24.13 -26.68
N VAL C 130 -21.74 -23.76 -25.42
CA VAL C 130 -22.62 -24.37 -24.40
C VAL C 130 -23.51 -23.28 -23.81
N ILE C 131 -24.81 -23.59 -23.78
CA ILE C 131 -25.87 -22.61 -23.43
C ILE C 131 -26.70 -23.20 -22.27
N ASP C 132 -27.02 -22.38 -21.27
CA ASP C 132 -27.99 -22.80 -20.23
C ASP C 132 -29.36 -22.65 -20.89
N ALA C 133 -30.11 -23.76 -20.98
CA ALA C 133 -31.42 -23.70 -21.64
C ALA C 133 -32.42 -22.72 -21.01
N ALA C 134 -32.25 -22.42 -19.72
CA ALA C 134 -33.12 -21.39 -19.13
C ALA C 134 -32.78 -19.92 -19.50
N LYS C 135 -31.54 -19.67 -19.88
CA LYS C 135 -30.98 -18.34 -20.12
C LYS C 135 -30.88 -18.02 -21.61
N GLY C 136 -30.72 -19.03 -22.48
CA GLY C 136 -30.39 -18.77 -23.92
C GLY C 136 -28.96 -18.19 -24.08
N VAL C 137 -28.71 -17.39 -25.14
CA VAL C 137 -27.40 -16.83 -25.40
C VAL C 137 -27.21 -15.71 -24.37
N GLU C 138 -26.07 -15.72 -23.73
CA GLU C 138 -25.80 -14.70 -22.76
C GLU C 138 -24.62 -13.81 -23.20
N ALA C 139 -24.33 -12.78 -22.43
CA ALA C 139 -23.35 -11.79 -22.83
C ALA C 139 -22.00 -12.37 -23.20
N GLN C 140 -21.42 -13.28 -22.39
CA GLN C 140 -20.09 -13.80 -22.70
C GLN C 140 -20.11 -14.78 -23.90
N THR C 141 -21.19 -15.51 -24.00
CA THR C 141 -21.37 -16.38 -25.16
C THR C 141 -21.28 -15.54 -26.43
N ARG C 142 -21.92 -14.40 -26.43
CA ARG C 142 -22.00 -13.54 -27.60
C ARG C 142 -20.61 -12.97 -27.91
N LYS C 143 -19.95 -12.45 -26.89
CA LYS C 143 -18.56 -11.94 -27.10
C LYS C 143 -17.56 -12.93 -27.62
N LEU C 144 -17.59 -14.17 -27.12
CA LEU C 144 -16.67 -15.23 -27.57
C LEU C 144 -17.03 -15.66 -28.99
N MET C 145 -18.34 -15.78 -29.27
CA MET C 145 -18.73 -16.07 -30.66
C MET C 145 -18.29 -14.96 -31.60
N ASP C 146 -18.39 -13.68 -31.20
CA ASP C 146 -17.88 -12.62 -32.07
C ASP C 146 -16.41 -12.87 -32.49
N VAL C 147 -15.62 -13.44 -31.56
CA VAL C 147 -14.20 -13.81 -31.93
C VAL C 147 -14.17 -14.95 -32.94
N CYS C 148 -14.97 -15.99 -32.68
CA CYS C 148 -15.05 -17.09 -33.60
C CYS C 148 -15.48 -16.61 -35.00
N ARG C 149 -16.39 -15.64 -35.06
CA ARG C 149 -16.93 -15.24 -36.38
C ARG C 149 -15.84 -14.58 -37.20
N MET C 150 -15.07 -13.74 -36.56
CA MET C 150 -14.01 -13.00 -37.28
C MET C 150 -13.04 -13.92 -37.94
N ARG C 151 -12.82 -15.07 -37.31
CA ARG C 151 -11.94 -16.06 -37.85
C ARG C 151 -12.64 -17.17 -38.66
N ALA C 152 -13.95 -17.06 -38.82
CA ALA C 152 -14.81 -18.07 -39.45
C ALA C 152 -14.65 -19.46 -38.80
N THR C 153 -14.61 -19.52 -37.49
CA THR C 153 -14.34 -20.78 -36.84
C THR C 153 -15.66 -21.53 -36.80
N PRO C 154 -15.68 -22.78 -37.20
CA PRO C 154 -16.96 -23.56 -37.12
C PRO C 154 -17.34 -23.81 -35.68
N VAL C 155 -18.63 -23.85 -35.40
CA VAL C 155 -19.14 -23.99 -34.09
C VAL C 155 -20.25 -25.06 -34.08
N MET C 156 -20.21 -25.94 -33.11
CA MET C 156 -21.35 -26.82 -32.76
C MET C 156 -21.92 -26.29 -31.42
N THR C 157 -23.18 -26.58 -31.17
CA THR C 157 -23.90 -26.01 -30.04
C THR C 157 -24.53 -27.11 -29.20
N PHE C 158 -24.28 -27.02 -27.90
CA PHE C 158 -24.89 -27.87 -26.87
C PHE C 158 -25.77 -27.02 -25.92
N VAL C 159 -27.07 -27.30 -25.98
CA VAL C 159 -28.06 -26.68 -25.09
C VAL C 159 -28.20 -27.52 -23.85
N ASN C 160 -27.64 -26.99 -22.76
CA ASN C 160 -27.51 -27.73 -21.52
C ASN C 160 -28.64 -27.48 -20.49
N LYS C 161 -28.74 -28.36 -19.49
CA LYS C 161 -29.71 -28.21 -18.41
C LYS C 161 -31.17 -28.45 -18.75
N MET C 162 -31.41 -29.30 -19.72
CA MET C 162 -32.78 -29.65 -20.08
C MET C 162 -33.59 -30.34 -18.97
N ASP C 163 -32.90 -30.86 -17.94
CA ASP C 163 -33.51 -31.46 -16.77
C ASP C 163 -34.08 -30.40 -15.81
N ARG C 164 -33.85 -29.13 -16.13
CA ARG C 164 -34.43 -28.02 -15.40
C ARG C 164 -35.41 -27.29 -16.30
N GLU C 165 -36.37 -26.59 -15.69
CA GLU C 165 -37.19 -25.59 -16.40
C GLU C 165 -36.35 -24.79 -17.42
N ALA C 166 -36.85 -24.68 -18.65
CA ALA C 166 -36.02 -24.19 -19.77
C ALA C 166 -36.89 -23.33 -20.67
N LEU C 167 -36.25 -22.54 -21.53
CA LEU C 167 -36.93 -21.96 -22.68
C LEU C 167 -37.43 -23.06 -23.68
N HIS C 168 -38.59 -22.88 -24.34
CA HIS C 168 -39.01 -23.77 -25.45
C HIS C 168 -37.89 -23.90 -26.48
N PRO C 169 -37.63 -25.13 -27.00
CA PRO C 169 -36.58 -25.29 -27.98
C PRO C 169 -36.70 -24.43 -29.26
N LEU C 170 -37.93 -24.13 -29.70
CA LEU C 170 -38.14 -23.22 -30.84
C LEU C 170 -37.57 -21.83 -30.53
N ASP C 171 -37.84 -21.37 -29.33
CA ASP C 171 -37.35 -20.11 -28.82
C ASP C 171 -35.86 -20.11 -28.58
N VAL C 172 -35.32 -21.23 -28.10
CA VAL C 172 -33.85 -21.31 -27.94
C VAL C 172 -33.18 -21.22 -29.30
N MET C 173 -33.72 -21.93 -30.28
CA MET C 173 -33.09 -21.93 -31.63
C MET C 173 -33.15 -20.51 -32.24
N ALA C 174 -34.25 -19.83 -32.07
CA ALA C 174 -34.41 -18.47 -32.62
C ALA C 174 -33.42 -17.55 -31.94
N ASP C 175 -33.20 -17.76 -30.62
CA ASP C 175 -32.25 -16.93 -29.85
C ASP C 175 -30.81 -17.16 -30.33
N ILE C 176 -30.44 -18.43 -30.54
CA ILE C 176 -29.05 -18.75 -31.00
C ILE C 176 -28.78 -18.12 -32.34
N GLU C 177 -29.76 -18.22 -33.24
CA GLU C 177 -29.62 -17.61 -34.58
C GLU C 177 -29.54 -16.11 -34.52
N GLN C 178 -30.37 -15.51 -33.67
CA GLN C 178 -30.40 -14.02 -33.59
C GLN C 178 -29.06 -13.50 -33.05
N HIS C 179 -28.59 -14.18 -32.03
CA HIS C 179 -27.50 -13.55 -31.24
C HIS C 179 -26.16 -14.09 -31.60
N LEU C 180 -26.13 -15.29 -32.23
CA LEU C 180 -24.85 -15.83 -32.70
C LEU C 180 -24.72 -15.66 -34.21
N GLN C 181 -25.81 -15.25 -34.87
CA GLN C 181 -25.83 -14.88 -36.33
C GLN C 181 -25.33 -16.07 -37.19
N ILE C 182 -26.07 -17.16 -37.06
CA ILE C 182 -25.70 -18.44 -37.63
C ILE C 182 -26.97 -19.30 -37.72
N GLU C 183 -27.07 -20.09 -38.78
CA GLU C 183 -28.21 -20.94 -38.93
C GLU C 183 -28.12 -22.16 -37.98
N CYS C 184 -29.21 -22.48 -37.28
CA CYS C 184 -29.24 -23.64 -36.41
C CYS C 184 -29.78 -24.85 -37.17
N ALA C 185 -29.02 -25.96 -37.11
CA ALA C 185 -29.51 -27.23 -37.63
C ALA C 185 -29.67 -28.16 -36.41
N PRO C 186 -30.93 -28.42 -35.98
CA PRO C 186 -31.15 -29.28 -34.83
C PRO C 186 -30.72 -30.69 -35.22
N MET C 187 -29.93 -31.36 -34.35
CA MET C 187 -29.48 -32.72 -34.59
C MET C 187 -30.24 -33.64 -33.67
N THR C 188 -30.46 -33.15 -32.45
CA THR C 188 -31.25 -33.89 -31.50
C THR C 188 -32.32 -32.88 -31.02
N TRP C 189 -33.45 -33.37 -30.55
CA TRP C 189 -34.57 -32.52 -30.15
C TRP C 189 -35.12 -33.01 -28.82
N PRO C 190 -35.33 -32.11 -27.85
CA PRO C 190 -35.74 -32.53 -26.51
C PRO C 190 -37.24 -32.81 -26.46
N ILE C 191 -37.60 -33.75 -25.63
CA ILE C 191 -39.02 -34.02 -25.32
C ILE C 191 -39.21 -33.58 -23.89
N GLY C 192 -39.96 -32.49 -23.70
CA GLY C 192 -40.27 -31.94 -22.39
C GLY C 192 -39.07 -31.21 -21.87
N MET C 193 -39.15 -30.83 -20.60
CA MET C 193 -38.10 -30.03 -19.98
C MET C 193 -38.40 -30.05 -18.49
N GLY C 194 -37.35 -29.81 -17.70
CA GLY C 194 -37.40 -29.97 -16.26
C GLY C 194 -37.77 -31.38 -15.91
N SER C 195 -38.64 -31.47 -14.91
CA SER C 195 -39.03 -32.82 -14.57
C SER C 195 -39.64 -33.56 -15.68
N SER C 196 -40.16 -32.89 -16.69
CA SER C 196 -41.11 -33.47 -17.83
C SER C 196 -40.18 -33.97 -18.87
N PHE C 197 -38.91 -33.79 -18.54
CA PHE C 197 -37.88 -34.04 -19.55
C PHE C 197 -37.73 -35.53 -19.73
N LYS C 198 -38.03 -36.01 -20.94
CA LYS C 198 -38.08 -37.47 -21.18
C LYS C 198 -36.83 -37.98 -21.89
N GLY C 199 -36.10 -37.06 -22.52
CA GLY C 199 -34.92 -37.39 -23.35
C GLY C 199 -34.96 -36.64 -24.66
N THR C 200 -34.33 -37.18 -25.69
CA THR C 200 -34.21 -36.50 -26.96
C THR C 200 -34.52 -37.46 -28.08
N TYR C 201 -34.87 -36.89 -29.23
CA TYR C 201 -35.04 -37.67 -30.45
C TYR C 201 -33.90 -37.28 -31.38
N ASP C 202 -33.15 -38.28 -31.85
CA ASP C 202 -32.05 -38.03 -32.78
C ASP C 202 -32.61 -38.03 -34.23
N LEU C 203 -32.63 -36.87 -34.84
CA LEU C 203 -33.24 -36.70 -36.16
C LEU C 203 -32.62 -37.54 -37.27
N LEU C 204 -31.31 -37.59 -37.37
CA LEU C 204 -30.70 -38.36 -38.47
C LEU C 204 -30.67 -39.85 -38.20
N HIS C 205 -30.42 -40.23 -36.94
CA HIS C 205 -30.36 -41.66 -36.58
C HIS C 205 -31.73 -42.31 -36.27
N LYS C 206 -32.79 -41.49 -36.16
CA LYS C 206 -34.15 -41.96 -35.91
C LYS C 206 -34.18 -42.78 -34.62
N GLN C 207 -33.49 -42.26 -33.59
CA GLN C 207 -33.41 -42.95 -32.27
C GLN C 207 -33.94 -42.06 -31.17
N LEU C 208 -34.71 -42.65 -30.28
CA LEU C 208 -35.12 -41.99 -29.04
C LEU C 208 -34.14 -42.36 -27.94
N HIS C 209 -33.58 -41.35 -27.26
CA HIS C 209 -32.68 -41.55 -26.12
C HIS C 209 -33.47 -41.12 -24.92
N LEU C 210 -33.75 -42.10 -24.05
CA LEU C 210 -34.58 -41.90 -22.86
C LEU C 210 -33.72 -41.33 -21.72
N PHE C 211 -34.14 -40.21 -21.14
CA PHE C 211 -33.45 -39.66 -19.97
C PHE C 211 -33.70 -40.49 -18.73
N ILE C 219 -25.88 -44.23 -19.52
CA ILE C 219 -25.03 -45.07 -20.36
C ILE C 219 -25.87 -46.01 -21.25
N GLN C 220 -26.76 -45.52 -22.13
CA GLN C 220 -27.79 -46.43 -22.75
C GLN C 220 -28.07 -46.43 -24.28
N SER C 221 -28.67 -47.52 -24.81
CA SER C 221 -28.92 -47.66 -26.27
C SER C 221 -30.12 -46.83 -26.72
N GLY C 222 -30.02 -46.21 -27.88
CA GLY C 222 -31.14 -45.47 -28.45
C GLY C 222 -32.19 -46.49 -28.84
N ILE C 223 -33.46 -46.10 -28.77
CA ILE C 223 -34.57 -46.89 -29.30
C ILE C 223 -34.84 -46.54 -30.77
N VAL C 224 -34.78 -47.52 -31.66
CA VAL C 224 -35.14 -47.24 -33.05
C VAL C 224 -36.65 -46.91 -33.23
N ILE C 225 -36.95 -45.77 -33.85
CA ILE C 225 -38.31 -45.30 -34.06
C ILE C 225 -38.72 -45.50 -35.52
N HIS C 226 -39.89 -46.13 -35.72
CA HIS C 226 -40.42 -46.41 -37.07
C HIS C 226 -41.32 -45.30 -37.62
N GLY C 227 -40.84 -44.06 -37.58
CA GLY C 227 -41.62 -42.89 -37.99
C GLY C 227 -42.53 -42.39 -36.87
N ALA C 228 -43.18 -41.26 -37.10
CA ALA C 228 -44.15 -40.71 -36.14
C ALA C 228 -45.37 -41.60 -35.95
N ASP C 229 -45.51 -42.66 -36.76
CA ASP C 229 -46.63 -43.56 -36.56
C ASP C 229 -46.39 -44.66 -35.48
N ASP C 230 -45.25 -44.56 -34.82
CA ASP C 230 -44.70 -45.66 -34.01
C ASP C 230 -45.25 -45.57 -32.60
N PRO C 231 -45.93 -46.65 -32.11
CA PRO C 231 -46.51 -46.71 -30.77
C PRO C 231 -45.50 -46.64 -29.65
N GLN C 232 -44.24 -46.91 -29.97
CA GLN C 232 -43.15 -46.75 -29.00
C GLN C 232 -43.09 -45.30 -28.46
N LEU C 233 -43.39 -44.32 -29.31
CA LEU C 233 -43.42 -42.92 -28.85
C LEU C 233 -44.47 -42.75 -27.74
N ASP C 234 -45.64 -43.36 -27.94
CA ASP C 234 -46.75 -43.38 -26.93
C ASP C 234 -46.47 -44.25 -25.67
N GLU C 235 -45.73 -45.33 -25.95
CA GLU C 235 -45.21 -46.22 -24.91
C GLU C 235 -44.23 -45.53 -23.96
N TYR C 236 -43.22 -44.85 -24.50
CA TYR C 236 -42.15 -44.34 -23.64
C TYR C 236 -42.27 -42.89 -23.24
N LEU C 237 -43.04 -42.13 -24.03
CA LEU C 237 -43.21 -40.68 -23.80
C LEU C 237 -44.62 -40.25 -23.33
N GLY C 238 -45.60 -41.15 -23.31
CA GLY C 238 -46.93 -40.75 -22.79
C GLY C 238 -47.52 -39.71 -23.73
N ASP C 239 -48.24 -38.71 -23.20
CA ASP C 239 -48.89 -37.79 -24.14
C ASP C 239 -47.98 -36.67 -24.63
N GLN C 240 -46.72 -36.71 -24.23
CA GLN C 240 -45.67 -35.89 -24.84
C GLN C 240 -45.26 -36.37 -26.21
N ALA C 241 -45.70 -37.57 -26.59
CA ALA C 241 -45.48 -38.04 -27.95
C ALA C 241 -46.11 -37.07 -28.96
N GLU C 242 -47.25 -36.46 -28.56
CA GLU C 242 -47.95 -35.51 -29.45
C GLU C 242 -47.08 -34.28 -29.76
N GLN C 243 -46.46 -33.73 -28.72
CA GLN C 243 -45.65 -32.56 -28.89
C GLN C 243 -44.42 -32.91 -29.76
N LEU C 244 -43.86 -34.11 -29.60
CA LEU C 244 -42.71 -34.49 -30.44
C LEU C 244 -43.16 -34.60 -31.92
N ARG C 245 -44.32 -35.23 -32.14
CA ARG C 245 -44.89 -35.39 -33.50
C ARG C 245 -45.11 -34.04 -34.21
N MET C 246 -45.68 -33.09 -33.49
CA MET C 246 -45.94 -31.74 -33.99
C MET C 246 -44.61 -31.02 -34.29
N ASP C 247 -43.61 -31.14 -33.41
CA ASP C 247 -42.27 -30.53 -33.57
C ASP C 247 -41.55 -31.07 -34.80
N LEU C 248 -41.70 -32.38 -35.04
CA LEU C 248 -41.07 -33.02 -36.18
C LEU C 248 -41.67 -32.58 -37.49
N ALA C 249 -42.98 -32.36 -37.50
CA ALA C 249 -43.65 -31.89 -38.70
C ALA C 249 -43.17 -30.46 -38.93
N LEU C 250 -43.00 -29.69 -37.87
CA LEU C 250 -42.53 -28.30 -38.05
C LEU C 250 -41.10 -28.27 -38.60
N LEU C 251 -40.23 -29.09 -38.01
CA LEU C 251 -38.83 -29.15 -38.43
C LEU C 251 -38.73 -29.61 -39.86
N GLU C 252 -39.51 -30.62 -40.21
CA GLU C 252 -39.58 -31.10 -41.57
C GLU C 252 -39.87 -29.92 -42.53
N GLU C 253 -40.86 -29.08 -42.20
CA GLU C 253 -41.30 -28.03 -43.13
C GLU C 253 -40.32 -26.84 -43.10
N ALA C 254 -39.82 -26.50 -41.91
CA ALA C 254 -39.13 -25.24 -41.76
C ALA C 254 -37.72 -25.35 -41.17
N GLY C 255 -37.29 -26.53 -40.74
CA GLY C 255 -35.91 -26.73 -40.16
C GLY C 255 -34.77 -26.80 -41.19
N THR C 256 -33.59 -26.39 -40.76
CA THR C 256 -32.42 -26.39 -41.62
C THR C 256 -31.75 -27.74 -41.38
N PRO C 257 -31.51 -28.50 -42.48
CA PRO C 257 -30.71 -29.72 -42.35
C PRO C 257 -29.23 -29.41 -42.10
N PHE C 258 -28.55 -30.32 -41.43
CA PHE C 258 -27.10 -30.09 -41.25
C PHE C 258 -26.48 -30.15 -42.67
N ASP C 259 -25.58 -29.22 -42.93
CA ASP C 259 -24.78 -29.29 -44.13
C ASP C 259 -23.30 -29.06 -43.80
N GLU C 260 -22.46 -30.03 -44.08
CA GLU C 260 -21.09 -29.99 -43.59
C GLU C 260 -20.37 -28.74 -44.11
N GLU C 261 -20.52 -28.43 -45.41
CA GLU C 261 -19.77 -27.31 -46.00
C GLU C 261 -20.17 -26.00 -45.28
N ARG C 262 -21.46 -25.78 -45.06
CA ARG C 262 -21.87 -24.53 -44.40
C ARG C 262 -21.42 -24.49 -42.95
N TYR C 263 -21.45 -25.65 -42.27
CA TYR C 263 -20.84 -25.73 -40.95
C TYR C 263 -19.36 -25.35 -40.99
N LEU C 264 -18.62 -25.90 -41.98
CA LEU C 264 -17.16 -25.62 -42.04
C LEU C 264 -16.85 -24.14 -42.34
N LYS C 265 -17.83 -23.46 -42.90
CA LYS C 265 -17.71 -22.03 -43.19
C LYS C 265 -18.14 -21.14 -42.03
N GLY C 266 -18.69 -21.70 -40.96
CA GLY C 266 -19.27 -20.84 -39.87
C GLY C 266 -20.64 -20.26 -40.12
N GLU C 267 -21.32 -20.82 -41.11
CA GLU C 267 -22.63 -20.40 -41.47
C GLU C 267 -23.78 -21.15 -40.82
N LEU C 268 -23.45 -22.28 -40.20
CA LEU C 268 -24.48 -23.14 -39.68
C LEU C 268 -23.89 -23.85 -38.50
N THR C 269 -24.70 -24.07 -37.49
CA THR C 269 -24.24 -24.87 -36.31
C THR C 269 -25.20 -26.02 -36.05
N PRO C 270 -24.69 -27.27 -35.86
CA PRO C 270 -25.49 -28.40 -35.36
C PRO C 270 -25.78 -28.26 -33.86
N VAL C 271 -27.07 -28.38 -33.53
CA VAL C 271 -27.52 -28.14 -32.14
C VAL C 271 -27.91 -29.44 -31.52
N PHE C 272 -27.41 -29.62 -30.32
CA PHE C 272 -27.71 -30.76 -29.50
C PHE C 272 -28.32 -30.29 -28.19
N PHE C 273 -29.27 -31.06 -27.68
CA PHE C 273 -29.88 -30.75 -26.40
C PHE C 273 -29.48 -31.81 -25.39
N GLY C 274 -29.30 -31.42 -24.14
CA GLY C 274 -28.95 -32.45 -23.17
C GLY C 274 -28.90 -32.00 -21.74
N SER C 275 -28.30 -32.85 -20.89
CA SER C 275 -28.18 -32.52 -19.47
C SER C 275 -26.80 -33.03 -19.03
N ALA C 276 -25.79 -32.16 -19.05
CA ALA C 276 -24.37 -32.61 -18.80
C ALA C 276 -24.15 -33.21 -17.44
N ILE C 277 -24.87 -32.69 -16.47
CA ILE C 277 -24.72 -33.20 -15.12
C ILE C 277 -25.17 -34.68 -15.11
N ASN C 278 -26.04 -35.03 -16.06
CA ASN C 278 -26.48 -36.42 -16.11
C ASN C 278 -25.74 -37.29 -17.10
N ASN C 279 -24.74 -36.71 -17.74
CA ASN C 279 -24.05 -37.30 -18.92
C ASN C 279 -25.06 -37.68 -19.99
N PHE C 280 -26.00 -36.79 -20.31
CA PHE C 280 -27.08 -37.17 -21.17
C PHE C 280 -27.08 -36.29 -22.37
N GLY C 281 -27.10 -36.91 -23.55
CA GLY C 281 -27.06 -36.17 -24.77
C GLY C 281 -25.62 -35.75 -25.15
N VAL C 282 -24.65 -36.06 -24.31
CA VAL C 282 -23.27 -35.65 -24.56
C VAL C 282 -22.65 -36.58 -25.64
N ARG C 283 -22.90 -37.88 -25.54
CA ARG C 283 -22.36 -38.84 -26.53
C ARG C 283 -22.67 -38.43 -28.00
N GLU C 284 -23.91 -38.04 -28.27
CA GLU C 284 -24.35 -37.76 -29.63
C GLU C 284 -23.53 -36.56 -30.15
N MET C 285 -23.38 -35.56 -29.29
CA MET C 285 -22.64 -34.36 -29.67
C MET C 285 -21.16 -34.67 -29.90
N LEU C 286 -20.56 -35.40 -28.97
CA LEU C 286 -19.14 -35.84 -29.20
C LEU C 286 -18.90 -36.69 -30.48
N ASP C 287 -19.87 -37.53 -30.80
CA ASP C 287 -19.79 -38.36 -31.98
C ASP C 287 -19.81 -37.44 -33.19
N MET C 288 -20.70 -36.47 -33.16
CA MET C 288 -20.80 -35.56 -34.36
C MET C 288 -19.51 -34.70 -34.47
N PHE C 289 -19.04 -34.27 -33.30
CA PHE C 289 -17.83 -33.48 -33.23
C PHE C 289 -16.62 -34.25 -33.86
N VAL C 290 -16.30 -35.48 -33.40
CA VAL C 290 -15.09 -36.15 -33.92
C VAL C 290 -15.29 -36.44 -35.44
N GLU C 291 -16.53 -36.67 -35.84
CA GLU C 291 -16.80 -36.98 -37.28
C GLU C 291 -16.64 -35.76 -38.15
N PHE C 292 -17.15 -34.62 -37.70
CA PHE C 292 -17.26 -33.48 -38.61
C PHE C 292 -16.42 -32.25 -38.28
N ALA C 293 -15.99 -32.11 -37.04
CA ALA C 293 -15.17 -30.98 -36.69
C ALA C 293 -13.83 -31.02 -37.47
N PRO C 294 -13.36 -29.84 -37.92
CA PRO C 294 -12.17 -29.89 -38.75
C PRO C 294 -10.91 -30.29 -37.98
N GLY C 295 -10.02 -31.00 -38.68
CA GLY C 295 -8.70 -31.20 -38.15
C GLY C 295 -7.90 -29.93 -38.37
N PRO C 296 -6.57 -30.03 -38.16
CA PRO C 296 -5.71 -28.83 -38.23
C PRO C 296 -5.77 -28.13 -39.63
N GLN C 297 -5.92 -26.82 -39.63
CA GLN C 297 -6.11 -26.07 -40.83
C GLN C 297 -4.79 -25.37 -41.19
N PRO C 298 -4.61 -24.93 -42.46
CA PRO C 298 -3.44 -24.13 -42.86
C PRO C 298 -3.45 -22.85 -42.05
N ARG C 299 -2.29 -22.26 -41.88
CA ARG C 299 -2.18 -21.07 -41.12
C ARG C 299 -1.37 -20.04 -41.91
N PRO C 300 -1.88 -18.80 -42.03
CA PRO C 300 -1.18 -17.84 -42.87
C PRO C 300 0.05 -17.28 -42.19
N ALA C 301 1.10 -17.08 -42.97
CA ALA C 301 2.26 -16.32 -42.56
C ALA C 301 2.36 -15.12 -43.51
N ALA C 302 3.31 -14.25 -43.22
CA ALA C 302 3.51 -13.05 -43.97
C ALA C 302 3.92 -13.34 -45.44
N THR C 303 4.64 -14.42 -45.69
CA THR C 303 5.11 -14.73 -47.04
C THR C 303 4.28 -15.78 -47.79
N ARG C 304 3.58 -16.63 -47.04
CA ARG C 304 2.85 -17.76 -47.60
C ARG C 304 1.91 -18.40 -46.57
N VAL C 305 1.07 -19.32 -47.07
CA VAL C 305 0.20 -20.11 -46.21
C VAL C 305 0.88 -21.42 -45.86
N VAL C 306 1.02 -21.71 -44.58
CA VAL C 306 1.70 -22.93 -44.12
C VAL C 306 0.69 -24.08 -44.03
N GLU C 307 0.98 -25.21 -44.68
CA GLU C 307 0.10 -26.38 -44.59
C GLU C 307 0.60 -27.31 -43.50
N PRO C 308 -0.32 -27.92 -42.75
CA PRO C 308 0.07 -28.85 -41.66
C PRO C 308 0.92 -30.04 -42.11
N GLY C 309 0.77 -30.49 -43.37
CA GLY C 309 1.58 -31.59 -43.87
C GLY C 309 3.04 -31.30 -44.20
N GLU C 310 3.45 -30.06 -44.09
CA GLU C 310 4.84 -29.77 -44.31
C GLU C 310 5.68 -30.48 -43.24
N GLU C 311 6.79 -31.08 -43.66
CA GLU C 311 7.58 -31.86 -42.74
C GLU C 311 8.36 -31.01 -41.71
N ALA C 312 8.78 -29.82 -42.10
CA ALA C 312 9.56 -29.03 -41.17
C ALA C 312 8.58 -28.48 -40.08
N PHE C 313 8.95 -28.65 -38.82
CA PHE C 313 8.12 -28.11 -37.70
C PHE C 313 7.97 -26.59 -37.77
N THR C 314 6.76 -26.07 -37.59
CA THR C 314 6.53 -24.61 -37.37
C THR C 314 5.48 -24.45 -36.28
N GLY C 315 5.60 -23.40 -35.48
CA GLY C 315 4.57 -23.18 -34.49
C GLY C 315 4.44 -21.73 -34.11
N VAL C 316 3.33 -21.43 -33.46
CA VAL C 316 3.01 -20.05 -33.13
C VAL C 316 2.63 -19.96 -31.65
N VAL C 317 3.18 -18.98 -30.97
CA VAL C 317 2.80 -18.81 -29.56
C VAL C 317 1.48 -18.03 -29.44
N PHE C 318 0.53 -18.54 -28.67
CA PHE C 318 -0.78 -17.88 -28.58
C PHE C 318 -1.09 -17.34 -27.21
N LYS C 319 -0.38 -17.85 -26.20
CA LYS C 319 -0.48 -17.31 -24.83
C LYS C 319 0.74 -17.61 -23.98
N ILE C 320 0.90 -16.78 -22.97
CA ILE C 320 2.04 -16.86 -22.13
C ILE C 320 1.48 -16.86 -20.70
N GLN C 321 1.91 -17.82 -19.87
CA GLN C 321 1.41 -17.90 -18.50
C GLN C 321 2.61 -17.77 -17.60
N ARG C 331 7.91 -18.50 -16.48
CA ARG C 331 6.73 -18.47 -17.34
C ARG C 331 6.77 -19.52 -18.45
N MET C 332 5.59 -19.85 -18.97
CA MET C 332 5.47 -20.80 -20.08
C MET C 332 4.74 -20.18 -21.23
N ALA C 333 5.33 -20.32 -22.40
CA ALA C 333 4.69 -19.93 -23.62
C ALA C 333 4.01 -21.16 -24.19
N PHE C 334 2.74 -20.99 -24.55
CA PHE C 334 2.00 -22.09 -25.14
C PHE C 334 2.02 -21.91 -26.68
N LEU C 335 2.40 -22.96 -27.39
CA LEU C 335 2.54 -22.94 -28.83
C LEU C 335 1.58 -23.93 -29.44
N ARG C 336 0.93 -23.49 -30.48
CA ARG C 336 0.15 -24.41 -31.33
C ARG C 336 1.10 -24.87 -32.47
N ILE C 337 1.17 -26.19 -32.67
CA ILE C 337 1.97 -26.73 -33.75
C ILE C 337 1.24 -26.52 -35.06
N CYS C 338 1.85 -25.83 -36.01
CA CYS C 338 1.20 -25.55 -37.29
C CYS C 338 1.60 -26.53 -38.41
N SER C 339 2.85 -27.04 -38.41
CA SER C 339 3.25 -28.10 -39.37
C SER C 339 4.32 -28.94 -38.68
N GLY C 340 4.61 -30.07 -39.27
CA GLY C 340 5.77 -30.84 -38.85
C GLY C 340 5.56 -31.51 -37.51
N THR C 341 6.67 -31.94 -36.92
CA THR C 341 6.62 -32.83 -35.76
C THR C 341 7.48 -32.29 -34.63
N PHE C 342 6.92 -32.19 -33.42
CA PHE C 342 7.70 -31.69 -32.28
C PHE C 342 8.28 -32.89 -31.54
N THR C 343 9.61 -32.86 -31.27
CA THR C 343 10.24 -33.83 -30.38
C THR C 343 11.08 -33.05 -29.35
N ARG C 344 11.20 -33.60 -28.13
CA ARG C 344 12.01 -32.98 -27.08
C ARG C 344 13.46 -32.68 -27.44
N GLY C 345 14.04 -33.49 -28.31
CA GLY C 345 15.46 -33.30 -28.64
C GLY C 345 15.71 -32.24 -29.71
N MET C 346 14.68 -31.55 -30.23
CA MET C 346 14.93 -30.73 -31.42
C MET C 346 15.47 -29.32 -31.15
N ARG C 347 15.98 -28.69 -32.19
CA ARG C 347 16.44 -27.32 -32.09
C ARG C 347 15.52 -26.46 -32.94
N LEU C 348 15.11 -25.35 -32.38
CA LEU C 348 14.17 -24.42 -32.98
C LEU C 348 14.81 -23.05 -33.06
N LYS C 349 14.33 -22.26 -33.99
CA LYS C 349 14.76 -20.86 -34.15
C LYS C 349 13.57 -20.04 -33.66
N HIS C 350 13.83 -19.11 -32.74
CA HIS C 350 12.85 -18.16 -32.28
C HIS C 350 13.10 -16.94 -33.13
N HIS C 351 12.31 -16.74 -34.18
CA HIS C 351 12.71 -15.69 -35.17
C HIS C 351 12.81 -14.29 -34.66
N ARG C 352 11.93 -13.92 -33.74
CA ARG C 352 11.98 -12.56 -33.25
C ARG C 352 13.36 -12.22 -32.67
N THR C 353 13.97 -13.17 -31.96
CA THR C 353 15.23 -12.88 -31.23
C THR C 353 16.44 -13.35 -32.01
N GLY C 354 16.19 -14.20 -33.00
CA GLY C 354 17.26 -14.81 -33.81
C GLY C 354 18.01 -15.93 -33.07
N LYS C 355 17.47 -16.33 -31.92
CA LYS C 355 18.17 -17.27 -31.05
C LYS C 355 17.80 -18.71 -31.41
N ASP C 356 18.78 -19.60 -31.39
CA ASP C 356 18.44 -21.03 -31.36
C ASP C 356 18.11 -21.43 -29.96
N VAL C 357 17.03 -22.17 -29.85
CA VAL C 357 16.41 -22.56 -28.60
C VAL C 357 16.35 -24.10 -28.54
N THR C 358 16.53 -24.66 -27.35
CA THR C 358 16.33 -26.10 -27.18
C THR C 358 15.10 -26.27 -26.28
N VAL C 359 14.50 -27.43 -26.35
CA VAL C 359 13.17 -27.57 -25.80
C VAL C 359 13.14 -28.85 -24.98
N ALA C 360 14.28 -29.14 -24.37
CA ALA C 360 14.39 -30.35 -23.56
C ALA C 360 13.39 -30.33 -22.39
N ASN C 361 13.11 -29.13 -21.89
CA ASN C 361 12.21 -28.97 -20.75
C ASN C 361 10.75 -28.61 -21.14
N ALA C 362 10.36 -28.83 -22.40
CA ALA C 362 9.01 -28.49 -22.87
C ALA C 362 7.97 -29.40 -22.24
N THR C 363 6.76 -28.90 -22.03
CA THR C 363 5.63 -29.73 -21.62
C THR C 363 4.90 -30.14 -22.88
N ILE C 364 4.73 -31.45 -23.07
CA ILE C 364 4.01 -31.89 -24.26
C ILE C 364 2.70 -32.38 -23.69
N PHE C 365 1.64 -31.63 -23.93
CA PHE C 365 0.31 -31.97 -23.44
C PHE C 365 -0.19 -33.18 -24.20
N MET C 366 -0.26 -34.29 -23.48
CA MET C 366 -0.73 -35.51 -24.03
C MET C 366 -1.68 -36.20 -23.08
N ALA C 367 -2.46 -37.09 -23.65
CA ALA C 367 -3.40 -37.92 -22.95
C ALA C 367 -2.63 -38.89 -22.03
N GLN C 368 -3.17 -39.16 -20.84
CA GLN C 368 -2.78 -40.32 -19.97
C GLN C 368 -2.36 -41.58 -20.74
N ASP C 369 -3.16 -41.83 -21.77
CA ASP C 369 -3.32 -43.08 -22.49
C ASP C 369 -2.11 -43.45 -23.35
N ARG C 370 -1.63 -42.52 -24.17
CA ARG C 370 -0.67 -42.94 -25.21
C ARG C 370 0.74 -43.26 -24.71
N THR C 371 1.48 -43.98 -25.55
CA THR C 371 2.48 -44.92 -25.04
C THR C 371 3.83 -44.87 -25.74
N GLY C 372 3.82 -44.41 -26.99
CA GLY C 372 5.02 -44.48 -27.78
C GLY C 372 5.95 -43.31 -27.62
N VAL C 373 6.59 -42.97 -28.73
CA VAL C 373 7.58 -41.90 -28.78
C VAL C 373 6.87 -40.64 -28.28
N GLU C 374 7.59 -39.78 -27.58
CA GLU C 374 7.04 -38.53 -27.13
C GLU C 374 7.17 -37.50 -28.26
N GLU C 375 6.08 -37.32 -28.97
CA GLU C 375 6.06 -36.58 -30.21
C GLU C 375 4.75 -35.84 -30.24
N ALA C 376 4.76 -34.61 -30.75
CA ALA C 376 3.50 -33.91 -30.91
C ALA C 376 3.34 -33.48 -32.37
N PHE C 377 2.10 -33.37 -32.80
CA PHE C 377 1.75 -33.09 -34.22
C PHE C 377 0.92 -31.84 -34.44
N PRO C 378 0.73 -31.42 -35.70
CA PRO C 378 -0.10 -30.23 -35.95
C PRO C 378 -1.47 -30.35 -35.25
N GLY C 379 -1.85 -29.26 -34.62
CA GLY C 379 -3.14 -29.19 -33.87
C GLY C 379 -2.85 -29.44 -32.38
N ASP C 380 -1.70 -30.05 -32.08
CA ASP C 380 -1.33 -30.25 -30.68
C ASP C 380 -0.76 -28.94 -30.09
N ILE C 381 -0.70 -28.89 -28.76
CA ILE C 381 -0.16 -27.69 -28.11
C ILE C 381 1.04 -28.13 -27.26
N ILE C 382 2.08 -27.32 -27.24
CA ILE C 382 3.20 -27.59 -26.35
C ILE C 382 3.46 -26.32 -25.55
N GLY C 383 4.13 -26.48 -24.41
CA GLY C 383 4.54 -25.36 -23.60
C GLY C 383 6.04 -25.27 -23.54
N ILE C 384 6.57 -24.06 -23.77
CA ILE C 384 8.02 -23.85 -23.79
C ILE C 384 8.38 -22.89 -22.64
N PRO C 385 9.28 -23.29 -21.69
CA PRO C 385 9.76 -22.38 -20.62
C PRO C 385 10.36 -21.10 -21.15
N ASN C 386 10.02 -19.97 -20.53
CA ASN C 386 10.38 -18.65 -21.05
C ASN C 386 10.78 -17.72 -19.90
N HIS C 387 11.72 -16.81 -20.21
CA HIS C 387 12.21 -15.79 -19.27
C HIS C 387 11.48 -14.43 -19.41
N GLY C 388 10.56 -14.36 -20.38
CA GLY C 388 9.78 -13.14 -20.70
C GLY C 388 10.24 -12.52 -22.00
N THR C 389 11.11 -13.23 -22.70
CA THR C 389 11.64 -12.80 -23.99
C THR C 389 10.80 -13.31 -25.21
N ILE C 390 9.80 -14.15 -24.91
CA ILE C 390 8.75 -14.60 -25.88
C ILE C 390 7.56 -13.66 -25.80
N LYS C 391 6.94 -13.41 -26.96
CA LYS C 391 5.82 -12.45 -27.23
C LYS C 391 4.65 -13.22 -27.92
N ILE C 392 3.40 -12.70 -27.84
CA ILE C 392 2.20 -13.33 -28.41
C ILE C 392 2.23 -13.24 -29.94
N GLY C 393 2.08 -14.38 -30.55
CA GLY C 393 2.12 -14.47 -31.99
C GLY C 393 3.47 -14.90 -32.55
N ASP C 394 4.50 -14.93 -31.71
CA ASP C 394 5.87 -15.32 -32.10
C ASP C 394 5.95 -16.71 -32.78
N THR C 395 6.76 -16.77 -33.83
CA THR C 395 6.89 -17.96 -34.64
C THR C 395 8.18 -18.67 -34.27
N PHE C 396 8.09 -19.98 -34.10
CA PHE C 396 9.25 -20.88 -33.92
C PHE C 396 9.27 -21.87 -35.11
N THR C 397 10.45 -22.12 -35.68
CA THR C 397 10.54 -23.05 -36.82
C THR C 397 11.77 -23.93 -36.68
N GLU C 398 11.73 -25.10 -37.28
CA GLU C 398 12.88 -25.99 -37.35
C GLU C 398 13.89 -25.53 -38.43
N SER C 399 13.39 -24.93 -39.52
CA SER C 399 14.26 -24.50 -40.61
C SER C 399 14.70 -23.05 -40.46
N LYS C 400 15.68 -22.64 -41.27
CA LYS C 400 16.36 -21.38 -41.04
C LYS C 400 15.64 -20.18 -41.65
N GLU C 401 14.97 -20.45 -42.76
CA GLU C 401 14.10 -19.54 -43.47
C GLU C 401 13.17 -18.77 -42.52
N VAL C 402 13.19 -17.43 -42.64
CA VAL C 402 12.36 -16.59 -41.78
C VAL C 402 10.90 -16.86 -42.08
N LEU C 403 10.11 -17.13 -41.05
CA LEU C 403 8.68 -17.27 -41.19
C LEU C 403 8.03 -16.41 -40.10
N LYS C 404 6.96 -15.72 -40.47
CA LYS C 404 6.21 -14.99 -39.46
C LYS C 404 4.72 -15.28 -39.57
N PHE C 405 4.17 -16.07 -38.65
CA PHE C 405 2.72 -16.22 -38.60
C PHE C 405 2.03 -14.92 -38.32
N VAL C 406 0.86 -14.76 -38.94
CA VAL C 406 0.03 -13.59 -38.76
C VAL C 406 -1.35 -13.99 -38.33
N GLY C 407 -2.12 -13.02 -37.87
CA GLY C 407 -3.49 -13.30 -37.49
C GLY C 407 -3.76 -13.52 -36.02
N ILE C 408 -2.82 -13.23 -35.12
CA ILE C 408 -3.20 -13.19 -33.70
C ILE C 408 -3.14 -11.67 -33.33
N PRO C 409 -4.29 -11.08 -33.03
CA PRO C 409 -4.20 -9.65 -32.74
C PRO C 409 -4.40 -9.36 -31.24
N ASN C 410 -4.41 -8.09 -30.88
CA ASN C 410 -5.00 -7.62 -29.64
C ASN C 410 -6.47 -7.39 -29.92
N PHE C 411 -7.28 -7.60 -28.90
CA PHE C 411 -8.75 -7.47 -29.03
C PHE C 411 -9.20 -6.24 -28.22
N ALA C 412 -10.22 -5.53 -28.70
CA ALA C 412 -10.62 -4.26 -28.07
C ALA C 412 -11.05 -4.57 -26.64
N PRO C 413 -10.46 -3.87 -25.65
CA PRO C 413 -10.87 -4.22 -24.26
C PRO C 413 -12.20 -3.47 -23.93
N GLU C 414 -12.92 -3.89 -22.90
CA GLU C 414 -14.15 -3.18 -22.46
C GLU C 414 -14.04 -2.61 -21.06
N HIS C 415 -12.88 -2.75 -20.43
CA HIS C 415 -12.66 -2.22 -19.05
C HIS C 415 -11.44 -1.35 -19.02
N PHE C 416 -11.51 -0.14 -18.43
CA PHE C 416 -10.36 0.75 -18.52
C PHE C 416 -10.16 1.39 -17.17
N ARG C 417 -8.89 1.70 -16.88
CA ARG C 417 -8.54 2.37 -15.62
C ARG C 417 -7.40 3.29 -15.91
N ARG C 418 -7.36 4.43 -15.22
CA ARG C 418 -6.18 5.27 -15.27
C ARG C 418 -5.24 4.82 -14.17
N VAL C 419 -3.94 4.76 -14.47
CA VAL C 419 -2.93 4.34 -13.44
C VAL C 419 -2.44 5.59 -12.78
N ARG C 420 -2.28 5.61 -11.46
CA ARG C 420 -1.58 6.73 -10.82
C ARG C 420 -0.45 6.12 -9.94
N LEU C 421 0.72 6.77 -9.88
CA LEU C 421 1.82 6.29 -9.06
C LEU C 421 1.74 6.83 -7.65
N LYS C 422 2.00 6.00 -6.66
CA LYS C 422 2.13 6.50 -5.31
C LYS C 422 3.42 7.38 -5.14
N ASN C 423 4.53 7.00 -5.78
CA ASN C 423 5.79 7.81 -5.68
C ASN C 423 6.14 8.45 -7.03
N PRO C 424 5.94 9.77 -7.17
CA PRO C 424 6.14 10.49 -8.45
C PRO C 424 7.56 10.31 -9.05
N LEU C 425 8.52 9.87 -8.24
CA LEU C 425 9.92 9.71 -8.67
C LEU C 425 10.16 8.48 -9.48
N LYS C 426 9.12 7.63 -9.54
CA LYS C 426 9.20 6.34 -10.20
C LYS C 426 8.56 6.32 -11.53
N ALA C 427 8.30 7.49 -12.10
CA ALA C 427 7.58 7.56 -13.38
C ALA C 427 8.24 6.77 -14.51
N LYS C 428 9.57 6.76 -14.55
CA LYS C 428 10.26 6.05 -15.61
C LYS C 428 10.16 4.53 -15.42
N GLN C 429 10.25 4.03 -14.19
CA GLN C 429 10.04 2.62 -13.90
C GLN C 429 8.58 2.18 -14.18
N LEU C 430 7.62 3.04 -13.87
CA LEU C 430 6.21 2.69 -14.26
C LEU C 430 6.12 2.53 -15.78
N GLN C 431 6.73 3.48 -16.50
CA GLN C 431 6.75 3.46 -17.97
C GLN C 431 7.41 2.20 -18.56
N LYS C 432 8.60 1.88 -18.08
CA LYS C 432 9.27 0.64 -18.47
C LYS C 432 8.42 -0.59 -18.16
N GLY C 433 7.89 -0.68 -16.94
CA GLY C 433 7.10 -1.87 -16.53
C GLY C 433 5.84 -2.05 -17.37
N LEU C 434 5.13 -0.96 -17.64
CA LEU C 434 3.90 -1.07 -18.45
C LEU C 434 4.21 -1.43 -19.90
N GLU C 435 5.28 -0.82 -20.44
CA GLU C 435 5.72 -1.10 -21.80
C GLU C 435 6.08 -2.57 -21.95
N GLN C 436 6.76 -3.11 -20.94
CA GLN C 436 7.15 -4.50 -21.00
C GLN C 436 5.95 -5.44 -20.75
N LEU C 437 5.09 -5.06 -19.83
CA LEU C 437 3.90 -5.88 -19.56
C LEU C 437 2.95 -5.86 -20.74
N ALA C 438 2.85 -4.72 -21.39
CA ALA C 438 2.06 -4.70 -22.66
C ALA C 438 2.70 -5.55 -23.80
N GLU C 439 4.03 -5.54 -23.91
CA GLU C 439 4.76 -6.23 -24.98
C GLU C 439 4.52 -7.70 -24.85
N GLU C 440 4.47 -8.15 -23.61
CA GLU C 440 4.24 -9.54 -23.24
C GLU C 440 2.75 -9.91 -23.36
N GLY C 441 1.87 -8.92 -23.49
CA GLY C 441 0.39 -9.17 -23.61
C GLY C 441 -0.44 -9.23 -22.35
N ALA C 442 0.13 -8.78 -21.21
CA ALA C 442 -0.63 -8.88 -19.93
C ALA C 442 -1.77 -7.88 -19.82
N VAL C 443 -1.63 -6.80 -20.56
CA VAL C 443 -2.62 -5.72 -20.58
C VAL C 443 -2.36 -4.82 -21.78
N GLN C 444 -3.37 -4.02 -22.14
CA GLN C 444 -3.16 -2.98 -23.14
C GLN C 444 -3.00 -1.61 -22.53
N LEU C 445 -2.19 -0.77 -23.18
CA LEU C 445 -1.85 0.52 -22.62
C LEU C 445 -2.25 1.56 -23.66
N PHE C 446 -2.94 2.60 -23.24
CA PHE C 446 -3.35 3.68 -24.14
C PHE C 446 -2.88 5.03 -23.56
N ARG C 447 -2.27 5.88 -24.37
CA ARG C 447 -1.70 7.15 -23.86
C ARG C 447 -2.50 8.23 -24.66
N PRO C 448 -3.49 8.86 -24.03
CA PRO C 448 -4.29 9.87 -24.70
C PRO C 448 -3.39 10.94 -25.31
N LEU C 449 -3.76 11.40 -26.47
CA LEU C 449 -3.05 12.52 -27.14
C LEU C 449 -3.01 13.83 -26.35
N VAL C 450 -4.06 14.09 -25.57
CA VAL C 450 -4.27 15.43 -24.90
C VAL C 450 -3.66 15.57 -23.51
N ASN C 451 -3.17 14.47 -22.98
CA ASN C 451 -2.59 14.46 -21.60
C ASN C 451 -1.48 13.44 -21.45
N ASN C 452 -0.95 13.29 -20.24
CA ASN C 452 0.16 12.38 -19.99
C ASN C 452 -0.26 11.13 -19.26
N ASP C 453 -1.55 10.83 -19.25
CA ASP C 453 -2.04 9.67 -18.53
C ASP C 453 -1.69 8.35 -19.16
N TYR C 454 -1.60 7.33 -18.31
CA TYR C 454 -1.56 5.95 -18.79
C TYR C 454 -2.91 5.36 -18.56
N ILE C 455 -3.56 4.91 -19.63
CA ILE C 455 -4.87 4.28 -19.45
C ILE C 455 -4.72 2.78 -19.78
N LEU C 456 -5.06 1.91 -18.84
CA LEU C 456 -4.98 0.45 -19.07
C LEU C 456 -6.30 -0.03 -19.54
N GLY C 457 -6.25 -0.96 -20.50
CA GLY C 457 -7.43 -1.61 -21.08
C GLY C 457 -7.27 -3.11 -20.83
N ALA C 458 -8.30 -3.68 -20.20
CA ALA C 458 -8.37 -5.09 -19.88
C ALA C 458 -9.62 -5.71 -20.48
N VAL C 459 -9.46 -6.90 -21.09
CA VAL C 459 -10.62 -7.68 -21.48
C VAL C 459 -11.35 -8.16 -20.25
N GLY C 460 -10.61 -8.61 -19.23
CA GLY C 460 -11.24 -9.07 -17.98
C GLY C 460 -10.62 -8.32 -16.79
N VAL C 461 -11.43 -7.98 -15.80
CA VAL C 461 -10.96 -7.07 -14.73
C VAL C 461 -9.89 -7.63 -13.88
N LEU C 462 -9.67 -8.94 -13.95
CA LEU C 462 -8.64 -9.49 -13.08
C LEU C 462 -7.28 -9.06 -13.59
N GLN C 463 -7.20 -8.68 -14.87
CA GLN C 463 -5.93 -8.26 -15.40
C GLN C 463 -5.41 -7.08 -14.59
N PHE C 464 -6.32 -6.22 -14.12
CA PHE C 464 -5.90 -5.01 -13.36
C PHE C 464 -5.15 -5.37 -12.07
N ASP C 465 -5.60 -6.42 -11.41
CA ASP C 465 -4.93 -6.92 -10.17
C ASP C 465 -3.57 -7.53 -10.50
N VAL C 466 -3.46 -8.19 -11.65
CA VAL C 466 -2.21 -8.88 -12.00
C VAL C 466 -1.19 -7.76 -12.33
N ILE C 467 -1.62 -6.74 -13.07
CA ILE C 467 -0.72 -5.68 -13.40
C ILE C 467 -0.18 -4.99 -12.13
N VAL C 468 -1.07 -4.70 -11.20
CA VAL C 468 -0.58 -4.10 -9.90
C VAL C 468 0.47 -5.00 -9.24
N ALA C 469 0.14 -6.30 -9.10
CA ALA C 469 1.05 -7.20 -8.45
C ALA C 469 2.38 -7.29 -9.22
N ARG C 470 2.34 -7.34 -10.56
CA ARG C 470 3.59 -7.53 -11.30
C ARG C 470 4.39 -6.25 -11.37
N LEU C 471 3.72 -5.08 -11.37
CA LEU C 471 4.48 -3.83 -11.29
C LEU C 471 5.29 -3.74 -10.00
N ALA C 472 4.65 -4.10 -8.89
CA ALA C 472 5.31 -4.09 -7.58
C ALA C 472 6.44 -5.15 -7.45
N ASP C 473 6.16 -6.39 -7.83
CA ASP C 473 7.17 -7.47 -7.74
C ASP C 473 8.31 -7.37 -8.74
N GLU C 474 8.03 -6.97 -9.97
CA GLU C 474 9.04 -6.97 -10.99
C GLU C 474 9.66 -5.60 -11.28
N TYR C 475 8.99 -4.50 -10.94
CA TYR C 475 9.51 -3.19 -11.27
C TYR C 475 9.60 -2.36 -10.02
N GLY C 476 9.15 -2.91 -8.88
CA GLY C 476 9.20 -2.16 -7.61
C GLY C 476 8.36 -0.86 -7.61
N VAL C 477 7.29 -0.83 -8.40
CA VAL C 477 6.44 0.37 -8.50
C VAL C 477 5.10 0.08 -7.86
N ASP C 478 4.61 1.00 -7.04
CA ASP C 478 3.32 0.84 -6.39
C ASP C 478 2.32 1.74 -7.08
N ALA C 479 1.34 1.10 -7.72
CA ALA C 479 0.45 1.77 -8.64
C ALA C 479 -0.96 1.60 -8.10
N VAL C 480 -1.81 2.58 -8.39
CA VAL C 480 -3.18 2.65 -7.95
C VAL C 480 -3.98 2.99 -9.16
N TYR C 481 -5.26 2.58 -9.15
CA TYR C 481 -6.15 2.91 -10.24
C TYR C 481 -7.17 3.98 -9.94
N GLU C 482 -7.58 4.68 -11.00
CA GLU C 482 -8.68 5.65 -10.92
C GLU C 482 -9.65 5.27 -12.02
N GLY C 483 -10.94 5.42 -11.72
CA GLY C 483 -11.98 5.09 -12.72
C GLY C 483 -11.96 6.13 -13.83
N VAL C 484 -12.38 5.72 -15.04
CA VAL C 484 -12.46 6.64 -16.17
C VAL C 484 -13.80 6.45 -16.89
N SER C 485 -14.17 7.39 -17.75
CA SER C 485 -15.47 7.26 -18.45
C SER C 485 -15.45 6.19 -19.59
N THR C 486 -14.25 5.86 -20.09
CA THR C 486 -14.08 4.91 -21.21
C THR C 486 -14.59 3.52 -20.95
N HIS C 487 -15.35 2.97 -21.90
CA HIS C 487 -15.71 1.56 -21.92
C HIS C 487 -15.52 0.91 -23.29
N THR C 488 -15.09 1.68 -24.28
CA THR C 488 -15.04 1.20 -25.64
C THR C 488 -13.79 1.73 -26.28
N ALA C 489 -13.07 0.85 -27.01
CA ALA C 489 -11.97 1.31 -27.84
C ALA C 489 -12.03 0.66 -29.23
N ARG C 490 -11.64 1.40 -30.24
CA ARG C 490 -11.58 0.93 -31.62
C ARG C 490 -10.31 1.49 -32.22
N TRP C 491 -9.60 0.68 -32.95
CA TRP C 491 -8.46 1.18 -33.69
C TRP C 491 -8.90 1.85 -34.99
N VAL C 492 -8.36 3.01 -35.27
CA VAL C 492 -8.83 3.82 -36.45
C VAL C 492 -7.84 3.90 -37.62
N TYR C 493 -8.36 3.89 -38.85
CA TYR C 493 -7.52 3.91 -40.04
C TYR C 493 -8.32 4.67 -41.07
N CYS C 494 -7.61 5.38 -41.91
CA CYS C 494 -8.29 6.10 -43.01
C CYS C 494 -7.31 6.32 -44.13
N GLU C 495 -7.72 5.95 -45.36
CA GLU C 495 -6.87 6.17 -46.54
C GLU C 495 -6.72 7.68 -46.89
N ASP C 496 -7.81 8.44 -46.78
CA ASP C 496 -7.84 9.88 -47.14
C ASP C 496 -7.20 10.61 -45.98
N LYS C 497 -5.94 11.00 -46.14
CA LYS C 497 -5.18 11.72 -45.09
C LYS C 497 -5.68 13.11 -44.64
N LYS C 498 -6.33 13.83 -45.57
CA LYS C 498 -6.98 15.06 -45.18
C LYS C 498 -8.19 14.77 -44.31
N ILE C 499 -9.02 13.79 -44.66
CA ILE C 499 -10.10 13.43 -43.76
C ILE C 499 -9.50 12.98 -42.39
N PHE C 500 -8.41 12.22 -42.46
CA PHE C 500 -7.89 11.59 -41.23
C PHE C 500 -7.28 12.67 -40.32
N ALA C 501 -6.63 13.67 -40.90
CA ALA C 501 -6.11 14.83 -40.13
C ALA C 501 -7.28 15.61 -39.48
N ASP C 502 -8.33 15.84 -40.25
CA ASP C 502 -9.56 16.49 -39.72
C ASP C 502 -10.19 15.68 -38.54
N PHE C 503 -10.30 14.36 -38.72
CA PHE C 503 -10.78 13.49 -37.69
C PHE C 503 -9.91 13.60 -36.45
N GLN C 504 -8.59 13.60 -36.62
CA GLN C 504 -7.71 13.71 -35.46
C GLN C 504 -7.84 15.01 -34.69
N ASP C 505 -8.01 16.13 -35.42
CA ASP C 505 -8.20 17.46 -34.81
C ASP C 505 -9.49 17.44 -34.01
N TYR C 506 -10.60 17.06 -34.66
CA TYR C 506 -11.89 17.10 -34.03
C TYR C 506 -11.95 16.20 -32.77
N HIS C 507 -11.48 14.95 -32.89
CA HIS C 507 -11.56 13.95 -31.83
C HIS C 507 -10.27 13.79 -31.02
N ARG C 508 -9.50 14.86 -30.98
CA ARG C 508 -8.21 14.77 -30.29
C ARG C 508 -8.44 14.35 -28.85
N GLY C 509 -9.58 14.80 -28.29
CA GLY C 509 -9.86 14.48 -26.87
C GLY C 509 -10.24 13.04 -26.62
N GLU C 510 -10.42 12.26 -27.68
CA GLU C 510 -10.88 10.85 -27.58
C GLU C 510 -9.82 9.87 -28.09
N LEU C 511 -8.74 10.41 -28.67
CA LEU C 511 -7.76 9.53 -29.31
C LEU C 511 -6.61 9.23 -28.37
N ALA C 512 -5.94 8.09 -28.58
CA ALA C 512 -4.83 7.68 -27.75
C ALA C 512 -3.93 6.77 -28.57
N VAL C 513 -2.65 6.72 -28.24
CA VAL C 513 -1.71 5.80 -28.94
C VAL C 513 -1.50 4.60 -28.05
N ASP C 514 -1.58 3.39 -28.63
CA ASP C 514 -1.38 2.26 -27.77
C ASP C 514 0.10 1.81 -27.71
N ALA C 515 0.37 0.68 -27.06
CA ALA C 515 1.77 0.25 -26.89
C ALA C 515 2.49 -0.11 -28.19
N GLU C 516 1.74 -0.42 -29.23
CA GLU C 516 2.32 -0.71 -30.54
C GLU C 516 2.39 0.53 -31.39
N GLY C 517 1.98 1.65 -30.81
CA GLY C 517 1.98 2.90 -31.61
C GLY C 517 0.77 3.04 -32.53
N ALA C 518 -0.28 2.22 -32.35
CA ALA C 518 -1.54 2.34 -33.17
C ALA C 518 -2.44 3.37 -32.57
N LEU C 519 -3.07 4.16 -33.44
CA LEU C 519 -4.04 5.16 -32.97
C LEU C 519 -5.39 4.45 -32.62
N ALA C 520 -5.92 4.79 -31.45
CA ALA C 520 -7.22 4.27 -31.02
C ALA C 520 -8.14 5.36 -30.57
N TYR C 521 -9.41 5.14 -30.85
CA TYR C 521 -10.52 6.02 -30.41
C TYR C 521 -11.09 5.37 -29.12
N LEU C 522 -11.08 6.10 -28.01
CA LEU C 522 -11.65 5.61 -26.74
C LEU C 522 -12.95 6.36 -26.52
N ALA C 523 -13.99 5.62 -26.31
CA ALA C 523 -15.31 6.27 -26.12
C ALA C 523 -15.95 5.80 -24.85
N PRO C 524 -16.89 6.63 -24.32
CA PRO C 524 -17.54 6.26 -23.10
C PRO C 524 -18.32 4.99 -23.25
N ASN C 525 -18.85 4.68 -24.44
CA ASN C 525 -19.64 3.48 -24.61
C ASN C 525 -19.88 3.29 -26.12
N PRO C 526 -20.42 2.13 -26.57
CA PRO C 526 -20.57 1.98 -28.02
C PRO C 526 -21.57 2.93 -28.67
N TRP C 527 -22.47 3.56 -27.92
CA TRP C 527 -23.46 4.37 -28.59
C TRP C 527 -22.77 5.74 -28.93
N ARG C 528 -21.96 6.26 -28.00
CA ARG C 528 -21.16 7.47 -28.32
C ARG C 528 -20.25 7.19 -29.51
N LEU C 529 -19.77 5.97 -29.62
CA LEU C 529 -18.86 5.58 -30.66
C LEU C 529 -19.62 5.61 -32.00
N GLU C 530 -20.81 5.01 -32.00
CA GLU C 530 -21.64 4.94 -33.24
C GLU C 530 -21.85 6.35 -33.82
N SER C 531 -22.11 7.31 -32.95
CA SER C 531 -22.21 8.70 -33.40
C SER C 531 -20.95 9.27 -34.11
N ALA C 532 -19.76 9.01 -33.59
CA ALA C 532 -18.53 9.51 -34.24
C ALA C 532 -18.32 8.80 -35.57
N MET C 533 -18.63 7.50 -35.59
CA MET C 533 -18.54 6.71 -36.80
C MET C 533 -19.47 7.24 -37.87
N GLU C 534 -20.68 7.65 -37.48
CA GLU C 534 -21.61 8.23 -38.44
C GLU C 534 -21.10 9.54 -39.03
N ARG C 535 -20.42 10.36 -38.24
CA ARG C 535 -19.86 11.61 -38.76
C ARG C 535 -18.62 11.40 -39.69
N TYR C 536 -17.88 10.29 -39.51
CA TYR C 536 -16.69 10.00 -40.34
C TYR C 536 -16.77 8.68 -41.02
N PRO C 537 -17.70 8.52 -41.99
CA PRO C 537 -17.91 7.21 -42.57
C PRO C 537 -16.71 6.72 -43.42
N LYS C 538 -15.76 7.59 -43.74
CA LYS C 538 -14.54 7.16 -44.37
C LYS C 538 -13.42 6.68 -43.42
N VAL C 539 -13.65 6.84 -42.14
CA VAL C 539 -12.68 6.41 -41.15
C VAL C 539 -13.11 5.03 -40.72
N GLU C 540 -12.17 4.09 -40.72
CA GLU C 540 -12.48 2.73 -40.33
C GLU C 540 -12.24 2.51 -38.81
N PHE C 541 -13.18 1.89 -38.09
CA PHE C 541 -13.05 1.64 -36.63
C PHE C 541 -13.01 0.12 -36.51
N ARG C 542 -11.94 -0.42 -35.94
CA ARG C 542 -11.78 -1.86 -35.92
C ARG C 542 -11.73 -2.35 -34.51
N THR C 543 -12.23 -3.58 -34.25
CA THR C 543 -12.16 -4.12 -32.88
C THR C 543 -10.94 -4.95 -32.60
N THR C 544 -10.04 -5.10 -33.57
CA THR C 544 -8.79 -5.82 -33.35
C THR C 544 -7.61 -5.05 -33.96
N ARG C 545 -6.41 -5.38 -33.50
CA ARG C 545 -5.18 -4.67 -33.97
C ARG C 545 -4.04 -5.73 -34.00
N GLU C 546 -3.35 -5.79 -35.12
CA GLU C 546 -2.29 -6.79 -35.33
C GLU C 546 -1.13 -6.52 -34.38
N ILE C 547 -0.47 -7.61 -34.01
CA ILE C 547 0.67 -7.50 -33.13
C ILE C 547 1.97 -7.53 -33.96
N SER C 548 2.76 -6.47 -33.92
CA SER C 548 3.93 -6.48 -34.83
C SER C 548 5.08 -7.40 -34.39
N SER D 21 -53.62 33.83 -20.55
CA SER D 21 -54.09 32.42 -20.80
C SER D 21 -55.48 32.10 -20.19
N SER D 22 -56.23 31.22 -20.88
CA SER D 22 -57.59 30.87 -20.46
C SER D 22 -57.58 29.98 -19.22
N ARG D 23 -58.74 29.75 -18.60
CA ARG D 23 -58.83 28.74 -17.57
C ARG D 23 -58.37 27.31 -18.09
N LEU D 24 -58.80 26.94 -19.31
CA LEU D 24 -58.31 25.66 -19.97
C LEU D 24 -56.77 25.61 -20.06
N GLU D 25 -56.15 26.69 -20.54
CA GLU D 25 -54.69 26.71 -20.72
C GLU D 25 -53.95 26.67 -19.37
N ARG D 26 -54.53 27.29 -18.34
CA ARG D 26 -54.03 27.20 -16.94
C ARG D 26 -54.04 25.77 -16.38
N GLU D 27 -55.17 25.10 -16.55
CA GLU D 27 -55.35 23.79 -16.04
C GLU D 27 -54.47 22.81 -16.80
N ALA D 28 -54.47 22.94 -18.12
CA ALA D 28 -53.66 22.01 -18.90
C ALA D 28 -52.20 22.12 -18.56
N ALA D 29 -51.77 23.32 -18.26
CA ALA D 29 -50.32 23.51 -17.98
C ALA D 29 -49.88 22.84 -16.70
N ARG D 30 -50.84 22.53 -15.83
CA ARG D 30 -50.52 21.84 -14.56
C ARG D 30 -50.29 20.34 -14.72
N ARG D 31 -50.72 19.75 -15.83
CA ARG D 31 -50.67 18.28 -15.96
C ARG D 31 -49.27 17.80 -16.24
N ARG D 32 -48.92 16.65 -15.66
CA ARG D 32 -47.70 15.90 -15.94
C ARG D 32 -48.13 14.43 -16.08
N THR D 33 -48.31 13.97 -17.32
CA THR D 33 -48.82 12.63 -17.53
C THR D 33 -47.67 11.77 -18.04
N PHE D 34 -47.42 10.67 -17.32
CA PHE D 34 -46.29 9.81 -17.58
C PHE D 34 -46.60 8.39 -17.19
N ALA D 35 -45.67 7.54 -17.56
CA ALA D 35 -45.65 6.11 -17.16
C ALA D 35 -44.21 5.71 -16.85
N ILE D 36 -44.09 4.67 -16.08
CA ILE D 36 -42.83 4.12 -15.67
C ILE D 36 -42.48 2.95 -16.60
N ILE D 37 -41.26 2.99 -17.13
CA ILE D 37 -40.80 1.92 -17.99
C ILE D 37 -39.70 1.14 -17.30
N SER D 38 -39.85 -0.20 -17.20
CA SER D 38 -38.89 -0.95 -16.44
C SER D 38 -39.03 -2.44 -16.75
N HIS D 39 -38.05 -3.18 -16.29
CA HIS D 39 -38.11 -4.62 -16.43
C HIS D 39 -38.65 -5.15 -15.04
N PRO D 40 -39.37 -6.30 -15.01
CA PRO D 40 -39.88 -6.89 -13.79
C PRO D 40 -38.83 -6.93 -12.69
N ASP D 41 -39.26 -6.54 -11.47
CA ASP D 41 -38.50 -6.56 -10.26
C ASP D 41 -37.51 -5.38 -10.12
N ALA D 42 -37.55 -4.44 -11.04
CA ALA D 42 -36.66 -3.21 -10.93
C ALA D 42 -37.01 -2.30 -9.76
N GLY D 43 -38.29 -2.30 -9.37
CA GLY D 43 -38.77 -1.39 -8.30
C GLY D 43 -39.92 -0.47 -8.70
N LYS D 44 -40.58 -0.79 -9.82
CA LYS D 44 -41.69 0.04 -10.27
C LYS D 44 -42.80 0.20 -9.21
N THR D 45 -43.25 -0.92 -8.59
CA THR D 45 -44.38 -0.88 -7.63
C THR D 45 -43.96 -0.09 -6.44
N THR D 46 -42.73 -0.36 -6.02
CA THR D 46 -42.19 0.32 -4.82
C THR D 46 -42.07 1.82 -5.02
N LEU D 47 -41.55 2.20 -6.19
CA LEU D 47 -41.37 3.63 -6.45
C LEU D 47 -42.77 4.29 -6.56
N THR D 48 -43.67 3.64 -7.29
CA THR D 48 -45.04 4.15 -7.44
C THR D 48 -45.66 4.41 -6.08
N GLU D 49 -45.55 3.44 -5.17
CA GLU D 49 -46.01 3.68 -3.81
C GLU D 49 -45.39 4.95 -3.17
N LYS D 50 -44.07 5.18 -3.33
CA LYS D 50 -43.46 6.33 -2.71
C LYS D 50 -43.93 7.63 -3.35
N LEU D 51 -44.11 7.63 -4.68
CA LEU D 51 -44.58 8.82 -5.34
C LEU D 51 -46.01 9.17 -4.87
N LEU D 52 -46.84 8.17 -4.77
CA LEU D 52 -48.17 8.41 -4.29
C LEU D 52 -48.12 8.98 -2.86
N LEU D 53 -47.20 8.51 -2.00
CA LEU D 53 -47.11 9.08 -0.64
C LEU D 53 -46.73 10.57 -0.70
N PHE D 54 -45.85 10.98 -1.64
CA PHE D 54 -45.50 12.39 -1.76
C PHE D 54 -46.74 13.19 -2.23
N GLY D 55 -47.61 12.53 -3.03
CA GLY D 55 -48.86 13.15 -3.44
C GLY D 55 -49.95 13.13 -2.40
N GLY D 56 -49.61 12.73 -1.15
CA GLY D 56 -50.60 12.51 -0.08
C GLY D 56 -51.68 11.49 -0.43
N ALA D 57 -51.38 10.63 -1.42
CA ALA D 57 -52.31 9.59 -1.87
C ALA D 57 -52.15 8.28 -1.08
N ILE D 58 -52.36 8.40 0.23
CA ILE D 58 -52.24 7.30 1.24
C ILE D 58 -53.03 6.02 0.90
N GLN D 59 -54.28 6.14 0.47
CA GLN D 59 -55.10 4.96 0.11
C GLN D 59 -54.63 4.26 -1.17
N MET D 60 -54.44 5.03 -2.23
CA MET D 60 -53.96 4.46 -3.47
C MET D 60 -52.59 3.80 -3.25
N ALA D 61 -51.73 4.43 -2.43
CA ALA D 61 -50.41 3.87 -2.11
C ALA D 61 -50.48 2.54 -1.38
N GLY D 62 -51.35 2.45 -0.35
CA GLY D 62 -51.59 1.20 0.39
C GLY D 62 -52.08 0.09 -0.54
N SER D 63 -53.03 0.46 -1.40
CA SER D 63 -53.57 -0.43 -2.45
C SER D 63 -52.45 -0.94 -3.38
N VAL D 64 -51.71 -0.02 -4.02
CA VAL D 64 -50.56 -0.41 -4.85
C VAL D 64 -49.58 -1.28 -4.05
N THR D 89 -59.08 0.53 -10.95
CA THR D 89 -58.92 1.76 -10.20
C THR D 89 -57.48 2.23 -10.29
N THR D 90 -56.59 1.25 -10.52
CA THR D 90 -55.16 1.44 -10.53
C THR D 90 -54.58 1.61 -11.92
N SER D 91 -55.38 1.53 -12.97
CA SER D 91 -54.88 1.83 -14.32
C SER D 91 -54.29 3.26 -14.46
N VAL D 92 -54.89 4.21 -13.74
CA VAL D 92 -54.46 5.61 -13.80
C VAL D 92 -54.50 6.12 -12.40
N MET D 93 -53.38 6.64 -11.93
CA MET D 93 -53.31 7.15 -10.57
C MET D 93 -52.98 8.62 -10.69
N GLN D 94 -53.89 9.47 -10.22
CA GLN D 94 -53.67 10.92 -10.33
C GLN D 94 -53.35 11.42 -8.93
N PHE D 95 -52.33 12.28 -8.78
CA PHE D 95 -52.13 12.84 -7.48
C PHE D 95 -51.58 14.23 -7.65
N PRO D 96 -51.78 15.07 -6.65
CA PRO D 96 -51.17 16.41 -6.69
C PRO D 96 -49.78 16.41 -6.10
N TYR D 97 -48.93 17.21 -6.70
CA TYR D 97 -47.59 17.46 -6.15
C TYR D 97 -47.12 18.81 -6.57
N ARG D 98 -46.87 19.69 -5.58
CA ARG D 98 -46.35 21.02 -5.83
C ARG D 98 -47.24 21.76 -6.87
N ASP D 99 -48.55 21.57 -6.70
CA ASP D 99 -49.57 22.13 -7.57
C ASP D 99 -49.66 21.64 -9.01
N ARG D 100 -48.85 20.65 -9.40
CA ARG D 100 -49.03 19.96 -10.67
C ARG D 100 -50.06 18.86 -10.43
N VAL D 101 -50.76 18.49 -11.48
CA VAL D 101 -51.65 17.36 -11.40
C VAL D 101 -50.91 16.24 -12.14
N VAL D 102 -50.48 15.21 -11.39
CA VAL D 102 -49.61 14.19 -11.96
C VAL D 102 -50.50 13.00 -12.27
N ASN D 103 -50.47 12.55 -13.53
CA ASN D 103 -51.27 11.36 -13.97
C ASN D 103 -50.25 10.28 -14.28
N LEU D 104 -50.18 9.29 -13.42
CA LEU D 104 -49.25 8.20 -13.64
C LEU D 104 -50.10 7.06 -14.19
N LEU D 105 -49.78 6.66 -15.40
CA LEU D 105 -50.57 5.55 -16.00
C LEU D 105 -49.85 4.22 -15.68
N ASP D 106 -50.59 3.18 -15.37
CA ASP D 106 -49.96 1.89 -14.99
C ASP D 106 -49.46 1.24 -16.28
N THR D 107 -48.28 0.65 -16.25
CA THR D 107 -47.78 -0.12 -17.41
C THR D 107 -47.70 -1.59 -17.01
N PRO D 108 -48.73 -2.38 -17.28
CA PRO D 108 -48.74 -3.76 -16.68
C PRO D 108 -47.53 -4.57 -17.20
N GLY D 109 -46.82 -5.22 -16.29
CA GLY D 109 -45.63 -6.00 -16.59
C GLY D 109 -45.85 -7.40 -15.97
N HIS D 110 -44.78 -8.19 -15.87
CA HIS D 110 -44.88 -9.56 -15.33
C HIS D 110 -45.85 -10.36 -16.24
N GLN D 111 -46.75 -11.14 -15.63
CA GLN D 111 -47.65 -12.07 -16.36
C GLN D 111 -48.65 -11.30 -17.23
N ASP D 112 -48.77 -10.00 -16.94
CA ASP D 112 -49.78 -9.10 -17.52
C ASP D 112 -49.27 -8.26 -18.68
N PHE D 113 -47.98 -8.43 -19.02
CA PHE D 113 -47.39 -7.70 -20.12
C PHE D 113 -48.15 -8.03 -21.42
N SER D 114 -48.52 -6.99 -22.18
CA SER D 114 -49.23 -7.27 -23.40
C SER D 114 -49.05 -6.06 -24.29
N GLU D 115 -49.64 -6.14 -25.47
CA GLU D 115 -49.63 -4.94 -26.31
C GLU D 115 -50.22 -3.68 -25.59
N ASP D 116 -51.17 -3.86 -24.67
CA ASP D 116 -51.68 -2.69 -23.88
C ASP D 116 -50.63 -1.93 -23.12
N THR D 117 -49.56 -2.63 -22.73
CA THR D 117 -48.45 -1.95 -22.07
C THR D 117 -47.79 -0.93 -23.02
N TYR D 118 -47.56 -1.33 -24.27
CA TYR D 118 -47.07 -0.36 -25.25
C TYR D 118 -48.11 0.73 -25.56
N ARG D 119 -49.39 0.36 -25.65
CA ARG D 119 -50.43 1.40 -25.93
C ARG D 119 -50.47 2.51 -24.88
N VAL D 120 -50.15 2.18 -23.63
CA VAL D 120 -50.18 3.22 -22.57
C VAL D 120 -49.17 4.29 -22.92
N LEU D 121 -48.04 3.85 -23.52
CA LEU D 121 -46.97 4.79 -23.86
C LEU D 121 -47.37 5.75 -24.95
N THR D 122 -48.43 5.43 -25.69
CA THR D 122 -48.93 6.38 -26.71
C THR D 122 -49.77 7.54 -26.07
N ALA D 123 -50.14 7.39 -24.80
CA ALA D 123 -50.96 8.34 -24.13
C ALA D 123 -50.20 9.26 -23.20
N VAL D 124 -48.93 9.00 -22.99
CA VAL D 124 -48.21 9.85 -22.04
C VAL D 124 -47.42 10.92 -22.73
N ASP D 125 -47.05 11.98 -21.98
CA ASP D 125 -46.18 12.98 -22.61
C ASP D 125 -44.71 12.74 -22.31
N SER D 126 -44.43 12.06 -21.21
CA SER D 126 -43.03 11.69 -20.94
C SER D 126 -43.02 10.35 -20.19
N ALA D 127 -41.83 9.79 -19.94
CA ALA D 127 -41.77 8.55 -19.12
C ALA D 127 -40.61 8.63 -18.14
N LEU D 128 -40.61 7.67 -17.21
CA LEU D 128 -39.59 7.55 -16.22
C LEU D 128 -39.06 6.12 -16.31
N VAL D 129 -37.77 6.03 -16.58
CA VAL D 129 -37.11 4.70 -16.64
C VAL D 129 -36.70 4.29 -15.21
N VAL D 130 -36.95 3.05 -14.82
CA VAL D 130 -36.48 2.60 -13.50
C VAL D 130 -35.61 1.40 -13.75
N ILE D 131 -34.39 1.43 -13.21
CA ILE D 131 -33.36 0.36 -13.47
C ILE D 131 -32.90 -0.22 -12.17
N ASP D 132 -32.77 -1.54 -12.09
CA ASP D 132 -32.17 -2.19 -10.86
C ASP D 132 -30.63 -1.91 -11.05
N ALA D 133 -30.02 -1.19 -10.11
CA ALA D 133 -28.59 -0.85 -10.20
C ALA D 133 -27.64 -2.04 -10.40
N ALA D 134 -28.03 -3.20 -9.88
CA ALA D 134 -27.20 -4.41 -10.01
C ALA D 134 -27.32 -5.08 -11.39
N LYS D 135 -28.34 -4.72 -12.17
CA LYS D 135 -28.63 -5.41 -13.43
C LYS D 135 -28.41 -4.46 -14.61
N GLY D 136 -28.55 -3.17 -14.39
CA GLY D 136 -28.52 -2.19 -15.53
C GLY D 136 -29.76 -2.29 -16.40
N VAL D 137 -29.64 -1.87 -17.67
CA VAL D 137 -30.76 -2.01 -18.61
C VAL D 137 -31.06 -3.42 -18.93
N GLU D 138 -32.33 -3.82 -18.79
CA GLU D 138 -32.67 -5.18 -19.09
C GLU D 138 -33.64 -5.25 -20.32
N ALA D 139 -34.06 -6.44 -20.68
CA ALA D 139 -34.75 -6.65 -22.00
C ALA D 139 -36.01 -5.83 -22.16
N GLN D 140 -36.83 -5.80 -21.11
CA GLN D 140 -38.10 -5.10 -21.19
C GLN D 140 -37.89 -3.57 -21.11
N THR D 141 -36.88 -3.16 -20.34
CA THR D 141 -36.55 -1.75 -20.31
C THR D 141 -36.28 -1.27 -21.76
N ARG D 142 -35.49 -2.07 -22.47
CA ARG D 142 -35.03 -1.67 -23.80
C ARG D 142 -36.22 -1.67 -24.79
N LYS D 143 -37.05 -2.71 -24.75
CA LYS D 143 -38.24 -2.80 -25.67
C LYS D 143 -39.19 -1.61 -25.41
N LEU D 144 -39.40 -1.24 -24.13
CA LEU D 144 -40.29 -0.15 -23.80
C LEU D 144 -39.69 1.16 -24.23
N MET D 145 -38.38 1.30 -24.06
CA MET D 145 -37.70 2.54 -24.50
C MET D 145 -37.78 2.60 -26.04
N ASP D 146 -37.72 1.48 -26.73
CA ASP D 146 -37.84 1.49 -28.21
C ASP D 146 -39.16 2.17 -28.60
N VAL D 147 -40.24 1.90 -27.85
CA VAL D 147 -41.53 2.56 -28.14
C VAL D 147 -41.46 4.07 -27.88
N CYS D 148 -40.85 4.45 -26.77
CA CYS D 148 -40.70 5.88 -26.43
C CYS D 148 -39.89 6.60 -27.50
N ARG D 149 -38.90 5.92 -28.03
CA ARG D 149 -38.01 6.56 -28.99
C ARG D 149 -38.75 6.86 -30.29
N MET D 150 -39.65 5.99 -30.67
CA MET D 150 -40.46 6.21 -31.89
C MET D 150 -41.33 7.47 -31.82
N ARG D 151 -41.67 7.86 -30.60
CA ARG D 151 -42.53 8.99 -30.35
C ARG D 151 -41.74 10.21 -29.91
N ALA D 152 -40.41 10.09 -29.87
CA ALA D 152 -39.49 11.08 -29.26
C ALA D 152 -39.97 11.47 -27.85
N THR D 153 -40.46 10.49 -27.08
CA THR D 153 -40.95 10.81 -25.74
C THR D 153 -39.78 11.11 -24.76
N PRO D 154 -39.80 12.26 -24.09
CA PRO D 154 -38.70 12.54 -23.14
C PRO D 154 -38.71 11.49 -21.99
N VAL D 155 -37.52 11.22 -21.48
CA VAL D 155 -37.45 10.28 -20.37
C VAL D 155 -36.50 10.77 -19.30
N MET D 156 -36.88 10.49 -18.06
CA MET D 156 -36.01 10.69 -16.91
C MET D 156 -35.61 9.27 -16.45
N THR D 157 -34.52 9.16 -15.67
CA THR D 157 -34.13 7.86 -15.29
C THR D 157 -33.86 7.79 -13.81
N PHE D 158 -34.30 6.69 -13.14
CA PHE D 158 -34.08 6.48 -11.68
C PHE D 158 -33.35 5.15 -11.56
N VAL D 159 -32.14 5.23 -11.02
CA VAL D 159 -31.33 4.05 -10.80
C VAL D 159 -31.62 3.63 -9.36
N ASN D 160 -32.29 2.49 -9.24
CA ASN D 160 -32.80 2.01 -7.96
C ASN D 160 -31.92 0.95 -7.30
N LYS D 161 -32.14 0.77 -5.99
CA LYS D 161 -31.46 -0.28 -5.15
C LYS D 161 -29.98 0.02 -4.82
N MET D 162 -29.66 1.30 -4.71
CA MET D 162 -28.25 1.71 -4.42
C MET D 162 -27.87 1.27 -2.98
N ASP D 163 -28.86 0.88 -2.20
CA ASP D 163 -28.60 0.41 -0.85
C ASP D 163 -28.00 -1.03 -0.88
N ARG D 164 -27.99 -1.65 -2.05
CA ARG D 164 -27.36 -2.97 -2.25
C ARG D 164 -26.15 -2.84 -3.19
N GLU D 165 -25.29 -3.88 -3.19
CA GLU D 165 -24.11 -3.83 -4.06
C GLU D 165 -24.65 -3.61 -5.49
N ALA D 166 -23.97 -2.78 -6.25
CA ALA D 166 -24.53 -2.39 -7.53
C ALA D 166 -23.39 -2.27 -8.56
N LEU D 167 -23.72 -2.08 -9.82
CA LEU D 167 -22.75 -1.77 -10.85
C LEU D 167 -22.28 -0.36 -10.48
N HIS D 168 -21.01 -0.12 -10.72
CA HIS D 168 -20.49 1.20 -10.51
C HIS D 168 -21.26 2.25 -11.29
N PRO D 169 -21.51 3.44 -10.73
CA PRO D 169 -22.29 4.43 -11.44
C PRO D 169 -21.73 4.85 -12.81
N LEU D 170 -20.40 4.84 -12.99
CA LEU D 170 -19.77 4.98 -14.34
C LEU D 170 -20.24 3.93 -15.35
N ASP D 171 -20.38 2.70 -14.88
CA ASP D 171 -20.75 1.57 -15.68
C ASP D 171 -22.25 1.54 -15.92
N VAL D 172 -23.04 2.00 -14.93
CA VAL D 172 -24.51 2.09 -15.13
C VAL D 172 -24.84 3.16 -16.19
N MET D 173 -24.12 4.28 -16.08
CA MET D 173 -24.34 5.37 -17.05
C MET D 173 -24.01 4.87 -18.47
N ALA D 174 -22.89 4.18 -18.63
CA ALA D 174 -22.49 3.75 -19.99
C ALA D 174 -23.51 2.77 -20.51
N ASP D 175 -24.02 1.91 -19.62
CA ASP D 175 -25.07 0.90 -19.95
C ASP D 175 -26.40 1.58 -20.40
N ILE D 176 -26.80 2.59 -19.67
CA ILE D 176 -28.02 3.34 -20.06
C ILE D 176 -27.85 3.98 -21.43
N GLU D 177 -26.68 4.60 -21.67
CA GLU D 177 -26.47 5.26 -22.99
C GLU D 177 -26.44 4.24 -24.07
N GLN D 178 -25.73 3.12 -23.85
CA GLN D 178 -25.54 2.11 -24.90
C GLN D 178 -26.91 1.52 -25.30
N HIS D 179 -27.73 1.22 -24.30
CA HIS D 179 -28.95 0.38 -24.56
C HIS D 179 -30.27 1.20 -24.70
N LEU D 180 -30.28 2.38 -24.11
CA LEU D 180 -31.41 3.29 -24.33
C LEU D 180 -31.12 4.34 -25.43
N GLN D 181 -29.87 4.43 -25.89
CA GLN D 181 -29.45 5.26 -27.06
C GLN D 181 -29.78 6.71 -26.78
N ILE D 182 -29.25 7.19 -25.68
CA ILE D 182 -29.58 8.52 -25.14
C ILE D 182 -28.41 9.03 -24.31
N GLU D 183 -28.21 10.35 -24.19
CA GLU D 183 -27.10 10.86 -23.36
C GLU D 183 -27.56 10.86 -21.94
N CYS D 184 -26.71 10.46 -20.99
CA CYS D 184 -27.10 10.52 -19.59
C CYS D 184 -26.57 11.80 -18.92
N ALA D 185 -27.40 12.50 -18.18
CA ALA D 185 -26.94 13.74 -17.53
C ALA D 185 -27.20 13.44 -16.05
N PRO D 186 -26.14 13.20 -15.27
CA PRO D 186 -26.39 12.84 -13.87
C PRO D 186 -26.89 14.07 -13.11
N MET D 187 -27.96 13.88 -12.33
CA MET D 187 -28.45 14.98 -11.50
C MET D 187 -28.06 14.77 -10.06
N THR D 188 -28.15 13.53 -9.60
CA THR D 188 -27.73 13.20 -8.25
C THR D 188 -26.68 12.11 -8.46
N TRP D 189 -25.73 12.03 -7.57
CA TRP D 189 -24.59 11.13 -7.78
C TRP D 189 -24.43 10.40 -6.48
N PRO D 190 -24.30 9.07 -6.53
CA PRO D 190 -24.16 8.30 -5.28
C PRO D 190 -22.80 8.29 -4.69
N ILE D 191 -22.80 8.26 -3.37
CA ILE D 191 -21.59 8.01 -2.57
C ILE D 191 -21.63 6.56 -2.06
N GLY D 192 -20.78 5.70 -2.61
CA GLY D 192 -20.78 4.30 -2.20
C GLY D 192 -21.97 3.55 -2.76
N MET D 193 -22.21 2.38 -2.21
CA MET D 193 -23.26 1.49 -2.68
C MET D 193 -23.30 0.34 -1.66
N GLY D 194 -24.39 -0.42 -1.61
CA GLY D 194 -24.51 -1.48 -0.63
C GLY D 194 -24.32 -0.94 0.75
N SER D 195 -23.65 -1.73 1.62
CA SER D 195 -23.41 -1.33 2.99
C SER D 195 -22.65 0.00 3.08
N SER D 196 -21.99 0.38 1.98
CA SER D 196 -21.09 1.53 1.99
C SER D 196 -21.87 2.78 1.44
N PHE D 197 -23.18 2.59 1.17
CA PHE D 197 -24.01 3.64 0.55
C PHE D 197 -24.29 4.79 1.56
N LYS D 198 -23.70 5.94 1.29
CA LYS D 198 -23.81 7.11 2.18
C LYS D 198 -24.93 8.08 1.78
N GLY D 199 -25.39 7.99 0.53
CA GLY D 199 -26.37 8.89 0.02
C GLY D 199 -25.95 9.41 -1.34
N THR D 200 -26.45 10.61 -1.66
CA THR D 200 -26.27 11.17 -2.97
C THR D 200 -25.83 12.62 -2.84
N TYR D 201 -25.21 13.10 -3.90
CA TYR D 201 -24.87 14.47 -3.92
C TYR D 201 -25.60 15.10 -5.10
N ASP D 202 -26.37 16.16 -4.80
CA ASP D 202 -27.20 16.80 -5.85
C ASP D 202 -26.35 17.87 -6.55
N LEU D 203 -26.00 17.62 -7.80
CA LEU D 203 -25.00 18.40 -8.48
C LEU D 203 -25.41 19.89 -8.61
N LEU D 204 -26.56 20.09 -9.18
CA LEU D 204 -27.13 21.47 -9.29
C LEU D 204 -27.61 22.14 -7.99
N HIS D 205 -28.18 21.40 -7.05
CA HIS D 205 -28.67 22.08 -5.81
C HIS D 205 -27.60 22.13 -4.76
N LYS D 206 -26.47 21.49 -5.03
CA LYS D 206 -25.35 21.49 -4.10
C LYS D 206 -25.69 20.94 -2.71
N GLN D 207 -26.47 19.86 -2.67
CA GLN D 207 -26.84 19.29 -1.37
C GLN D 207 -26.36 17.87 -1.25
N LEU D 208 -25.99 17.52 -0.03
CA LEU D 208 -25.64 16.15 0.27
C LEU D 208 -26.85 15.56 1.00
N HIS D 209 -27.40 14.48 0.47
CA HIS D 209 -28.54 13.81 1.07
C HIS D 209 -27.99 12.54 1.68
N LEU D 210 -27.97 12.48 3.00
CA LEU D 210 -27.48 11.28 3.71
C LEU D 210 -28.54 10.18 3.80
N PHE D 211 -28.10 8.95 3.52
CA PHE D 211 -28.97 7.78 3.58
C PHE D 211 -28.92 7.12 4.95
N SER D 212 -30.06 6.72 5.50
CA SER D 212 -30.10 5.74 6.64
C SER D 212 -31.46 5.03 6.71
N ARG D 218 -37.97 8.10 6.53
CA ARG D 218 -38.14 9.50 6.86
C ARG D 218 -37.26 10.42 6.01
N ILE D 219 -37.93 11.18 5.13
CA ILE D 219 -37.30 12.21 4.31
C ILE D 219 -36.56 13.20 5.25
N GLN D 220 -35.27 13.43 4.97
CA GLN D 220 -34.43 14.36 5.74
C GLN D 220 -34.03 15.55 4.90
N SER D 221 -33.59 16.61 5.55
CA SER D 221 -33.11 17.79 4.84
C SER D 221 -31.74 17.54 4.21
N GLY D 222 -31.52 18.02 2.98
CA GLY D 222 -30.21 17.95 2.36
C GLY D 222 -29.28 18.90 3.09
N ILE D 223 -27.97 18.62 3.01
CA ILE D 223 -26.97 19.43 3.68
C ILE D 223 -26.31 20.24 2.59
N VAL D 224 -26.40 21.56 2.72
CA VAL D 224 -25.81 22.43 1.73
C VAL D 224 -24.29 22.40 1.80
N ILE D 225 -23.68 22.21 0.63
CA ILE D 225 -22.22 22.01 0.49
C ILE D 225 -21.61 23.23 -0.23
N HIS D 226 -20.51 23.75 0.31
CA HIS D 226 -19.87 24.96 -0.25
C HIS D 226 -18.59 24.61 -1.00
N GLY D 227 -18.76 23.90 -2.12
CA GLY D 227 -17.63 23.49 -2.94
C GLY D 227 -16.97 22.18 -2.53
N ALA D 228 -16.16 21.65 -3.44
CA ALA D 228 -15.59 20.31 -3.26
C ALA D 228 -14.64 20.23 -2.05
N ASP D 229 -14.20 21.38 -1.53
CA ASP D 229 -13.22 21.40 -0.41
C ASP D 229 -13.89 21.72 0.94
N ASP D 230 -15.23 21.66 0.96
CA ASP D 230 -16.02 21.87 2.16
C ASP D 230 -15.75 20.70 3.16
N PRO D 231 -15.30 21.03 4.41
CA PRO D 231 -14.96 20.02 5.43
C PRO D 231 -16.16 19.17 5.88
N GLN D 232 -17.35 19.69 5.63
CA GLN D 232 -18.57 18.93 5.86
C GLN D 232 -18.57 17.62 5.10
N LEU D 233 -17.98 17.60 3.90
CA LEU D 233 -17.76 16.33 3.20
C LEU D 233 -17.02 15.24 4.00
N ASP D 234 -15.94 15.62 4.67
CA ASP D 234 -15.11 14.70 5.49
C ASP D 234 -15.82 14.32 6.80
N GLU D 235 -16.50 15.30 7.36
CA GLU D 235 -17.28 15.05 8.56
C GLU D 235 -18.41 14.07 8.32
N TYR D 236 -19.11 14.15 7.17
CA TYR D 236 -20.25 13.27 6.91
C TYR D 236 -19.97 11.99 6.09
N LEU D 237 -18.88 11.96 5.32
CA LEU D 237 -18.60 10.83 4.40
C LEU D 237 -17.32 10.06 4.80
N GLY D 238 -16.57 10.60 5.76
CA GLY D 238 -15.35 9.93 6.24
C GLY D 238 -14.42 9.78 5.04
N ASP D 239 -13.82 8.60 4.89
CA ASP D 239 -12.89 8.39 3.77
C ASP D 239 -13.58 8.38 2.39
N GLN D 240 -14.91 8.25 2.35
CA GLN D 240 -15.60 8.29 1.05
C GLN D 240 -15.66 9.67 0.38
N ALA D 241 -15.34 10.72 1.14
CA ALA D 241 -15.29 12.08 0.62
C ALA D 241 -14.29 12.18 -0.55
N GLU D 242 -13.12 11.56 -0.39
CA GLU D 242 -12.14 11.59 -1.48
C GLU D 242 -12.68 11.05 -2.77
N GLN D 243 -13.36 9.89 -2.74
CA GLN D 243 -13.99 9.39 -3.97
C GLN D 243 -15.00 10.35 -4.61
N LEU D 244 -15.84 10.95 -3.78
CA LEU D 244 -16.76 11.90 -4.34
C LEU D 244 -16.03 13.03 -5.03
N ARG D 245 -14.97 13.54 -4.42
CA ARG D 245 -14.21 14.64 -5.04
C ARG D 245 -13.60 14.22 -6.37
N MET D 246 -13.08 13.01 -6.44
CA MET D 246 -12.59 12.49 -7.72
C MET D 246 -13.71 12.31 -8.76
N ASP D 247 -14.89 11.83 -8.33
CA ASP D 247 -16.06 11.68 -9.23
C ASP D 247 -16.55 13.03 -9.72
N LEU D 248 -16.55 14.02 -8.85
CA LEU D 248 -16.97 15.38 -9.23
C LEU D 248 -16.02 15.98 -10.29
N ALA D 249 -14.71 15.78 -10.10
CA ALA D 249 -13.66 16.17 -11.08
C ALA D 249 -13.90 15.50 -12.43
N LEU D 250 -14.10 14.18 -12.41
CA LEU D 250 -14.46 13.39 -13.60
C LEU D 250 -15.70 13.92 -14.29
N LEU D 251 -16.79 14.10 -13.54
CA LEU D 251 -18.03 14.68 -14.10
C LEU D 251 -17.84 16.07 -14.70
N GLU D 252 -17.15 16.94 -13.98
CA GLU D 252 -16.91 18.29 -14.44
C GLU D 252 -16.17 18.26 -15.79
N GLU D 253 -15.21 17.33 -15.90
CA GLU D 253 -14.46 17.11 -17.13
C GLU D 253 -15.23 16.35 -18.22
N ALA D 254 -15.90 15.26 -17.89
CA ALA D 254 -16.45 14.36 -18.90
C ALA D 254 -17.97 14.39 -18.95
N GLY D 255 -18.62 14.87 -17.88
CA GLY D 255 -20.08 14.72 -17.71
C GLY D 255 -20.93 15.56 -18.67
N THR D 256 -22.11 15.06 -19.00
CA THR D 256 -23.04 15.87 -19.84
C THR D 256 -23.95 16.69 -18.87
N PRO D 257 -23.98 18.03 -19.00
CA PRO D 257 -24.90 18.79 -18.12
C PRO D 257 -26.33 18.62 -18.58
N PHE D 258 -27.28 18.74 -17.66
CA PHE D 258 -28.70 18.70 -18.07
C PHE D 258 -29.00 19.88 -19.01
N ASP D 259 -29.70 19.64 -20.14
CA ASP D 259 -30.14 20.69 -21.00
C ASP D 259 -31.62 20.40 -21.29
N GLU D 260 -32.47 21.34 -20.95
CA GLU D 260 -33.90 21.16 -21.01
C GLU D 260 -34.36 20.84 -22.43
N GLU D 261 -33.84 21.61 -23.38
CA GLU D 261 -34.23 21.37 -24.82
C GLU D 261 -33.87 19.94 -25.28
N ARG D 262 -32.65 19.49 -24.97
CA ARG D 262 -32.25 18.14 -25.40
C ARG D 262 -33.09 17.05 -24.73
N TYR D 263 -33.36 17.24 -23.44
CA TYR D 263 -34.30 16.34 -22.74
C TYR D 263 -35.66 16.29 -23.40
N LEU D 264 -36.20 17.48 -23.74
CA LEU D 264 -37.55 17.55 -24.37
C LEU D 264 -37.61 16.92 -25.79
N LYS D 265 -36.46 16.87 -26.45
CA LYS D 265 -36.32 16.23 -27.80
C LYS D 265 -36.02 14.71 -27.69
N GLY D 266 -35.94 14.20 -26.45
CA GLY D 266 -35.52 12.82 -26.28
C GLY D 266 -34.09 12.50 -26.55
N GLU D 267 -33.18 13.48 -26.47
CA GLU D 267 -31.74 13.30 -26.74
C GLU D 267 -30.93 13.04 -25.45
N LEU D 268 -31.51 13.37 -24.30
CA LEU D 268 -30.82 13.22 -23.04
C LEU D 268 -31.78 12.95 -21.91
N THR D 269 -31.28 12.23 -20.91
CA THR D 269 -32.11 11.83 -19.78
C THR D 269 -31.37 12.23 -18.48
N PRO D 270 -32.07 12.93 -17.60
CA PRO D 270 -31.50 13.32 -16.31
C PRO D 270 -31.53 12.01 -15.51
N VAL D 271 -30.40 11.71 -14.85
CA VAL D 271 -30.33 10.47 -14.11
C VAL D 271 -30.28 10.73 -12.61
N PHE D 272 -31.13 10.03 -11.88
CA PHE D 272 -31.13 10.08 -10.41
C PHE D 272 -30.82 8.70 -9.85
N PHE D 273 -30.15 8.68 -8.73
CA PHE D 273 -29.78 7.38 -8.05
C PHE D 273 -30.49 7.36 -6.70
N GLY D 274 -30.92 6.17 -6.24
CA GLY D 274 -31.60 6.18 -4.98
C GLY D 274 -31.94 4.80 -4.50
N SER D 275 -32.82 4.76 -3.50
CA SER D 275 -33.26 3.51 -3.02
C SER D 275 -34.77 3.65 -2.73
N ALA D 276 -35.62 3.14 -3.60
CA ALA D 276 -37.05 3.39 -3.40
C ALA D 276 -37.60 2.76 -2.16
N ILE D 277 -37.08 1.61 -1.76
CA ILE D 277 -37.65 0.91 -0.60
C ILE D 277 -37.45 1.74 0.70
N ASN D 278 -36.42 2.56 0.73
CA ASN D 278 -36.14 3.49 1.84
C ASN D 278 -36.65 4.95 1.57
N ASN D 279 -37.43 5.09 0.51
CA ASN D 279 -37.89 6.37 0.01
C ASN D 279 -36.75 7.35 -0.04
N PHE D 280 -35.63 6.95 -0.61
CA PHE D 280 -34.44 7.80 -0.60
C PHE D 280 -34.07 8.17 -2.02
N GLY D 281 -33.87 9.47 -2.30
CA GLY D 281 -33.50 9.90 -3.65
C GLY D 281 -34.73 10.13 -4.55
N VAL D 282 -35.90 9.74 -4.03
CA VAL D 282 -37.16 9.86 -4.75
C VAL D 282 -37.64 11.31 -4.87
N ARG D 283 -37.56 12.04 -3.76
CA ARG D 283 -37.99 13.44 -3.75
C ARG D 283 -37.29 14.26 -4.83
N GLU D 284 -35.97 14.11 -4.93
CA GLU D 284 -35.22 14.90 -5.90
C GLU D 284 -35.69 14.60 -7.32
N MET D 285 -35.94 13.32 -7.62
CA MET D 285 -36.37 12.95 -8.96
C MET D 285 -37.79 13.52 -9.22
N LEU D 286 -38.66 13.40 -8.21
CA LEU D 286 -40.05 13.88 -8.41
C LEU D 286 -40.08 15.43 -8.60
N ASP D 287 -39.27 16.14 -7.81
CA ASP D 287 -39.16 17.58 -7.95
C ASP D 287 -38.71 17.91 -9.35
N MET D 288 -37.69 17.22 -9.86
CA MET D 288 -37.22 17.51 -11.21
C MET D 288 -38.34 17.19 -12.21
N PHE D 289 -39.01 16.07 -11.96
CA PHE D 289 -40.07 15.65 -12.90
C PHE D 289 -41.21 16.73 -12.97
N VAL D 290 -41.71 17.25 -11.84
CA VAL D 290 -42.77 18.23 -11.95
C VAL D 290 -42.29 19.54 -12.54
N GLU D 291 -41.02 19.87 -12.30
CA GLU D 291 -40.45 21.15 -12.84
C GLU D 291 -40.25 21.09 -14.36
N PHE D 292 -39.73 19.94 -14.88
CA PHE D 292 -39.22 19.96 -16.27
C PHE D 292 -39.90 19.01 -17.20
N ALA D 293 -40.63 18.06 -16.66
CA ALA D 293 -41.33 17.08 -17.56
C ALA D 293 -42.42 17.83 -18.32
N PRO D 294 -42.64 17.44 -19.55
CA PRO D 294 -43.57 18.23 -20.30
C PRO D 294 -45.04 18.05 -19.90
N GLY D 295 -45.75 19.20 -20.01
CA GLY D 295 -47.21 19.14 -19.85
C GLY D 295 -47.81 18.60 -21.15
N PRO D 296 -49.12 18.68 -21.28
CA PRO D 296 -49.87 18.14 -22.48
C PRO D 296 -49.31 18.72 -23.80
N GLN D 297 -49.00 17.82 -24.73
CA GLN D 297 -48.35 18.28 -26.01
C GLN D 297 -49.36 18.24 -27.08
N PRO D 298 -49.11 18.98 -28.20
CA PRO D 298 -49.92 18.88 -29.37
C PRO D 298 -49.92 17.45 -29.84
N ARG D 299 -51.02 17.03 -30.45
CA ARG D 299 -51.12 15.70 -31.03
C ARG D 299 -51.47 15.79 -32.53
N PRO D 300 -50.81 14.99 -33.37
CA PRO D 300 -51.07 15.10 -34.80
C PRO D 300 -52.37 14.37 -35.16
N ALA D 301 -53.14 14.96 -36.06
CA ALA D 301 -54.32 14.32 -36.61
C ALA D 301 -54.06 14.36 -38.15
N ALA D 302 -54.91 13.70 -38.90
CA ALA D 302 -54.67 13.49 -40.34
C ALA D 302 -54.66 14.80 -41.10
N THR D 303 -55.38 15.80 -40.59
CA THR D 303 -55.59 17.05 -41.32
C THR D 303 -54.83 18.24 -40.70
N ARG D 304 -54.32 18.05 -39.48
CA ARG D 304 -53.67 19.16 -38.75
C ARG D 304 -53.20 18.69 -37.40
N VAL D 305 -52.43 19.56 -36.74
CA VAL D 305 -51.93 19.31 -35.43
C VAL D 305 -52.94 19.94 -34.42
N VAL D 306 -53.33 19.20 -33.40
CA VAL D 306 -54.28 19.73 -32.41
C VAL D 306 -53.50 20.26 -31.24
N GLU D 307 -53.78 21.48 -30.81
CA GLU D 307 -53.13 22.08 -29.62
C GLU D 307 -54.04 21.91 -28.39
N PRO D 308 -53.48 21.54 -27.22
CA PRO D 308 -54.22 21.28 -26.02
C PRO D 308 -55.07 22.48 -25.54
N GLY D 309 -54.59 23.71 -25.82
CA GLY D 309 -55.39 24.90 -25.52
C GLY D 309 -56.58 25.25 -26.41
N GLU D 310 -56.89 24.44 -27.40
CA GLU D 310 -58.09 24.65 -28.19
C GLU D 310 -59.30 24.37 -27.29
N GLU D 311 -60.30 25.24 -27.35
CA GLU D 311 -61.39 25.13 -26.39
C GLU D 311 -62.27 23.92 -26.58
N ALA D 312 -62.42 23.47 -27.81
CA ALA D 312 -63.28 22.34 -28.07
C ALA D 312 -62.56 21.03 -27.69
N PHE D 313 -63.25 20.19 -26.94
CA PHE D 313 -62.72 18.89 -26.47
C PHE D 313 -62.36 17.97 -27.64
N THR D 314 -61.17 17.36 -27.59
CA THR D 314 -60.88 16.24 -28.49
C THR D 314 -60.16 15.18 -27.64
N GLY D 315 -60.29 13.91 -27.99
CA GLY D 315 -59.63 12.87 -27.21
C GLY D 315 -59.46 11.65 -28.10
N VAL D 316 -58.53 10.80 -27.73
CA VAL D 316 -58.26 9.60 -28.52
C VAL D 316 -58.29 8.38 -27.62
N VAL D 317 -58.89 7.29 -28.08
CA VAL D 317 -58.90 6.03 -27.26
C VAL D 317 -57.57 5.30 -27.42
N PHE D 318 -56.88 4.99 -26.33
CA PHE D 318 -55.62 4.25 -26.48
C PHE D 318 -55.66 2.83 -26.01
N LYS D 319 -56.67 2.48 -25.19
CA LYS D 319 -56.79 1.08 -24.77
C LYS D 319 -58.23 0.79 -24.36
N ILE D 320 -58.56 -0.49 -24.37
CA ILE D 320 -59.91 -0.93 -24.05
C ILE D 320 -59.80 -2.04 -22.99
N GLN D 321 -60.70 -2.03 -22.02
CA GLN D 321 -60.72 -3.09 -21.00
C GLN D 321 -62.04 -3.82 -21.10
N ALA D 322 -62.02 -5.15 -21.29
CA ALA D 322 -63.27 -5.97 -21.27
C ALA D 322 -63.44 -6.56 -19.88
N ASN D 323 -64.67 -6.89 -19.50
CA ASN D 323 -64.98 -7.54 -18.19
C ASN D 323 -64.95 -9.06 -18.13
N HIS D 328 -73.80 -9.95 -21.13
CA HIS D 328 -73.10 -8.84 -20.48
C HIS D 328 -72.31 -7.96 -21.49
N ARG D 329 -71.10 -8.35 -21.87
CA ARG D 329 -70.20 -7.56 -22.77
C ARG D 329 -69.91 -6.08 -22.42
N ASP D 330 -69.57 -5.78 -21.16
CA ASP D 330 -69.25 -4.42 -20.74
C ASP D 330 -67.76 -4.14 -20.96
N ARG D 331 -67.45 -2.95 -21.42
CA ARG D 331 -66.08 -2.65 -21.69
C ARG D 331 -65.89 -1.22 -21.28
N MET D 332 -64.63 -0.86 -21.07
CA MET D 332 -64.30 0.48 -20.73
C MET D 332 -63.29 0.94 -21.80
N ALA D 333 -63.58 1.99 -22.56
CA ALA D 333 -62.55 2.55 -23.42
C ALA D 333 -61.79 3.64 -22.65
N PHE D 334 -60.47 3.65 -22.72
CA PHE D 334 -59.72 4.71 -22.02
C PHE D 334 -59.30 5.73 -23.05
N LEU D 335 -59.57 6.99 -22.76
CA LEU D 335 -59.33 8.05 -23.66
C LEU D 335 -58.35 9.04 -23.03
N ARG D 336 -57.38 9.47 -23.82
CA ARG D 336 -56.48 10.56 -23.44
C ARG D 336 -57.13 11.87 -23.96
N ILE D 337 -57.27 12.86 -23.10
CA ILE D 337 -57.84 14.14 -23.54
C ILE D 337 -56.71 14.92 -24.17
N CYS D 338 -56.91 15.32 -25.42
CA CYS D 338 -55.89 16.02 -26.19
C CYS D 338 -56.09 17.54 -26.22
N SER D 339 -57.32 17.97 -26.12
CA SER D 339 -57.63 19.40 -26.01
C SER D 339 -58.97 19.61 -25.36
N GLY D 340 -59.18 20.86 -24.98
CA GLY D 340 -60.49 21.26 -24.40
C GLY D 340 -60.82 20.63 -23.06
N THR D 341 -62.08 20.74 -22.66
CA THR D 341 -62.44 20.41 -21.31
C THR D 341 -63.49 19.34 -21.40
N PHE D 342 -63.32 18.30 -20.60
CA PHE D 342 -64.31 17.26 -20.53
C PHE D 342 -65.24 17.56 -19.35
N THR D 343 -66.54 17.51 -19.61
CA THR D 343 -67.51 17.51 -18.52
C THR D 343 -68.46 16.34 -18.70
N ARG D 344 -68.81 15.66 -17.62
CA ARG D 344 -69.77 14.52 -17.69
C ARG D 344 -71.10 14.89 -18.39
N GLY D 345 -71.51 16.15 -18.21
CA GLY D 345 -72.64 16.65 -18.98
C GLY D 345 -72.62 16.40 -20.50
N MET D 346 -71.45 16.25 -21.10
CA MET D 346 -71.33 16.66 -22.50
C MET D 346 -71.65 15.64 -23.64
N ARG D 347 -71.85 16.17 -24.85
CA ARG D 347 -72.09 15.29 -26.03
C ARG D 347 -70.85 15.24 -26.87
N LEU D 348 -70.51 14.04 -27.31
CA LEU D 348 -69.32 13.84 -28.12
C LEU D 348 -69.65 13.16 -29.43
N LYS D 349 -68.95 13.56 -30.47
CA LYS D 349 -69.05 12.96 -31.80
C LYS D 349 -68.09 11.82 -31.91
N HIS D 350 -68.62 10.68 -32.24
CA HIS D 350 -67.83 9.50 -32.38
C HIS D 350 -67.67 9.36 -33.89
N HIS D 351 -66.57 9.91 -34.43
CA HIS D 351 -66.43 10.02 -35.90
C HIS D 351 -66.45 8.69 -36.68
N ARG D 352 -65.86 7.63 -36.16
CA ARG D 352 -65.91 6.37 -36.88
C ARG D 352 -67.34 5.89 -37.13
N THR D 353 -68.19 5.89 -36.11
CA THR D 353 -69.57 5.42 -36.29
C THR D 353 -70.50 6.51 -36.84
N GLY D 354 -70.04 7.76 -36.84
CA GLY D 354 -70.89 8.86 -37.31
C GLY D 354 -72.05 9.13 -36.37
N LYS D 355 -71.87 8.77 -35.11
CA LYS D 355 -72.92 8.87 -34.11
C LYS D 355 -72.48 9.82 -33.01
N ASP D 356 -73.47 10.34 -32.29
CA ASP D 356 -73.26 11.12 -31.09
C ASP D 356 -73.26 10.18 -29.88
N VAL D 357 -72.62 10.62 -28.81
CA VAL D 357 -72.49 9.81 -27.62
C VAL D 357 -72.60 10.75 -26.40
N THR D 358 -73.44 10.41 -25.44
CA THR D 358 -73.46 11.16 -24.19
C THR D 358 -72.48 10.44 -23.28
N VAL D 359 -71.93 11.13 -22.30
CA VAL D 359 -70.92 10.46 -21.52
C VAL D 359 -71.23 10.75 -20.07
N ALA D 360 -72.51 10.62 -19.73
CA ALA D 360 -72.97 10.84 -18.34
C ALA D 360 -72.33 9.79 -17.38
N ASN D 361 -71.96 8.65 -17.95
CA ASN D 361 -71.44 7.54 -17.15
C ASN D 361 -69.91 7.41 -17.17
N ALA D 362 -69.22 8.48 -17.56
CA ALA D 362 -67.75 8.41 -17.79
C ALA D 362 -67.06 8.27 -16.44
N THR D 363 -65.94 7.55 -16.40
CA THR D 363 -65.09 7.55 -15.22
C THR D 363 -64.03 8.63 -15.39
N ILE D 364 -63.99 9.56 -14.45
CA ILE D 364 -62.94 10.59 -14.47
C ILE D 364 -61.94 10.15 -13.43
N PHE D 365 -60.76 9.80 -13.89
CA PHE D 365 -59.73 9.35 -12.93
C PHE D 365 -59.25 10.58 -12.23
N MET D 366 -59.28 10.53 -10.92
CA MET D 366 -59.06 11.71 -10.10
C MET D 366 -58.34 11.40 -8.82
N ALA D 367 -57.62 12.40 -8.31
CA ALA D 367 -57.05 12.26 -6.98
C ALA D 367 -58.26 12.19 -6.05
N GLN D 368 -58.15 11.44 -4.95
CA GLN D 368 -59.13 11.54 -3.85
C GLN D 368 -59.24 13.01 -3.38
N ASP D 369 -58.12 13.72 -3.53
CA ASP D 369 -57.90 15.13 -3.15
C ASP D 369 -58.84 16.13 -3.85
N ARG D 370 -59.03 15.93 -5.17
CA ARG D 370 -59.63 16.94 -6.04
C ARG D 370 -61.03 17.39 -5.55
N THR D 371 -61.18 18.70 -5.45
CA THR D 371 -62.38 19.27 -4.91
C THR D 371 -63.14 19.90 -6.06
N GLY D 372 -64.43 20.14 -5.83
CA GLY D 372 -65.23 20.93 -6.73
C GLY D 372 -65.89 20.19 -7.87
N VAL D 373 -66.25 21.00 -8.89
CA VAL D 373 -66.98 20.62 -10.10
C VAL D 373 -66.19 19.52 -10.85
N GLU D 374 -66.90 18.52 -11.38
CA GLU D 374 -66.25 17.45 -12.15
C GLU D 374 -65.95 17.74 -13.66
N GLU D 375 -64.67 17.88 -13.95
CA GLU D 375 -64.24 18.26 -15.26
C GLU D 375 -62.88 17.52 -15.32
N ALA D 376 -62.38 17.36 -16.53
CA ALA D 376 -61.04 16.85 -16.79
C ALA D 376 -60.45 17.70 -17.94
N PHE D 377 -59.13 17.76 -17.96
CA PHE D 377 -58.41 18.67 -18.84
C PHE D 377 -57.38 17.92 -19.72
N PRO D 378 -56.80 18.60 -20.74
CA PRO D 378 -55.77 17.92 -21.55
C PRO D 378 -54.70 17.26 -20.66
N GLY D 379 -54.32 16.04 -21.05
CA GLY D 379 -53.37 15.30 -20.22
C GLY D 379 -54.05 14.26 -19.36
N ASP D 380 -55.31 14.49 -19.02
CA ASP D 380 -56.02 13.62 -18.10
C ASP D 380 -56.58 12.43 -18.92
N ILE D 381 -56.92 11.37 -18.22
CA ILE D 381 -57.53 10.15 -18.83
C ILE D 381 -58.95 10.04 -18.34
N ILE D 382 -59.82 9.63 -19.24
CA ILE D 382 -61.18 9.30 -18.77
C ILE D 382 -61.57 7.96 -19.36
N GLY D 383 -62.51 7.27 -18.69
CA GLY D 383 -62.96 5.99 -19.20
C GLY D 383 -64.40 6.09 -19.65
N ILE D 384 -64.69 5.56 -20.84
CA ILE D 384 -66.06 5.61 -21.38
C ILE D 384 -66.62 4.19 -21.46
N PRO D 385 -67.61 3.85 -20.60
CA PRO D 385 -68.28 2.55 -20.66
C PRO D 385 -68.98 2.41 -22.00
N ASN D 386 -68.89 1.22 -22.57
CA ASN D 386 -69.60 0.97 -23.82
C ASN D 386 -69.77 -0.52 -24.02
N HIS D 387 -70.54 -0.87 -25.04
CA HIS D 387 -70.84 -2.26 -25.28
C HIS D 387 -70.25 -2.74 -26.57
N GLY D 388 -68.96 -2.50 -26.74
CA GLY D 388 -68.26 -3.00 -27.91
C GLY D 388 -68.22 -2.05 -29.07
N THR D 389 -68.77 -0.85 -28.88
CA THR D 389 -68.90 0.12 -29.99
C THR D 389 -67.68 1.04 -30.19
N ILE D 390 -66.88 1.17 -29.16
CA ILE D 390 -65.70 2.07 -29.20
C ILE D 390 -64.47 1.18 -29.47
N LYS D 391 -63.56 1.66 -30.35
CA LYS D 391 -62.34 0.97 -30.78
C LYS D 391 -61.05 1.76 -30.47
N ILE D 392 -59.91 1.06 -30.39
CA ILE D 392 -58.59 1.67 -30.16
C ILE D 392 -58.30 2.58 -31.32
N GLY D 393 -57.79 3.76 -31.01
CA GLY D 393 -57.59 4.82 -32.00
C GLY D 393 -58.78 5.68 -32.34
N ASP D 394 -59.98 5.39 -31.83
CA ASP D 394 -61.10 6.19 -32.12
C ASP D 394 -60.90 7.62 -31.57
N THR D 395 -61.23 8.61 -32.41
CA THR D 395 -61.20 10.01 -32.06
C THR D 395 -62.61 10.44 -31.70
N PHE D 396 -62.72 11.15 -30.58
CA PHE D 396 -64.00 11.76 -30.17
C PHE D 396 -63.83 13.26 -30.08
N THR D 397 -64.82 14.00 -30.56
CA THR D 397 -64.74 15.46 -30.53
C THR D 397 -66.01 16.06 -30.03
N GLU D 398 -65.91 17.27 -29.49
CA GLU D 398 -67.08 18.07 -29.17
C GLU D 398 -67.61 18.82 -30.40
N SER D 399 -66.69 19.27 -31.27
CA SER D 399 -67.21 20.07 -32.38
C SER D 399 -67.56 19.15 -33.53
N LYS D 400 -68.10 19.72 -34.59
CA LYS D 400 -68.37 18.95 -35.77
C LYS D 400 -67.16 18.73 -36.69
N GLU D 401 -66.02 19.32 -36.34
CA GLU D 401 -64.82 19.13 -37.16
C GLU D 401 -64.49 17.63 -37.32
N VAL D 402 -64.31 17.17 -38.55
CA VAL D 402 -63.83 15.80 -38.74
C VAL D 402 -62.30 15.69 -38.45
N LEU D 403 -61.98 15.09 -37.32
CA LEU D 403 -60.59 14.90 -36.86
C LEU D 403 -60.33 13.41 -36.69
N LYS D 404 -59.11 13.03 -37.06
CA LYS D 404 -58.66 11.66 -36.91
C LYS D 404 -57.22 11.75 -36.40
N PHE D 405 -57.05 11.43 -35.11
CA PHE D 405 -55.71 11.37 -34.54
C PHE D 405 -54.91 10.27 -35.22
N VAL D 406 -53.62 10.55 -35.42
CA VAL D 406 -52.74 9.60 -36.05
C VAL D 406 -51.63 9.24 -35.09
N GLY D 407 -50.94 8.15 -35.38
CA GLY D 407 -49.79 7.80 -34.56
C GLY D 407 -50.18 6.98 -33.35
N ILE D 408 -51.28 6.22 -33.43
CA ILE D 408 -51.47 5.12 -32.50
C ILE D 408 -51.34 3.76 -33.31
N PRO D 409 -50.20 3.08 -33.19
CA PRO D 409 -50.00 1.95 -34.11
C PRO D 409 -50.33 0.59 -33.50
N ASN D 410 -50.22 -0.45 -34.30
CA ASN D 410 -50.03 -1.78 -33.74
C ASN D 410 -48.51 -1.94 -33.67
N PHE D 411 -48.03 -2.70 -32.71
CA PHE D 411 -46.60 -2.93 -32.59
C PHE D 411 -46.22 -4.34 -33.01
N ALA D 412 -45.02 -4.54 -33.58
CA ALA D 412 -44.62 -5.90 -34.05
C ALA D 412 -44.67 -6.88 -32.88
N PRO D 413 -45.43 -7.97 -33.02
CA PRO D 413 -45.47 -8.93 -31.93
C PRO D 413 -44.19 -9.77 -31.85
N GLU D 414 -43.86 -10.39 -30.71
CA GLU D 414 -42.68 -11.29 -30.74
C GLU D 414 -43.00 -12.76 -30.52
N HIS D 415 -44.29 -13.07 -30.29
CA HIS D 415 -44.73 -14.42 -30.03
C HIS D 415 -45.82 -14.74 -31.02
N PHE D 416 -45.75 -15.95 -31.59
CA PHE D 416 -46.66 -16.36 -32.62
C PHE D 416 -47.16 -17.78 -32.43
N ARG D 417 -48.40 -18.04 -32.87
CA ARG D 417 -48.93 -19.39 -32.78
C ARG D 417 -49.90 -19.56 -33.90
N ARG D 418 -50.05 -20.81 -34.33
CA ARG D 418 -51.08 -21.10 -35.30
C ARG D 418 -52.29 -21.68 -34.54
N VAL D 419 -53.47 -21.29 -34.97
CA VAL D 419 -54.71 -21.73 -34.26
C VAL D 419 -55.21 -22.97 -34.97
N ARG D 420 -55.61 -23.92 -34.17
CA ARG D 420 -56.28 -25.13 -34.61
C ARG D 420 -57.65 -25.27 -33.99
N LEU D 421 -58.62 -25.67 -34.78
CA LEU D 421 -59.96 -25.78 -34.30
C LEU D 421 -60.20 -27.22 -33.94
N LYS D 422 -60.78 -27.45 -32.74
CA LYS D 422 -61.15 -28.79 -32.31
C LYS D 422 -62.44 -29.35 -32.88
N ASN D 423 -63.20 -28.54 -33.62
CA ASN D 423 -64.46 -28.98 -34.24
C ASN D 423 -64.61 -28.13 -35.51
N PRO D 424 -64.33 -28.72 -36.68
CA PRO D 424 -64.35 -28.13 -37.99
C PRO D 424 -65.67 -27.49 -38.40
N LEU D 425 -66.77 -27.98 -37.84
CA LEU D 425 -68.07 -27.34 -37.98
C LEU D 425 -68.13 -25.91 -37.43
N LYS D 426 -67.13 -25.56 -36.63
CA LYS D 426 -67.07 -24.25 -36.03
C LYS D 426 -66.17 -23.27 -36.83
N ALA D 427 -65.85 -23.61 -38.07
CA ALA D 427 -64.90 -22.80 -38.84
C ALA D 427 -65.41 -21.34 -39.06
N LYS D 428 -66.71 -21.17 -39.28
CA LYS D 428 -67.24 -19.81 -39.51
C LYS D 428 -67.11 -18.95 -38.25
N GLN D 429 -67.45 -19.56 -37.10
CA GLN D 429 -67.36 -18.89 -35.78
C GLN D 429 -65.91 -18.54 -35.44
N LEU D 430 -64.98 -19.43 -35.76
CA LEU D 430 -63.56 -19.18 -35.53
C LEU D 430 -63.09 -17.98 -36.35
N GLN D 431 -63.48 -17.91 -37.61
CA GLN D 431 -63.06 -16.79 -38.46
C GLN D 431 -63.67 -15.48 -37.95
N LYS D 432 -64.98 -15.48 -37.64
CA LYS D 432 -65.64 -14.29 -37.09
C LYS D 432 -65.01 -13.91 -35.75
N GLY D 433 -64.79 -14.88 -34.86
CA GLY D 433 -64.19 -14.56 -33.57
C GLY D 433 -62.77 -13.95 -33.67
N LEU D 434 -61.92 -14.56 -34.49
CA LEU D 434 -60.51 -14.06 -34.61
C LEU D 434 -60.50 -12.69 -35.25
N GLU D 435 -61.34 -12.52 -36.28
CA GLU D 435 -61.41 -11.21 -36.98
C GLU D 435 -61.93 -10.13 -36.03
N GLN D 436 -62.97 -10.44 -35.24
CA GLN D 436 -63.51 -9.46 -34.26
C GLN D 436 -62.52 -9.25 -33.08
N LEU D 437 -61.84 -10.30 -32.65
CA LEU D 437 -60.92 -10.10 -31.50
C LEU D 437 -59.64 -9.30 -31.89
N ALA D 438 -59.19 -9.52 -33.14
CA ALA D 438 -58.13 -8.70 -33.78
C ALA D 438 -58.60 -7.26 -34.03
N GLU D 439 -59.85 -7.09 -34.45
CA GLU D 439 -60.38 -5.75 -34.63
C GLU D 439 -60.44 -4.98 -33.33
N GLU D 440 -60.68 -5.69 -32.24
CA GLU D 440 -60.74 -5.05 -30.95
C GLU D 440 -59.32 -4.83 -30.33
N GLY D 441 -58.30 -5.40 -30.94
CA GLY D 441 -56.89 -5.20 -30.52
C GLY D 441 -56.49 -6.21 -29.47
N ALA D 442 -57.23 -7.33 -29.34
CA ALA D 442 -56.88 -8.29 -28.31
C ALA D 442 -55.65 -9.11 -28.75
N VAL D 443 -55.44 -9.17 -30.05
CA VAL D 443 -54.31 -9.95 -30.62
C VAL D 443 -54.16 -9.50 -32.05
N GLN D 444 -53.03 -9.79 -32.68
CA GLN D 444 -52.90 -9.56 -34.11
C GLN D 444 -53.06 -10.86 -34.85
N LEU D 445 -53.66 -10.74 -36.02
CA LEU D 445 -53.95 -11.90 -36.81
C LEU D 445 -53.29 -11.81 -38.18
N PHE D 446 -52.54 -12.84 -38.58
CA PHE D 446 -51.89 -12.86 -39.89
C PHE D 446 -52.36 -14.04 -40.71
N ARG D 447 -52.71 -13.79 -41.99
CA ARG D 447 -53.10 -14.87 -42.89
C ARG D 447 -52.02 -15.02 -43.95
N PRO D 448 -51.20 -16.09 -43.84
CA PRO D 448 -50.17 -16.23 -44.87
C PRO D 448 -50.76 -16.24 -46.31
N LEU D 449 -50.01 -15.64 -47.22
CA LEU D 449 -50.43 -15.64 -48.65
C LEU D 449 -50.55 -17.06 -49.19
N VAL D 450 -49.69 -17.97 -48.75
CA VAL D 450 -49.65 -19.30 -49.40
C VAL D 450 -50.55 -20.36 -48.81
N ASN D 451 -51.23 -20.05 -47.69
CA ASN D 451 -52.17 -21.01 -47.14
C ASN D 451 -53.37 -20.39 -46.43
N ASN D 452 -54.17 -21.21 -45.74
CA ASN D 452 -55.31 -20.68 -45.00
C ASN D 452 -55.18 -20.67 -43.49
N ASP D 453 -53.93 -20.72 -43.03
CA ASP D 453 -53.75 -20.78 -41.57
C ASP D 453 -54.11 -19.44 -40.94
N TYR D 454 -54.40 -19.50 -39.64
CA TYR D 454 -54.61 -18.32 -38.82
C TYR D 454 -53.43 -18.25 -37.94
N ILE D 455 -52.59 -17.21 -38.10
CA ILE D 455 -51.39 -17.11 -37.26
C ILE D 455 -51.65 -15.91 -36.33
N LEU D 456 -51.55 -16.16 -35.04
CA LEU D 456 -51.80 -15.04 -34.06
C LEU D 456 -50.48 -14.53 -33.60
N GLY D 457 -50.38 -13.21 -33.45
CA GLY D 457 -49.16 -12.55 -32.99
C GLY D 457 -49.50 -11.80 -31.73
N ALA D 458 -48.74 -12.07 -30.67
CA ALA D 458 -48.95 -11.44 -29.41
C ALA D 458 -47.67 -10.75 -28.94
N VAL D 459 -47.86 -9.59 -28.32
CA VAL D 459 -46.75 -8.96 -27.66
C VAL D 459 -46.41 -9.68 -26.37
N GLY D 460 -47.42 -10.04 -25.60
CA GLY D 460 -47.27 -10.75 -24.31
C GLY D 460 -47.98 -12.10 -24.48
N VAL D 461 -47.35 -13.16 -23.95
CA VAL D 461 -47.94 -14.50 -24.14
C VAL D 461 -49.33 -14.65 -23.48
N LEU D 462 -49.67 -13.81 -22.50
CA LEU D 462 -51.02 -13.86 -21.83
C LEU D 462 -52.17 -13.68 -22.82
N GLN D 463 -51.88 -12.92 -23.85
CA GLN D 463 -52.83 -12.67 -24.89
C GLN D 463 -53.33 -13.96 -25.48
N PHE D 464 -52.47 -14.97 -25.59
CA PHE D 464 -53.00 -16.20 -26.20
C PHE D 464 -54.06 -16.88 -25.33
N ASP D 465 -53.85 -16.85 -24.01
CA ASP D 465 -54.83 -17.42 -23.09
C ASP D 465 -56.16 -16.67 -23.12
N VAL D 466 -56.08 -15.34 -23.16
CA VAL D 466 -57.28 -14.52 -23.20
C VAL D 466 -58.04 -14.89 -24.49
N ILE D 467 -57.32 -15.01 -25.62
CA ILE D 467 -57.97 -15.39 -26.89
C ILE D 467 -58.74 -16.74 -26.82
N VAL D 468 -58.09 -17.77 -26.30
CA VAL D 468 -58.75 -19.08 -26.19
C VAL D 468 -60.01 -18.92 -25.32
N ALA D 469 -59.87 -18.25 -24.17
CA ALA D 469 -61.01 -18.01 -23.27
C ALA D 469 -62.20 -17.34 -23.95
N ARG D 470 -61.95 -16.22 -24.60
CA ARG D 470 -62.99 -15.44 -25.29
C ARG D 470 -63.57 -16.20 -26.47
N LEU D 471 -62.76 -17.00 -27.15
CA LEU D 471 -63.30 -17.78 -28.28
C LEU D 471 -64.34 -18.78 -27.76
N ALA D 472 -64.01 -19.40 -26.63
CA ALA D 472 -64.92 -20.39 -25.99
C ALA D 472 -66.21 -19.73 -25.49
N ASP D 473 -66.03 -18.69 -24.69
CA ASP D 473 -67.14 -18.03 -24.05
C ASP D 473 -68.05 -17.23 -24.99
N GLU D 474 -67.50 -16.51 -25.96
CA GLU D 474 -68.28 -15.60 -26.78
C GLU D 474 -68.64 -16.19 -28.17
N TYR D 475 -67.89 -17.21 -28.60
CA TYR D 475 -68.09 -17.77 -29.95
C TYR D 475 -68.40 -19.24 -29.96
N GLY D 476 -68.28 -19.87 -28.78
CA GLY D 476 -68.53 -21.32 -28.66
C GLY D 476 -67.48 -22.16 -29.36
N VAL D 477 -66.27 -21.60 -29.49
CA VAL D 477 -65.22 -22.19 -30.28
C VAL D 477 -64.17 -22.69 -29.34
N ASP D 478 -63.84 -23.96 -29.45
CA ASP D 478 -62.69 -24.36 -28.69
C ASP D 478 -61.47 -24.56 -29.58
N ALA D 479 -60.42 -23.81 -29.27
CA ALA D 479 -59.29 -23.67 -30.18
C ALA D 479 -58.07 -24.01 -29.40
N VAL D 480 -57.08 -24.58 -30.09
CA VAL D 480 -55.80 -24.89 -29.42
C VAL D 480 -54.76 -24.30 -30.33
N TYR D 481 -53.55 -24.26 -29.82
CA TYR D 481 -52.47 -23.65 -30.59
C TYR D 481 -51.46 -24.68 -30.98
N GLU D 482 -50.75 -24.35 -32.05
CA GLU D 482 -49.62 -25.18 -32.57
C GLU D 482 -48.47 -24.23 -32.70
N GLY D 483 -47.26 -24.73 -32.46
CA GLY D 483 -46.09 -23.82 -32.54
C GLY D 483 -45.76 -23.53 -33.98
N VAL D 484 -45.10 -22.40 -34.24
CA VAL D 484 -44.69 -21.97 -35.58
C VAL D 484 -43.24 -21.47 -35.50
N SER D 485 -42.59 -21.38 -36.64
CA SER D 485 -41.19 -20.93 -36.68
C SER D 485 -41.08 -19.45 -36.39
N THR D 486 -42.14 -18.69 -36.61
CA THR D 486 -42.08 -17.24 -36.62
C THR D 486 -41.82 -16.62 -35.27
N HIS D 487 -40.84 -15.69 -35.21
CA HIS D 487 -40.60 -14.93 -34.02
C HIS D 487 -40.59 -13.43 -34.28
N THR D 488 -40.73 -13.06 -35.55
CA THR D 488 -40.45 -11.69 -35.94
C THR D 488 -41.42 -11.32 -37.02
N ALA D 489 -42.03 -10.12 -36.91
CA ALA D 489 -42.85 -9.63 -37.99
C ALA D 489 -42.48 -8.17 -38.35
N ARG D 490 -42.53 -7.88 -39.64
CA ARG D 490 -42.26 -6.51 -40.11
C ARG D 490 -43.28 -6.14 -41.16
N TRP D 491 -43.79 -4.93 -41.08
CA TRP D 491 -44.72 -4.50 -42.15
C TRP D 491 -43.92 -3.93 -43.31
N VAL D 492 -44.32 -4.28 -44.56
CA VAL D 492 -43.48 -3.99 -45.71
C VAL D 492 -44.10 -2.96 -46.60
N TYR D 493 -43.24 -2.12 -47.14
CA TYR D 493 -43.66 -1.00 -48.02
C TYR D 493 -42.62 -0.72 -49.08
N CYS D 494 -43.08 -0.24 -50.24
CA CYS D 494 -42.12 0.08 -51.31
C CYS D 494 -42.75 1.00 -52.34
N GLU D 495 -42.07 2.12 -52.61
CA GLU D 495 -42.57 3.10 -53.53
C GLU D 495 -42.52 2.65 -55.01
N ASP D 496 -41.63 1.71 -55.36
CA ASP D 496 -41.50 1.20 -56.75
C ASP D 496 -42.43 -0.01 -56.88
N LYS D 497 -43.45 0.10 -57.72
CA LYS D 497 -44.55 -0.89 -57.69
C LYS D 497 -44.14 -2.26 -58.18
N LYS D 498 -43.30 -2.27 -59.21
CA LYS D 498 -42.76 -3.51 -59.74
C LYS D 498 -41.81 -4.25 -58.76
N ILE D 499 -40.96 -3.51 -58.06
CA ILE D 499 -39.88 -4.20 -57.30
C ILE D 499 -40.66 -4.92 -56.22
N PHE D 500 -41.70 -4.23 -55.76
CA PHE D 500 -42.61 -4.70 -54.74
C PHE D 500 -43.40 -5.92 -55.23
N ALA D 501 -43.73 -5.97 -56.53
CA ALA D 501 -44.41 -7.15 -57.07
C ALA D 501 -43.44 -8.35 -57.18
N ASP D 502 -42.18 -8.06 -57.50
CA ASP D 502 -41.13 -9.06 -57.54
C ASP D 502 -40.84 -9.65 -56.17
N PHE D 503 -40.73 -8.76 -55.18
CA PHE D 503 -40.59 -9.14 -53.78
C PHE D 503 -41.73 -10.03 -53.29
N GLN D 504 -42.96 -9.68 -53.61
CA GLN D 504 -44.13 -10.42 -53.17
C GLN D 504 -44.23 -11.79 -53.82
N ASP D 505 -43.70 -11.88 -55.05
CA ASP D 505 -43.58 -13.15 -55.81
C ASP D 505 -42.50 -14.03 -55.20
N TYR D 506 -41.32 -13.46 -54.97
CA TYR D 506 -40.19 -14.20 -54.44
C TYR D 506 -40.34 -14.69 -53.00
N HIS D 507 -40.78 -13.80 -52.08
CA HIS D 507 -40.97 -14.12 -50.69
C HIS D 507 -42.44 -14.42 -50.40
N ARG D 508 -43.16 -14.95 -51.38
CA ARG D 508 -44.56 -15.23 -51.19
C ARG D 508 -44.71 -16.11 -49.96
N GLY D 509 -43.72 -16.98 -49.72
CA GLY D 509 -43.83 -18.00 -48.63
C GLY D 509 -43.62 -17.46 -47.23
N GLU D 510 -43.21 -16.19 -47.12
CA GLU D 510 -42.86 -15.56 -45.85
C GLU D 510 -43.78 -14.38 -45.55
N LEU D 511 -44.65 -14.10 -46.50
CA LEU D 511 -45.53 -12.98 -46.37
C LEU D 511 -46.95 -13.37 -45.88
N ALA D 512 -47.61 -12.41 -45.27
CA ALA D 512 -48.94 -12.58 -44.74
C ALA D 512 -49.68 -11.26 -44.73
N VAL D 513 -51.02 -11.34 -44.74
CA VAL D 513 -51.83 -10.15 -44.63
C VAL D 513 -52.44 -10.09 -43.27
N ASP D 514 -52.31 -8.94 -42.62
CA ASP D 514 -52.87 -8.91 -41.28
C ASP D 514 -54.33 -8.48 -41.28
N ALA D 515 -54.89 -8.33 -40.10
CA ALA D 515 -56.34 -8.15 -40.00
C ALA D 515 -56.79 -6.82 -40.57
N GLU D 516 -55.87 -5.86 -40.67
CA GLU D 516 -56.13 -4.54 -41.26
C GLU D 516 -55.85 -4.55 -42.75
N GLY D 517 -55.51 -5.70 -43.30
CA GLY D 517 -55.24 -5.73 -44.75
C GLY D 517 -53.79 -5.34 -45.09
N ALA D 518 -52.92 -5.19 -44.07
CA ALA D 518 -51.55 -4.76 -44.36
C ALA D 518 -50.60 -5.95 -44.56
N LEU D 519 -49.68 -5.79 -45.47
CA LEU D 519 -48.73 -6.86 -45.84
C LEU D 519 -47.58 -6.89 -44.84
N ALA D 520 -47.29 -8.08 -44.33
CA ALA D 520 -46.20 -8.25 -43.36
C ALA D 520 -45.29 -9.44 -43.72
N TYR D 521 -44.01 -9.28 -43.49
CA TYR D 521 -43.01 -10.35 -43.61
C TYR D 521 -42.86 -11.00 -42.24
N LEU D 522 -43.06 -12.32 -42.20
CA LEU D 522 -42.93 -13.10 -41.03
C LEU D 522 -41.61 -13.86 -41.12
N ALA D 523 -40.75 -13.69 -40.11
CA ALA D 523 -39.46 -14.38 -40.19
C ALA D 523 -39.22 -15.20 -38.93
N PRO D 524 -38.46 -16.27 -39.05
CA PRO D 524 -38.14 -17.04 -37.85
C PRO D 524 -37.45 -16.25 -36.74
N ASN D 525 -36.70 -15.20 -37.07
CA ASN D 525 -36.00 -14.42 -36.05
C ASN D 525 -35.41 -13.18 -36.76
N PRO D 526 -34.91 -12.19 -35.99
CA PRO D 526 -34.44 -10.97 -36.61
C PRO D 526 -33.20 -11.15 -37.46
N TRP D 527 -32.45 -12.24 -37.27
CA TRP D 527 -31.24 -12.45 -38.09
C TRP D 527 -31.64 -12.97 -39.49
N ARG D 528 -32.61 -13.90 -39.52
CA ARG D 528 -33.16 -14.37 -40.79
C ARG D 528 -33.80 -13.21 -41.54
N LEU D 529 -34.43 -12.31 -40.79
CA LEU D 529 -35.04 -11.11 -41.36
C LEU D 529 -34.02 -10.31 -42.18
N GLU D 530 -32.94 -9.95 -41.49
CA GLU D 530 -31.83 -9.11 -41.97
C GLU D 530 -31.39 -9.58 -43.34
N SER D 531 -31.35 -10.88 -43.52
CA SER D 531 -30.92 -11.51 -44.75
C SER D 531 -31.88 -11.26 -45.91
N ALA D 532 -33.19 -11.21 -45.66
CA ALA D 532 -34.16 -10.85 -46.74
C ALA D 532 -34.13 -9.36 -47.12
N MET D 533 -33.80 -8.54 -46.15
CA MET D 533 -33.77 -7.11 -46.33
C MET D 533 -32.61 -6.71 -47.25
N GLU D 534 -31.52 -7.47 -47.15
CA GLU D 534 -30.29 -7.25 -47.94
C GLU D 534 -30.52 -7.51 -49.41
N ARG D 535 -31.49 -8.36 -49.73
CA ARG D 535 -31.71 -8.72 -51.09
C ARG D 535 -32.74 -7.80 -51.79
N TYR D 536 -33.44 -6.97 -50.99
CA TYR D 536 -34.40 -5.97 -51.49
C TYR D 536 -34.26 -4.63 -50.73
N PRO D 537 -33.09 -3.94 -50.87
CA PRO D 537 -32.65 -2.69 -50.13
C PRO D 537 -33.45 -1.39 -50.38
N LYS D 538 -34.17 -1.37 -51.56
CA LYS D 538 -35.39 -0.48 -51.71
C LYS D 538 -36.75 -0.81 -50.91
N VAL D 539 -36.93 -2.02 -50.40
CA VAL D 539 -38.19 -2.36 -49.66
C VAL D 539 -38.05 -1.99 -48.16
N GLU D 540 -39.04 -1.29 -47.57
CA GLU D 540 -38.96 -0.89 -46.14
C GLU D 540 -39.59 -1.93 -45.21
N PHE D 541 -38.97 -2.26 -44.10
CA PHE D 541 -39.49 -3.23 -43.14
C PHE D 541 -39.67 -2.49 -41.82
N ARG D 542 -40.92 -2.28 -41.42
CA ARG D 542 -41.19 -1.39 -40.31
C ARG D 542 -41.66 -2.19 -39.12
N THR D 543 -41.36 -1.73 -37.89
CA THR D 543 -41.81 -2.46 -36.71
C THR D 543 -43.16 -2.02 -36.20
N THR D 544 -43.78 -1.04 -36.85
CA THR D 544 -45.15 -0.68 -36.49
C THR D 544 -45.98 -0.42 -37.74
N ARG D 545 -47.29 -0.45 -37.57
CA ARG D 545 -48.16 0.19 -38.57
C ARG D 545 -49.39 0.88 -37.96
N GLU D 546 -49.74 2.02 -38.56
CA GLU D 546 -50.91 2.83 -38.19
C GLU D 546 -52.21 2.01 -38.24
N ILE D 547 -53.10 2.22 -37.26
CA ILE D 547 -54.41 1.48 -37.24
C ILE D 547 -55.48 2.38 -37.85
PB GDP E . 29.32 26.90 19.35
O1B GDP E . 30.59 26.15 19.02
O2B GDP E . 28.45 26.04 20.20
O3B GDP E . 29.52 28.29 19.94
O3A GDP E . 28.42 27.00 17.98
PA GDP E . 28.13 28.29 17.06
O1A GDP E . 29.43 28.98 16.67
O2A GDP E . 27.14 29.30 17.55
O5' GDP E . 27.41 27.59 15.80
C5' GDP E . 28.04 26.41 15.29
C4' GDP E . 27.60 26.29 13.81
O4' GDP E . 26.21 25.99 13.78
C3' GDP E . 27.74 27.58 12.99
O3' GDP E . 27.94 27.19 11.63
C2' GDP E . 26.39 28.23 13.17
O2' GDP E . 25.88 29.15 12.19
C1' GDP E . 25.49 27.02 13.15
N9 GDP E . 24.20 27.28 13.86
C8 GDP E . 24.07 27.78 15.12
N7 GDP E . 22.76 27.85 15.41
C5 GDP E . 22.06 27.37 14.36
C6 GDP E . 20.65 27.15 14.01
O6 GDP E . 19.74 27.48 14.81
N1 GDP E . 20.33 26.57 12.80
C2 GDP E . 21.31 26.29 11.91
N2 GDP E . 20.97 25.76 10.71
N3 GDP E . 22.59 26.48 12.16
C4 GDP E . 23.02 26.99 13.35
PB GDP F . 31.68 0.36 6.52
O1B GDP F . 30.45 1.23 6.62
O2B GDP F . 32.13 0.21 7.96
O3B GDP F . 31.48 -0.90 5.75
O3A GDP F . 32.88 1.20 5.89
PA GDP F . 33.54 1.15 4.43
O1A GDP F . 32.51 1.22 3.30
O2A GDP F . 34.44 -0.02 4.10
O5' GDP F . 34.38 2.51 4.53
C5' GDP F . 33.82 3.75 4.95
C4' GDP F . 34.50 4.89 4.17
O4' GDP F . 35.83 4.99 4.72
C3' GDP F . 34.67 4.55 2.70
O3' GDP F . 34.59 5.70 1.86
C2' GDP F . 36.07 3.94 2.64
O2' GDP F . 36.68 4.00 1.36
C1' GDP F . 36.79 4.70 3.71
N9 GDP F . 37.89 3.88 4.27
C8 GDP F . 37.84 2.57 4.68
N7 GDP F . 39.06 2.16 5.12
C5 GDP F . 39.90 3.23 5.01
C6 GDP F . 41.32 3.54 5.32
O6 GDP F . 42.06 2.65 5.80
N1 GDP F . 41.78 4.80 5.04
C2 GDP F . 40.99 5.77 4.52
N2 GDP F . 41.51 7.00 4.26
N3 GDP F . 39.67 5.58 4.22
C4 GDP F . 39.11 4.35 4.44
PB GDP G . -19.35 -23.45 -15.83
O1B GDP G . -19.28 -22.08 -15.14
O2B GDP G . -19.92 -23.02 -17.19
O3B GDP G . -18.10 -24.19 -15.74
O3A GDP G . -20.60 -24.32 -15.24
PA GDP G . -20.39 -25.58 -14.26
O1A GDP G . -19.45 -25.36 -13.14
O2A GDP G . -20.10 -26.90 -14.90
O5' GDP G . -21.94 -25.66 -13.83
C5' GDP G . -22.59 -24.55 -13.15
C4' GDP G . -23.70 -25.08 -12.23
O4' GDP G . -24.68 -25.72 -13.05
C3' GDP G . -23.15 -26.14 -11.28
O3' GDP G . -23.95 -26.08 -10.10
C2' GDP G . -23.44 -27.43 -12.02
O2' GDP G . -23.50 -28.59 -11.21
C1' GDP G . -24.75 -27.11 -12.65
N9 GDP G . -25.03 -27.88 -13.88
C8 GDP G . -24.16 -28.11 -14.92
N7 GDP G . -24.78 -28.87 -15.87
C5 GDP G . -26.05 -29.12 -15.45
C6 GDP G . -27.25 -29.86 -15.94
O6 GDP G . -27.25 -30.47 -17.05
N1 GDP G . -28.36 -29.86 -15.16
C2 GDP G . -28.43 -29.26 -13.95
N2 GDP G . -29.61 -29.38 -13.29
N3 GDP G . -27.37 -28.57 -13.41
C4 GDP G . -26.20 -28.47 -14.11
PB GDP H . -41.55 -4.24 -9.86
O1B GDP H . -40.55 -3.56 -10.70
O2B GDP H . -41.63 -5.63 -10.45
O3B GDP H . -42.84 -3.55 -9.63
O3A GDP H . -40.67 -4.31 -8.49
PA GDP H . -41.16 -4.13 -6.99
O1A GDP H . -42.31 -5.06 -6.75
O2A GDP H . -41.33 -2.67 -6.55
O5' GDP H . -39.81 -4.60 -6.30
C5' GDP H . -39.17 -5.84 -6.65
C4' GDP H . -38.34 -6.33 -5.44
O4' GDP H . -37.24 -5.46 -5.24
C3' GDP H . -39.21 -6.28 -4.19
O3' GDP H . -38.77 -7.36 -3.35
C2' GDP H . -38.80 -4.99 -3.55
O2' GDP H . -38.86 -4.98 -2.13
C1' GDP H . -37.34 -4.86 -3.96
N9 GDP H . -36.91 -3.44 -3.99
C8 GDP H . -37.59 -2.41 -4.59
N7 GDP H . -36.92 -1.26 -4.37
C5 GDP H . -35.82 -1.59 -3.66
C6 GDP H . -34.71 -0.86 -3.07
O6 GDP H . -34.61 0.38 -3.24
N1 GDP H . -33.75 -1.55 -2.41
C2 GDP H . -33.82 -2.91 -2.19
N2 GDP H . -32.82 -3.49 -1.46
N3 GDP H . -34.83 -3.66 -2.64
C4 GDP H . -35.84 -3.03 -3.38
#